data_1AYB
# 
_entry.id   1AYB 
# 
_audit_conform.dict_name       mmcif_pdbx.dic 
_audit_conform.dict_version    5.397 
_audit_conform.dict_location   http://mmcif.pdb.org/dictionaries/ascii/mmcif_pdbx.dic 
# 
loop_
_database_2.database_id 
_database_2.database_code 
_database_2.pdbx_database_accession 
_database_2.pdbx_DOI 
PDB   1AYB         pdb_00001ayb 10.2210/pdb1ayb/pdb 
WWPDB D_1000171404 ?            ?                   
# 
loop_
_pdbx_audit_revision_history.ordinal 
_pdbx_audit_revision_history.data_content_type 
_pdbx_audit_revision_history.major_revision 
_pdbx_audit_revision_history.minor_revision 
_pdbx_audit_revision_history.revision_date 
1 'Structure model' 1 0 1994-08-31 
2 'Structure model' 1 1 2008-03-24 
3 'Structure model' 1 2 2011-07-13 
4 'Structure model' 1 3 2024-06-05 
5 'Structure model' 1 4 2024-10-30 
# 
_pdbx_audit_revision_details.ordinal             1 
_pdbx_audit_revision_details.revision_ordinal    1 
_pdbx_audit_revision_details.data_content_type   'Structure model' 
_pdbx_audit_revision_details.provider            repository 
_pdbx_audit_revision_details.type                'Initial release' 
_pdbx_audit_revision_details.description         ? 
_pdbx_audit_revision_details.details             ? 
# 
loop_
_pdbx_audit_revision_group.ordinal 
_pdbx_audit_revision_group.revision_ordinal 
_pdbx_audit_revision_group.data_content_type 
_pdbx_audit_revision_group.group 
1 2 'Structure model' 'Version format compliance' 
2 3 'Structure model' 'Version format compliance' 
3 4 'Structure model' 'Data collection'           
4 4 'Structure model' 'Database references'       
5 4 'Structure model' 'Derived calculations'      
6 4 'Structure model' Other                       
7 5 'Structure model' 'Structure summary'         
# 
loop_
_pdbx_audit_revision_category.ordinal 
_pdbx_audit_revision_category.revision_ordinal 
_pdbx_audit_revision_category.data_content_type 
_pdbx_audit_revision_category.category 
1 4 'Structure model' chem_comp_atom            
2 4 'Structure model' chem_comp_bond            
3 4 'Structure model' database_2                
4 4 'Structure model' pdbx_database_status      
5 4 'Structure model' struct_conn               
6 4 'Structure model' struct_sheet              
7 5 'Structure model' pdbx_entry_details        
8 5 'Structure model' pdbx_modification_feature 
# 
loop_
_pdbx_audit_revision_item.ordinal 
_pdbx_audit_revision_item.revision_ordinal 
_pdbx_audit_revision_item.data_content_type 
_pdbx_audit_revision_item.item 
1 4 'Structure model' '_database_2.pdbx_DOI'                
2 4 'Structure model' '_database_2.pdbx_database_accession' 
3 4 'Structure model' '_pdbx_database_status.process_site'  
4 4 'Structure model' '_struct_conn.pdbx_leaving_atom_flag' 
5 4 'Structure model' '_struct_sheet.number_strands'        
# 
_pdbx_database_status.status_code                     REL 
_pdbx_database_status.entry_id                        1AYB 
_pdbx_database_status.recvd_initial_deposition_date   1994-05-15 
_pdbx_database_status.deposit_site                    ? 
_pdbx_database_status.process_site                    BNL 
_pdbx_database_status.status_code_sf                  REL 
_pdbx_database_status.status_code_mr                  ? 
_pdbx_database_status.SG_entry                        ? 
_pdbx_database_status.pdb_format_compatible           Y 
_pdbx_database_status.status_code_cs                  ? 
_pdbx_database_status.status_code_nmr_data            ? 
_pdbx_database_status.methods_development_category    ? 
# 
loop_
_audit_author.name 
_audit_author.pdbx_ordinal 
'Lee, C.-H.'  1 
'Kuriyan, J.' 2 
# 
loop_
_citation.id 
_citation.title 
_citation.journal_abbrev 
_citation.journal_volume 
_citation.page_first 
_citation.page_last 
_citation.year 
_citation.journal_id_ASTM 
_citation.country 
_citation.journal_id_ISSN 
_citation.journal_id_CSD 
_citation.book_publisher 
_citation.pdbx_database_id_PubMed 
_citation.pdbx_database_id_DOI 
primary 'Crystal structures of peptide complexes of the amino-terminal SH2 domain of the Syp tyrosine phosphatase.' Structure 2   
423 438 1994 STRUE6 UK 0969-2126 2005 ? 7521735 '10.1016/S0969-2126(00)00044-7' 
1       
'Binding of a High Affinity Phosphotyrosyl Peptide to the Src Sh2 Domain: Crystal Structures of the Complexed and Peptide-Free Forms' 
'Cell(Cambridge,Mass.)' 72  779 ?   1993 CELLB5 US 0092-8674 0998 ? ?       ?                               
2       'Structures of Sh2 and SH3 Domains' Curr.Opin.Struct.Biol.  3   828 ?   1993 COSBEF UK 0959-440X 0801 ? ?       ? 
3       'Crystal Structure of the Phosphotyrosine Recognition Domain Sh2 of V-Src Complexed with Tyrosine-Phosphorylated Peptides' 
Nature                  358 646 ?   1992 NATUAS UK 0028-0836 0006 ? ?       ?                               
# 
loop_
_citation_author.citation_id 
_citation_author.name 
_citation_author.ordinal 
_citation_author.identifier_ORCID 
primary 'Lee, C.H.'        1  ? 
primary 'Kominos, D.'      2  ? 
primary 'Jacques, S.'      3  ? 
primary 'Margolis, B.'     4  ? 
primary 'Schlessinger, J.' 5  ? 
primary 'Shoelson, S.E.'   6  ? 
primary 'Kuriyan, J.'      7  ? 
1       'Waksman, G.'      8  ? 
1       'Shoelson, S.E.'   9  ? 
1       'Pant, N.'         10 ? 
1       'Cowburn, D.'      11 ? 
1       'Kuriyan, J.'      12 ? 
2       'Kuriyan, J.'      13 ? 
2       'Cowburn, D.'      14 ? 
3       'Waksman, G.'      15 ? 
3       'Kominos, D.'      16 ? 
3       'Robertson, S.R.'  17 ? 
3       'Pant, N.'         18 ? 
3       'Baltimore, D.'    19 ? 
3       'Birge, R.B.'      20 ? 
3       'Cowburn, D.'      21 ? 
3       'Hanafusa, H.'     22 ? 
3       'Mayer, B.J.'      23 ? 
3       'Overduin, M.'     24 ? 
3       'Resh, M.D.'       25 ? 
3       'Rios, C.B.'       26 ? 
3       'Silverman, L.'    27 ? 
3       'Kuriyan, J.'      28 ? 
# 
loop_
_entity.id 
_entity.type 
_entity.src_method 
_entity.pdbx_description 
_entity.formula_weight 
_entity.pdbx_number_of_molecules 
_entity.pdbx_ec 
_entity.pdbx_mutation 
_entity.pdbx_fragment 
_entity.details 
1 polymer man 'PROTEIN-TYROSINE PHOSPHATASE SYP (N-TERMINAL SH2 DOMAIN)' 11528.979 1 3.1.3.48 ? ? ? 
2 polymer man 'PEPTIDE IRS-1-895'                                        1378.335  1 ?        ? ? ? 
# 
loop_
_entity_poly.entity_id 
_entity_poly.type 
_entity_poly.nstd_linkage 
_entity_poly.nstd_monomer 
_entity_poly.pdbx_seq_one_letter_code 
_entity_poly.pdbx_seq_one_letter_code_can 
_entity_poly.pdbx_strand_id 
_entity_poly.pdbx_target_identifier 
1 'polypeptide(L)' no no  
;MRRWFHPNITGVEAENLLLTRGVDGSFLARPSKSNPGDFTLSVRRNGAVTHIKIQNTGDYYDLYGGEKFATLAELVQYYM
EHHGQLKEKNGDVIELKYPLN
;
;MRRWFHPNITGVEAENLLLTRGVDGSFLARPSKSNPGDFTLSVRRNGAVTHIKIQNTGDYYDLYGGEKFATLAELVQYYM
EHHGQLKEKNGDVIELKYPLN
;
A ? 
2 'polypeptide(L)' no yes 'SPGE(PTR)VNIEFGS'                                                                                       
SPGEYVNIEFGS                                                                                             P ? 
# 
loop_
_entity_poly_seq.entity_id 
_entity_poly_seq.num 
_entity_poly_seq.mon_id 
_entity_poly_seq.hetero 
1 1   MET n 
1 2   ARG n 
1 3   ARG n 
1 4   TRP n 
1 5   PHE n 
1 6   HIS n 
1 7   PRO n 
1 8   ASN n 
1 9   ILE n 
1 10  THR n 
1 11  GLY n 
1 12  VAL n 
1 13  GLU n 
1 14  ALA n 
1 15  GLU n 
1 16  ASN n 
1 17  LEU n 
1 18  LEU n 
1 19  LEU n 
1 20  THR n 
1 21  ARG n 
1 22  GLY n 
1 23  VAL n 
1 24  ASP n 
1 25  GLY n 
1 26  SER n 
1 27  PHE n 
1 28  LEU n 
1 29  ALA n 
1 30  ARG n 
1 31  PRO n 
1 32  SER n 
1 33  LYS n 
1 34  SER n 
1 35  ASN n 
1 36  PRO n 
1 37  GLY n 
1 38  ASP n 
1 39  PHE n 
1 40  THR n 
1 41  LEU n 
1 42  SER n 
1 43  VAL n 
1 44  ARG n 
1 45  ARG n 
1 46  ASN n 
1 47  GLY n 
1 48  ALA n 
1 49  VAL n 
1 50  THR n 
1 51  HIS n 
1 52  ILE n 
1 53  LYS n 
1 54  ILE n 
1 55  GLN n 
1 56  ASN n 
1 57  THR n 
1 58  GLY n 
1 59  ASP n 
1 60  TYR n 
1 61  TYR n 
1 62  ASP n 
1 63  LEU n 
1 64  TYR n 
1 65  GLY n 
1 66  GLY n 
1 67  GLU n 
1 68  LYS n 
1 69  PHE n 
1 70  ALA n 
1 71  THR n 
1 72  LEU n 
1 73  ALA n 
1 74  GLU n 
1 75  LEU n 
1 76  VAL n 
1 77  GLN n 
1 78  TYR n 
1 79  TYR n 
1 80  MET n 
1 81  GLU n 
1 82  HIS n 
1 83  HIS n 
1 84  GLY n 
1 85  GLN n 
1 86  LEU n 
1 87  LYS n 
1 88  GLU n 
1 89  LYS n 
1 90  ASN n 
1 91  GLY n 
1 92  ASP n 
1 93  VAL n 
1 94  ILE n 
1 95  GLU n 
1 96  LEU n 
1 97  LYS n 
1 98  TYR n 
1 99  PRO n 
1 100 LEU n 
1 101 ASN n 
2 1   SER n 
2 2   PRO n 
2 3   GLY n 
2 4   GLU n 
2 5   PTR n 
2 6   VAL n 
2 7   ASN n 
2 8   ILE n 
2 9   GLU n 
2 10  PHE n 
2 11  GLY n 
2 12  SER n 
# 
loop_
_entity_src_gen.entity_id 
_entity_src_gen.pdbx_src_id 
_entity_src_gen.pdbx_alt_source_flag 
_entity_src_gen.pdbx_seq_type 
_entity_src_gen.pdbx_beg_seq_num 
_entity_src_gen.pdbx_end_seq_num 
_entity_src_gen.gene_src_common_name 
_entity_src_gen.gene_src_genus 
_entity_src_gen.pdbx_gene_src_gene 
_entity_src_gen.gene_src_species 
_entity_src_gen.gene_src_strain 
_entity_src_gen.gene_src_tissue 
_entity_src_gen.gene_src_tissue_fraction 
_entity_src_gen.gene_src_details 
_entity_src_gen.pdbx_gene_src_fragment 
_entity_src_gen.pdbx_gene_src_scientific_name 
_entity_src_gen.pdbx_gene_src_ncbi_taxonomy_id 
_entity_src_gen.pdbx_gene_src_variant 
_entity_src_gen.pdbx_gene_src_cell_line 
_entity_src_gen.pdbx_gene_src_atcc 
_entity_src_gen.pdbx_gene_src_organ 
_entity_src_gen.pdbx_gene_src_organelle 
_entity_src_gen.pdbx_gene_src_cell 
_entity_src_gen.pdbx_gene_src_cellular_location 
_entity_src_gen.host_org_common_name 
_entity_src_gen.pdbx_host_org_scientific_name 
_entity_src_gen.pdbx_host_org_ncbi_taxonomy_id 
_entity_src_gen.host_org_genus 
_entity_src_gen.pdbx_host_org_gene 
_entity_src_gen.pdbx_host_org_organ 
_entity_src_gen.host_org_species 
_entity_src_gen.pdbx_host_org_tissue 
_entity_src_gen.pdbx_host_org_tissue_fraction 
_entity_src_gen.pdbx_host_org_strain 
_entity_src_gen.pdbx_host_org_variant 
_entity_src_gen.pdbx_host_org_cell_line 
_entity_src_gen.pdbx_host_org_atcc 
_entity_src_gen.pdbx_host_org_culture_collection 
_entity_src_gen.pdbx_host_org_cell 
_entity_src_gen.pdbx_host_org_organelle 
_entity_src_gen.pdbx_host_org_cellular_location 
_entity_src_gen.pdbx_host_org_vector_type 
_entity_src_gen.pdbx_host_org_vector 
_entity_src_gen.host_org_details 
_entity_src_gen.expression_system_id 
_entity_src_gen.plasmid_name 
_entity_src_gen.plasmid_details 
_entity_src_gen.pdbx_description 
1 1 sample ? ? ? 'house mouse' Mus ? ? ? ? ? ? ? 'Mus musculus' 10090 ? ? ? ? ? ? ? ? ? ? ? ? ? ? ? ? ? ? ? ? ? ? ? ? ? ? ? ? ? ? 
? 
2 1 sample ? ? ? 'house mouse' Mus ? ? ? ? ? ? ? 'Mus musculus' 10090 ? ? ? ? ? ? ? ? ? ? ? ? ? ? ? ? ? ? ? ? ? ? ? ? ? ? ? ? ? ? 
? 
# 
loop_
_chem_comp.id 
_chem_comp.type 
_chem_comp.mon_nstd_flag 
_chem_comp.name 
_chem_comp.pdbx_synonyms 
_chem_comp.formula 
_chem_comp.formula_weight 
ALA 'L-peptide linking' y ALANINE           ?                 'C3 H7 N O2'     89.093  
ARG 'L-peptide linking' y ARGININE          ?                 'C6 H15 N4 O2 1' 175.209 
ASN 'L-peptide linking' y ASPARAGINE        ?                 'C4 H8 N2 O3'    132.118 
ASP 'L-peptide linking' y 'ASPARTIC ACID'   ?                 'C4 H7 N O4'     133.103 
GLN 'L-peptide linking' y GLUTAMINE         ?                 'C5 H10 N2 O3'   146.144 
GLU 'L-peptide linking' y 'GLUTAMIC ACID'   ?                 'C5 H9 N O4'     147.129 
GLY 'peptide linking'   y GLYCINE           ?                 'C2 H5 N O2'     75.067  
HIS 'L-peptide linking' y HISTIDINE         ?                 'C6 H10 N3 O2 1' 156.162 
ILE 'L-peptide linking' y ISOLEUCINE        ?                 'C6 H13 N O2'    131.173 
LEU 'L-peptide linking' y LEUCINE           ?                 'C6 H13 N O2'    131.173 
LYS 'L-peptide linking' y LYSINE            ?                 'C6 H15 N2 O2 1' 147.195 
MET 'L-peptide linking' y METHIONINE        ?                 'C5 H11 N O2 S'  149.211 
PHE 'L-peptide linking' y PHENYLALANINE     ?                 'C9 H11 N O2'    165.189 
PRO 'L-peptide linking' y PROLINE           ?                 'C5 H9 N O2'     115.130 
PTR 'L-peptide linking' n O-PHOSPHOTYROSINE PHOSPHONOTYROSINE 'C9 H12 N O6 P'  261.168 
SER 'L-peptide linking' y SERINE            ?                 'C3 H7 N O3'     105.093 
THR 'L-peptide linking' y THREONINE         ?                 'C4 H9 N O3'     119.119 
TRP 'L-peptide linking' y TRYPTOPHAN        ?                 'C11 H12 N2 O2'  204.225 
TYR 'L-peptide linking' y TYROSINE          ?                 'C9 H11 N O3'    181.189 
VAL 'L-peptide linking' y VALINE            ?                 'C5 H11 N O2'    117.146 
# 
loop_
_pdbx_poly_seq_scheme.asym_id 
_pdbx_poly_seq_scheme.entity_id 
_pdbx_poly_seq_scheme.seq_id 
_pdbx_poly_seq_scheme.mon_id 
_pdbx_poly_seq_scheme.ndb_seq_num 
_pdbx_poly_seq_scheme.pdb_seq_num 
_pdbx_poly_seq_scheme.auth_seq_num 
_pdbx_poly_seq_scheme.pdb_mon_id 
_pdbx_poly_seq_scheme.auth_mon_id 
_pdbx_poly_seq_scheme.pdb_strand_id 
_pdbx_poly_seq_scheme.pdb_ins_code 
_pdbx_poly_seq_scheme.hetero 
A 1 1   MET 1   3   ?   ?   ?   A . n 
A 1 2   ARG 2   4   4   ARG ARG A . n 
A 1 3   ARG 3   5   5   ARG ARG A . n 
A 1 4   TRP 4   6   6   TRP TRP A . n 
A 1 5   PHE 5   7   7   PHE PHE A . n 
A 1 6   HIS 6   8   8   HIS HIS A . n 
A 1 7   PRO 7   9   9   PRO PRO A . n 
A 1 8   ASN 8   10  10  ASN ASN A . n 
A 1 9   ILE 9   11  11  ILE ILE A . n 
A 1 10  THR 10  12  12  THR THR A . n 
A 1 11  GLY 11  13  13  GLY GLY A . n 
A 1 12  VAL 12  14  14  VAL VAL A . n 
A 1 13  GLU 13  15  15  GLU GLU A . n 
A 1 14  ALA 14  16  16  ALA ALA A . n 
A 1 15  GLU 15  17  17  GLU GLU A . n 
A 1 16  ASN 16  18  18  ASN ASN A . n 
A 1 17  LEU 17  19  19  LEU LEU A . n 
A 1 18  LEU 18  20  20  LEU LEU A . n 
A 1 19  LEU 19  21  21  LEU LEU A . n 
A 1 20  THR 20  22  22  THR THR A . n 
A 1 21  ARG 21  23  23  ARG ARG A . n 
A 1 22  GLY 22  24  24  GLY GLY A . n 
A 1 23  VAL 23  25  25  VAL VAL A . n 
A 1 24  ASP 24  26  26  ASP ASP A . n 
A 1 25  GLY 25  27  27  GLY GLY A . n 
A 1 26  SER 26  28  28  SER SER A . n 
A 1 27  PHE 27  29  29  PHE PHE A . n 
A 1 28  LEU 28  30  30  LEU LEU A . n 
A 1 29  ALA 29  31  31  ALA ALA A . n 
A 1 30  ARG 30  32  32  ARG ARG A . n 
A 1 31  PRO 31  33  33  PRO PRO A . n 
A 1 32  SER 32  34  34  SER SER A . n 
A 1 33  LYS 33  35  35  LYS LYS A . n 
A 1 34  SER 34  36  36  SER SER A . n 
A 1 35  ASN 35  37  37  ASN ASN A . n 
A 1 36  PRO 36  38  38  PRO PRO A . n 
A 1 37  GLY 37  39  39  GLY GLY A . n 
A 1 38  ASP 38  40  40  ASP ASP A . n 
A 1 39  PHE 39  41  41  PHE PHE A . n 
A 1 40  THR 40  42  42  THR THR A . n 
A 1 41  LEU 41  43  43  LEU LEU A . n 
A 1 42  SER 42  44  44  SER SER A . n 
A 1 43  VAL 43  45  45  VAL VAL A . n 
A 1 44  ARG 44  46  46  ARG ARG A . n 
A 1 45  ARG 45  47  47  ARG ARG A . n 
A 1 46  ASN 46  48  48  ASN ASN A . n 
A 1 47  GLY 47  49  49  GLY GLY A . n 
A 1 48  ALA 48  50  50  ALA ALA A . n 
A 1 49  VAL 49  51  51  VAL VAL A . n 
A 1 50  THR 50  52  52  THR THR A . n 
A 1 51  HIS 51  53  53  HIS HIS A . n 
A 1 52  ILE 52  54  54  ILE ILE A . n 
A 1 53  LYS 53  55  55  LYS LYS A . n 
A 1 54  ILE 54  56  56  ILE ILE A . n 
A 1 55  GLN 55  57  57  GLN GLN A . n 
A 1 56  ASN 56  58  58  ASN ASN A . n 
A 1 57  THR 57  59  59  THR THR A . n 
A 1 58  GLY 58  60  60  GLY GLY A . n 
A 1 59  ASP 59  61  61  ASP ASP A . n 
A 1 60  TYR 60  62  62  TYR TYR A . n 
A 1 61  TYR 61  63  63  TYR TYR A . n 
A 1 62  ASP 62  64  64  ASP ASP A . n 
A 1 63  LEU 63  65  65  LEU LEU A . n 
A 1 64  TYR 64  66  66  TYR TYR A . n 
A 1 65  GLY 65  67  67  GLY GLY A . n 
A 1 66  GLY 66  68  68  GLY GLY A . n 
A 1 67  GLU 67  69  69  GLU GLU A . n 
A 1 68  LYS 68  70  70  LYS LYS A . n 
A 1 69  PHE 69  71  71  PHE PHE A . n 
A 1 70  ALA 70  72  72  ALA ALA A . n 
A 1 71  THR 71  73  73  THR THR A . n 
A 1 72  LEU 72  74  74  LEU LEU A . n 
A 1 73  ALA 73  75  75  ALA ALA A . n 
A 1 74  GLU 74  76  76  GLU GLU A . n 
A 1 75  LEU 75  77  77  LEU LEU A . n 
A 1 76  VAL 76  78  78  VAL VAL A . n 
A 1 77  GLN 77  79  79  GLN GLN A . n 
A 1 78  TYR 78  80  80  TYR TYR A . n 
A 1 79  TYR 79  81  81  TYR TYR A . n 
A 1 80  MET 80  82  82  MET MET A . n 
A 1 81  GLU 81  83  83  GLU GLU A . n 
A 1 82  HIS 82  84  84  HIS HIS A . n 
A 1 83  HIS 83  85  85  HIS HIS A . n 
A 1 84  GLY 84  86  86  GLY GLY A . n 
A 1 85  GLN 85  87  87  GLN GLN A . n 
A 1 86  LEU 86  88  88  LEU LEU A . n 
A 1 87  LYS 87  89  89  LYS LYS A . n 
A 1 88  GLU 88  90  90  GLU GLU A . n 
A 1 89  LYS 89  91  91  LYS LYS A . n 
A 1 90  ASN 90  92  92  ASN ASN A . n 
A 1 91  GLY 91  93  93  GLY GLY A . n 
A 1 92  ASP 92  94  94  ASP ASP A . n 
A 1 93  VAL 93  95  95  VAL VAL A . n 
A 1 94  ILE 94  96  96  ILE ILE A . n 
A 1 95  GLU 95  97  97  GLU GLU A . n 
A 1 96  LEU 96  98  98  LEU LEU A . n 
A 1 97  LYS 97  99  99  LYS LYS A . n 
A 1 98  TYR 98  100 100 TYR TYR A . n 
A 1 99  PRO 99  101 101 PRO PRO A . n 
A 1 100 LEU 100 102 102 LEU LEU A . n 
A 1 101 ASN 101 103 103 ASN ASN A . n 
B 2 1   SER 1   -4  ?   ?   ?   P . n 
B 2 2   PRO 2   -3  ?   ?   ?   P . n 
B 2 3   GLY 3   -2  -2  GLY GLY P . n 
B 2 4   GLU 4   -1  -1  GLU GLU P . n 
B 2 5   PTR 5   0   0   PTR TYR P . n 
B 2 6   VAL 6   1   1   VAL VAL P . n 
B 2 7   ASN 7   2   2   ASN ASN P . n 
B 2 8   ILE 8   3   3   ILE ILE P . n 
B 2 9   GLU 9   4   4   GLU GLU P . n 
B 2 10  PHE 10  5   5   PHE PHE P . n 
B 2 11  GLY 11  6   ?   ?   ?   P . n 
B 2 12  SER 12  7   ?   ?   ?   P . n 
# 
loop_
_pdbx_unobs_or_zero_occ_atoms.id 
_pdbx_unobs_or_zero_occ_atoms.PDB_model_num 
_pdbx_unobs_or_zero_occ_atoms.polymer_flag 
_pdbx_unobs_or_zero_occ_atoms.occupancy_flag 
_pdbx_unobs_or_zero_occ_atoms.auth_asym_id 
_pdbx_unobs_or_zero_occ_atoms.auth_comp_id 
_pdbx_unobs_or_zero_occ_atoms.auth_seq_id 
_pdbx_unobs_or_zero_occ_atoms.PDB_ins_code 
_pdbx_unobs_or_zero_occ_atoms.auth_atom_id 
_pdbx_unobs_or_zero_occ_atoms.label_alt_id 
_pdbx_unobs_or_zero_occ_atoms.label_asym_id 
_pdbx_unobs_or_zero_occ_atoms.label_comp_id 
_pdbx_unobs_or_zero_occ_atoms.label_seq_id 
_pdbx_unobs_or_zero_occ_atoms.label_atom_id 
1  1 Y 1 A ARG 4  ? NE  ? A ARG 2  NE  
2  1 Y 1 A ARG 4  ? CZ  ? A ARG 2  CZ  
3  1 Y 1 A ARG 4  ? NH1 ? A ARG 2  NH1 
4  1 Y 1 A ARG 4  ? NH2 ? A ARG 2  NH2 
5  1 Y 1 A ARG 5  ? CG  ? A ARG 3  CG  
6  1 Y 1 A ARG 5  ? CD  ? A ARG 3  CD  
7  1 Y 1 A ARG 5  ? NE  ? A ARG 3  NE  
8  1 Y 1 A ARG 5  ? CZ  ? A ARG 3  CZ  
9  1 Y 1 A ARG 5  ? NH1 ? A ARG 3  NH1 
10 1 Y 1 A ARG 5  ? NH2 ? A ARG 3  NH2 
11 1 Y 1 A LYS 35 ? CG  ? A LYS 33 CG  
12 1 Y 1 A LYS 35 ? CD  ? A LYS 33 CD  
13 1 Y 1 A LYS 35 ? CE  ? A LYS 33 CE  
14 1 Y 1 A LYS 35 ? NZ  ? A LYS 33 NZ  
15 1 Y 1 A GLU 90 ? CG  ? A GLU 88 CG  
16 1 Y 1 A GLU 90 ? CD  ? A GLU 88 CD  
17 1 Y 1 A GLU 90 ? OE1 ? A GLU 88 OE1 
18 1 Y 1 A GLU 90 ? OE2 ? A GLU 88 OE2 
19 1 Y 1 A ASN 92 ? CG  ? A ASN 90 CG  
20 1 Y 1 A ASN 92 ? OD1 ? A ASN 90 OD1 
21 1 Y 1 A ASN 92 ? ND2 ? A ASN 90 ND2 
22 1 Y 1 A ASP 94 ? CG  ? A ASP 92 CG  
23 1 Y 1 A ASP 94 ? OD1 ? A ASP 92 OD1 
24 1 Y 1 A ASP 94 ? OD2 ? A ASP 92 OD2 
# 
loop_
_software.name 
_software.classification 
_software.version 
_software.citation_id 
_software.pdbx_ordinal 
X-PLOR 'model building' . ? 1 
X-PLOR refinement       . ? 2 
X-PLOR phasing          . ? 3 
# 
_cell.entry_id           1AYB 
_cell.length_a           62.900 
_cell.length_b           62.900 
_cell.length_c           77.800 
_cell.angle_alpha        90.00 
_cell.angle_beta         90.00 
_cell.angle_gamma        90.00 
_cell.Z_PDB              8 
_cell.pdbx_unique_axis   ? 
# 
_symmetry.entry_id                         1AYB 
_symmetry.space_group_name_H-M             'P 43 21 2' 
_symmetry.pdbx_full_space_group_name_H-M   ? 
_symmetry.cell_setting                     ? 
_symmetry.Int_Tables_number                96 
# 
_exptl.entry_id          1AYB 
_exptl.method            'X-RAY DIFFRACTION' 
_exptl.crystals_number   ? 
# 
_exptl_crystal.id                    1 
_exptl_crystal.density_meas          ? 
_exptl_crystal.density_Matthews      2.98 
_exptl_crystal.density_percent_sol   58.72 
_exptl_crystal.description           ? 
# 
_diffrn.id                     1 
_diffrn.ambient_temp           ? 
_diffrn.ambient_temp_details   ? 
_diffrn.crystal_id             1 
# 
_diffrn_radiation.diffrn_id                        1 
_diffrn_radiation.wavelength_id                    1 
_diffrn_radiation.pdbx_monochromatic_or_laue_m_l   ? 
_diffrn_radiation.monochromator                    ? 
_diffrn_radiation.pdbx_diffrn_protocol             ? 
_diffrn_radiation.pdbx_scattering_type             x-ray 
# 
_diffrn_radiation_wavelength.id           1 
_diffrn_radiation_wavelength.wavelength   . 
_diffrn_radiation_wavelength.wt           1.0 
# 
_refine.entry_id                                 1AYB 
_refine.ls_number_reflns_obs                     1858 
_refine.ls_number_reflns_all                     ? 
_refine.pdbx_ls_sigma_I                          ? 
_refine.pdbx_ls_sigma_F                          2. 
_refine.pdbx_data_cutoff_high_absF               ? 
_refine.pdbx_data_cutoff_low_absF                ? 
_refine.pdbx_data_cutoff_high_rms_absF           ? 
_refine.ls_d_res_low                             6.0 
_refine.ls_d_res_high                            3.0 
_refine.ls_percent_reflns_obs                    ? 
_refine.ls_R_factor_obs                          0.164 
_refine.ls_R_factor_all                          ? 
_refine.ls_R_factor_R_work                       0.164 
_refine.ls_R_factor_R_free                       ? 
_refine.ls_R_factor_R_free_error                 ? 
_refine.ls_R_factor_R_free_error_details         ? 
_refine.ls_percent_reflns_R_free                 ? 
_refine.ls_number_reflns_R_free                  ? 
_refine.ls_number_parameters                     ? 
_refine.ls_number_restraints                     ? 
_refine.occupancy_min                            ? 
_refine.occupancy_max                            ? 
_refine.B_iso_mean                               ? 
_refine.aniso_B[1][1]                            ? 
_refine.aniso_B[2][2]                            ? 
_refine.aniso_B[3][3]                            ? 
_refine.aniso_B[1][2]                            ? 
_refine.aniso_B[1][3]                            ? 
_refine.aniso_B[2][3]                            ? 
_refine.solvent_model_details                    ? 
_refine.solvent_model_param_ksol                 ? 
_refine.solvent_model_param_bsol                 ? 
_refine.pdbx_ls_cross_valid_method               ? 
_refine.details                                  ? 
_refine.pdbx_starting_model                      ? 
_refine.pdbx_method_to_determine_struct          ? 
_refine.pdbx_isotropic_thermal_model             ? 
_refine.pdbx_stereochemistry_target_values       ? 
_refine.pdbx_stereochem_target_val_spec_case     ? 
_refine.pdbx_R_Free_selection_details            ? 
_refine.pdbx_overall_ESU_R                       ? 
_refine.pdbx_overall_ESU_R_Free                  ? 
_refine.overall_SU_ML                            ? 
_refine.overall_SU_B                             ? 
_refine.pdbx_refine_id                           'X-RAY DIFFRACTION' 
_refine.pdbx_diffrn_id                           1 
_refine.pdbx_TLS_residual_ADP_flag               ? 
_refine.correlation_coeff_Fo_to_Fc               ? 
_refine.correlation_coeff_Fo_to_Fc_free          ? 
_refine.pdbx_solvent_vdw_probe_radii             ? 
_refine.pdbx_solvent_ion_probe_radii             ? 
_refine.pdbx_solvent_shrinkage_radii             ? 
_refine.pdbx_overall_phase_error                 ? 
_refine.overall_SU_R_Cruickshank_DPI             ? 
_refine.pdbx_overall_SU_R_free_Cruickshank_DPI   ? 
_refine.pdbx_overall_SU_R_Blow_DPI               ? 
_refine.pdbx_overall_SU_R_free_Blow_DPI          ? 
# 
_refine_hist.pdbx_refine_id                   'X-RAY DIFFRACTION' 
_refine_hist.cycle_id                         LAST 
_refine_hist.pdbx_number_atoms_protein        850 
_refine_hist.pdbx_number_atoms_nucleic_acid   0 
_refine_hist.pdbx_number_atoms_ligand         4 
_refine_hist.number_atoms_solvent             0 
_refine_hist.number_atoms_total               854 
_refine_hist.d_res_high                       3.0 
_refine_hist.d_res_low                        6.0 
# 
loop_
_refine_ls_restr.type 
_refine_ls_restr.dev_ideal 
_refine_ls_restr.dev_ideal_target 
_refine_ls_restr.weight 
_refine_ls_restr.number 
_refine_ls_restr.pdbx_refine_id 
_refine_ls_restr.pdbx_restraint_function 
x_bond_d                0.014 ? ? ? 'X-RAY DIFFRACTION' ? 
x_bond_d_na             ?     ? ? ? 'X-RAY DIFFRACTION' ? 
x_bond_d_prot           ?     ? ? ? 'X-RAY DIFFRACTION' ? 
x_angle_d               ?     ? ? ? 'X-RAY DIFFRACTION' ? 
x_angle_d_na            ?     ? ? ? 'X-RAY DIFFRACTION' ? 
x_angle_d_prot          ?     ? ? ? 'X-RAY DIFFRACTION' ? 
x_angle_deg             3.0   ? ? ? 'X-RAY DIFFRACTION' ? 
x_angle_deg_na          ?     ? ? ? 'X-RAY DIFFRACTION' ? 
x_angle_deg_prot        ?     ? ? ? 'X-RAY DIFFRACTION' ? 
x_dihedral_angle_d      ?     ? ? ? 'X-RAY DIFFRACTION' ? 
x_dihedral_angle_d_na   ?     ? ? ? 'X-RAY DIFFRACTION' ? 
x_dihedral_angle_d_prot ?     ? ? ? 'X-RAY DIFFRACTION' ? 
x_improper_angle_d      ?     ? ? ? 'X-RAY DIFFRACTION' ? 
x_improper_angle_d_na   ?     ? ? ? 'X-RAY DIFFRACTION' ? 
x_improper_angle_d_prot ?     ? ? ? 'X-RAY DIFFRACTION' ? 
x_mcbond_it             ?     ? ? ? 'X-RAY DIFFRACTION' ? 
x_mcangle_it            ?     ? ? ? 'X-RAY DIFFRACTION' ? 
x_scbond_it             ?     ? ? ? 'X-RAY DIFFRACTION' ? 
x_scangle_it            ?     ? ? ? 'X-RAY DIFFRACTION' ? 
# 
_struct.entry_id                  1AYB 
_struct.title                     
'CRYSTAL STRUCTURES OF PEPTIDE COMPLEXES OF THE AMINO-TERMINAL SH2 DOMAIN OF THE SYP TYROSINE PHOSPHATASE' 
_struct.pdbx_model_details        ? 
_struct.pdbx_CASP_flag            ? 
_struct.pdbx_model_type_details   ? 
# 
_struct_keywords.entry_id        1AYB 
_struct_keywords.pdbx_keywords   'HYDROLASE(SH2 DOMAIN)' 
_struct_keywords.text            'HYDROLASE(SH2 DOMAIN)' 
# 
loop_
_struct_asym.id 
_struct_asym.pdbx_blank_PDB_chainid_flag 
_struct_asym.pdbx_modified 
_struct_asym.entity_id 
_struct_asym.details 
A N N 1 ? 
B N N 2 ? 
# 
loop_
_struct_ref.id 
_struct_ref.db_name 
_struct_ref.db_code 
_struct_ref.entity_id 
_struct_ref.pdbx_db_accession 
_struct_ref.pdbx_align_begin 
_struct_ref.pdbx_seq_one_letter_code 
_struct_ref.pdbx_db_isoform 
1 UNP PTN11_MOUSE 1 P35235 1 
;MTSRRWFHPNITGVEAENLLLTRGVDGSFLARPSKSNPGDFTLSVRRNGAVTHIKIQNTGDYYDLYGGEKFATLAELVQY
YMEHHGQLKEKNGDVIELKYPLNCADPTSERWFHGHLSGKEAEKLLTEKGKHGSFLVRESQSHPGDFVLSVRTGDDKGES
NDGKSKVTHVMIRCQELKYDVGGGERFDSLTDLVEHYKKNPMVETLGTVLQLKQPLNTTRINAAEIESRVRELSKLAETT
DKVKQGFWEEFETLQQQECKLLYSRKEGQRQENKNKNRYKNILPFDHTRVVLHDGDPNEPVSDYINANIIMPEFETKCNN
SKPKKSYIATQGCLQNTVNDFWRMVFQENSRVIVMTTKEVERGKSKCVKYWPDEYALKEYGVMRVRNVKESAAHDYTLRE
LKLSKVGQALLQGNTERTVWQYHFRTWPDHGVPSDPGGVLDFLEEVHHKQESIVDAGPVVVHCSAGIGRTGTFIVIDILI
DIIREKGVDCDIDVPKTIQMVRSQRSGMVQTEAQYRFIYMAVQHYIETLQRRIEEEQKSKRKGHEYTNIKYSGELGYTET
RVGCPGHSVSPMDEVDGGWVEGLGT
;
? 
2 UNP IRS1_MOUSE  2 P35569 1 
;MASPPDTDGFSDVRKVGYLRKPKSMHKRFFVLRAASEAGGPARLEYYENEKKWRHKSSAPKRSIPLESCFNINKRADSKN
KHLVALYTRDEHFAIAADSEAEQDSWYQALLQLHNRAKAHHDGAGGGCGGSCSGSSGVGEAGEDLSYDTGPGPAFKEVWQ
VILKPKGLGQTKNLIGIYRLCLTSKTISFVKLNSEAAAVVLQLMNIRRCGHSENFFFIEVGRSAVTGPGEFWMQVDDSVV
AQNMHETILEAMRAMSDEFRPRSKSQSSSSCSNPISVPLRRHHLNNPPPSQVGLTRRSRTESITATSPASMVGGKPGSFR
VRASSDGEGTMSRPASVDGSPVSPSTNRTHAHRHRGSSRLHPPLNHSRSIPMPSSRCSPSATSPVSLSSSSTSGHGSTSD
CLFPRRSSASVSGSPSDGGFISSDEYGSSPCDFRSSFRSVTPDSLGHTPPARGEEELSNYICMGGKGASTLAAPNGHYIL
SRGGNGHRYIPGANLGTSPALPGDEAAGAADLDNRFRKRTHSAGTSPTISHQKTPSQSSVASIEEYTEMMPAAYPPGGGS
GGRLPGYRHSAFVPTHSYPEEGLEMHHLERRGGHHRPDTSNLHTDDGYMPMSPGVAPVPSNRKGNGDYMPMSPKSVSAPQ
QIINPIRRHPQRVDPNGYMMMSPSGSCSPDIGGGSSSSSSISAAPSGSSYGKPWTNGVGGHHTHALPHAKPPVESGGGKL
LPCTGDYMNMSPVGDSNTSSPSECYYGPEDPQHKPVLSYYSLPRSFKHTQRPGEPEEGARHQHLRLSSSSGRLRYTATAE
DSSSSTSSDSLGGGYCGARPESSLTHPHHHVLQPHLPRKVDTAAQTNSRLARPTRLSLGDPKASTLPRVREQQQQQQSSL
HPPEPKSPGEYVNIEFGSGQPGYLAGPATSRSSPSVRCPPQLHPAPREETGSEEYMNMDLGPGRRATWQESGGVELGRIG
PAPPGSATVCRPTRSVPNSRGDYMTMQIGCPRQSYVDTSPVAPVSYADMRTGIAAEKASLPRPTGAAPPPSSTASSSASV
TPQGATAEQATHSSLLGGPQGPGGMSAFTRVNLSPNHNQSAKVIRADTQGCRRRHSSETFSAPTRAGNTVPFGAGAAVGG
SGGGGGGGSEDVKRHSSASFENVWLRPGDLGGVSKESAPVCGAAGGLEKSLNYIDLDLAKEHSQDCPSQQQSLPPPPPHQ
PLGSNEGNSPRRSSEDLSNYASISFQKQPEDRQ
;
? 
# 
loop_
_struct_ref_seq.align_id 
_struct_ref_seq.ref_id 
_struct_ref_seq.pdbx_PDB_id_code 
_struct_ref_seq.pdbx_strand_id 
_struct_ref_seq.seq_align_beg 
_struct_ref_seq.pdbx_seq_align_beg_ins_code 
_struct_ref_seq.seq_align_end 
_struct_ref_seq.pdbx_seq_align_end_ins_code 
_struct_ref_seq.pdbx_db_accession 
_struct_ref_seq.db_align_beg 
_struct_ref_seq.pdbx_db_align_beg_ins_code 
_struct_ref_seq.db_align_end 
_struct_ref_seq.pdbx_db_align_end_ins_code 
_struct_ref_seq.pdbx_auth_seq_align_beg 
_struct_ref_seq.pdbx_auth_seq_align_end 
1 1 1AYB A 2 ? 101 ? P35235 4   ? 103 ? 4  103 
2 2 1AYB P 1 ? 12  ? P35569 887 ? 898 ? -4 7   
# 
_pdbx_struct_assembly.id                   1 
_pdbx_struct_assembly.details              author_and_software_defined_assembly 
_pdbx_struct_assembly.method_details       PISA 
_pdbx_struct_assembly.oligomeric_details   dimeric 
_pdbx_struct_assembly.oligomeric_count     2 
# 
loop_
_pdbx_struct_assembly_prop.biol_id 
_pdbx_struct_assembly_prop.type 
_pdbx_struct_assembly_prop.value 
_pdbx_struct_assembly_prop.details 
1 'ABSA (A^2)' 1190 ? 
1 MORE         -13  ? 
1 'SSA (A^2)'  5830 ? 
# 
_pdbx_struct_assembly_gen.assembly_id       1 
_pdbx_struct_assembly_gen.oper_expression   1 
_pdbx_struct_assembly_gen.asym_id_list      A,B 
# 
_pdbx_struct_oper_list.id                   1 
_pdbx_struct_oper_list.type                 'identity operation' 
_pdbx_struct_oper_list.name                 1_555 
_pdbx_struct_oper_list.symmetry_operation   x,y,z 
_pdbx_struct_oper_list.matrix[1][1]         1.0000000000 
_pdbx_struct_oper_list.matrix[1][2]         0.0000000000 
_pdbx_struct_oper_list.matrix[1][3]         0.0000000000 
_pdbx_struct_oper_list.vector[1]            0.0000000000 
_pdbx_struct_oper_list.matrix[2][1]         0.0000000000 
_pdbx_struct_oper_list.matrix[2][2]         1.0000000000 
_pdbx_struct_oper_list.matrix[2][3]         0.0000000000 
_pdbx_struct_oper_list.vector[2]            0.0000000000 
_pdbx_struct_oper_list.matrix[3][1]         0.0000000000 
_pdbx_struct_oper_list.matrix[3][2]         0.0000000000 
_pdbx_struct_oper_list.matrix[3][3]         1.0000000000 
_pdbx_struct_oper_list.vector[3]            0.0000000000 
# 
_struct_biol.id   1 
# 
loop_
_struct_conf.conf_type_id 
_struct_conf.id 
_struct_conf.pdbx_PDB_helix_id 
_struct_conf.beg_label_comp_id 
_struct_conf.beg_label_asym_id 
_struct_conf.beg_label_seq_id 
_struct_conf.pdbx_beg_PDB_ins_code 
_struct_conf.end_label_comp_id 
_struct_conf.end_label_asym_id 
_struct_conf.end_label_seq_id 
_struct_conf.pdbx_end_PDB_ins_code 
_struct_conf.beg_auth_comp_id 
_struct_conf.beg_auth_asym_id 
_struct_conf.beg_auth_seq_id 
_struct_conf.end_auth_comp_id 
_struct_conf.end_auth_asym_id 
_struct_conf.end_auth_seq_id 
_struct_conf.pdbx_PDB_helix_class 
_struct_conf.details 
_struct_conf.pdbx_PDB_helix_length 
HELX_P HELX_P1 1 THR A 10 ? ARG A 21 ? THR A 12 ARG A 23 1 ? 12 
HELX_P HELX_P2 2 THR A 71 ? HIS A 82 ? THR A 73 HIS A 84 1 ? 12 
# 
_struct_conf_type.id          HELX_P 
_struct_conf_type.criteria    ? 
_struct_conf_type.reference   ? 
# 
loop_
_struct_conn.id 
_struct_conn.conn_type_id 
_struct_conn.pdbx_leaving_atom_flag 
_struct_conn.pdbx_PDB_id 
_struct_conn.ptnr1_label_asym_id 
_struct_conn.ptnr1_label_comp_id 
_struct_conn.ptnr1_label_seq_id 
_struct_conn.ptnr1_label_atom_id 
_struct_conn.pdbx_ptnr1_label_alt_id 
_struct_conn.pdbx_ptnr1_PDB_ins_code 
_struct_conn.pdbx_ptnr1_standard_comp_id 
_struct_conn.ptnr1_symmetry 
_struct_conn.ptnr2_label_asym_id 
_struct_conn.ptnr2_label_comp_id 
_struct_conn.ptnr2_label_seq_id 
_struct_conn.ptnr2_label_atom_id 
_struct_conn.pdbx_ptnr2_label_alt_id 
_struct_conn.pdbx_ptnr2_PDB_ins_code 
_struct_conn.ptnr1_auth_asym_id 
_struct_conn.ptnr1_auth_comp_id 
_struct_conn.ptnr1_auth_seq_id 
_struct_conn.ptnr2_auth_asym_id 
_struct_conn.ptnr2_auth_comp_id 
_struct_conn.ptnr2_auth_seq_id 
_struct_conn.ptnr2_symmetry 
_struct_conn.pdbx_ptnr3_label_atom_id 
_struct_conn.pdbx_ptnr3_label_seq_id 
_struct_conn.pdbx_ptnr3_label_comp_id 
_struct_conn.pdbx_ptnr3_label_asym_id 
_struct_conn.pdbx_ptnr3_label_alt_id 
_struct_conn.pdbx_ptnr3_PDB_ins_code 
_struct_conn.details 
_struct_conn.pdbx_dist_value 
_struct_conn.pdbx_value_order 
_struct_conn.pdbx_role 
covale1 covale both ? B GLU 4 C ? ? ? 1_555 B PTR 5 N ? ? P GLU -1 P PTR 0 1_555 ? ? ? ? ? ? ? 1.338 ? ? 
covale2 covale both ? B PTR 5 C ? ? ? 1_555 B VAL 6 N ? ? P PTR 0  P VAL 1 1_555 ? ? ? ? ? ? ? 1.318 ? ? 
# 
_struct_conn_type.id          covale 
_struct_conn_type.criteria    ? 
_struct_conn_type.reference   ? 
# 
_pdbx_modification_feature.ordinal                            1 
_pdbx_modification_feature.label_comp_id                      PTR 
_pdbx_modification_feature.label_asym_id                      B 
_pdbx_modification_feature.label_seq_id                       5 
_pdbx_modification_feature.label_alt_id                       ? 
_pdbx_modification_feature.modified_residue_label_comp_id     . 
_pdbx_modification_feature.modified_residue_label_asym_id     . 
_pdbx_modification_feature.modified_residue_label_seq_id      . 
_pdbx_modification_feature.modified_residue_label_alt_id      . 
_pdbx_modification_feature.auth_comp_id                       PTR 
_pdbx_modification_feature.auth_asym_id                       P 
_pdbx_modification_feature.auth_seq_id                        0 
_pdbx_modification_feature.PDB_ins_code                       ? 
_pdbx_modification_feature.symmetry                           1_555 
_pdbx_modification_feature.modified_residue_auth_comp_id      . 
_pdbx_modification_feature.modified_residue_auth_asym_id      . 
_pdbx_modification_feature.modified_residue_auth_seq_id       . 
_pdbx_modification_feature.modified_residue_PDB_ins_code      . 
_pdbx_modification_feature.modified_residue_symmetry          . 
_pdbx_modification_feature.comp_id_linking_atom               . 
_pdbx_modification_feature.modified_residue_id_linking_atom   . 
_pdbx_modification_feature.modified_residue_id                TYR 
_pdbx_modification_feature.ref_pcm_id                         1 
_pdbx_modification_feature.ref_comp_id                        PTR 
_pdbx_modification_feature.type                               Phosphorylation 
_pdbx_modification_feature.category                           'Named protein modification' 
# 
loop_
_struct_sheet.id 
_struct_sheet.type 
_struct_sheet.number_strands 
_struct_sheet.details 
A ? 5 ? 
B ? 4 ? 
C ? 1 ? 
# 
loop_
_struct_sheet_order.sheet_id 
_struct_sheet_order.range_id_1 
_struct_sheet_order.range_id_2 
_struct_sheet_order.offset 
_struct_sheet_order.sense 
A 1 2 ? parallel      
A 2 3 ? anti-parallel 
A 3 4 ? anti-parallel 
A 4 5 ? anti-parallel 
B 1 2 ? parallel      
B 2 3 ? anti-parallel 
B 3 4 ? anti-parallel 
# 
loop_
_struct_sheet_range.sheet_id 
_struct_sheet_range.id 
_struct_sheet_range.beg_label_comp_id 
_struct_sheet_range.beg_label_asym_id 
_struct_sheet_range.beg_label_seq_id 
_struct_sheet_range.pdbx_beg_PDB_ins_code 
_struct_sheet_range.end_label_comp_id 
_struct_sheet_range.end_label_asym_id 
_struct_sheet_range.end_label_seq_id 
_struct_sheet_range.pdbx_end_PDB_ins_code 
_struct_sheet_range.beg_auth_comp_id 
_struct_sheet_range.beg_auth_asym_id 
_struct_sheet_range.beg_auth_seq_id 
_struct_sheet_range.end_auth_comp_id 
_struct_sheet_range.end_auth_asym_id 
_struct_sheet_range.end_auth_seq_id 
A 1 TYR A 98 ? PRO A 99 ? TYR A 100 PRO A 101 
A 2 SER A 26 ? PRO A 31 ? SER A 28  PRO A 33  
A 3 PHE A 39 ? ARG A 45 ? PHE A 41  ARG A 47  
A 4 ALA A 48 ? ASN A 56 ? ALA A 50  ASN A 58  
A 5 TYR A 61 ? ASP A 62 ? TYR A 63  ASP A 64  
B 1 TYR A 98 ? PRO A 99 ? TYR A 100 PRO A 101 
B 2 SER A 26 ? PRO A 31 ? SER A 28  PRO A 33  
B 3 PHE A 39 ? ARG A 45 ? PHE A 41  ARG A 47  
B 4 ALA A 48 ? ASN A 56 ? ALA A 50  ASN A 58  
C 1 LYS A 87 ? GLU A 88 ? LYS A 89  GLU A 90  
# 
loop_
_pdbx_struct_sheet_hbond.sheet_id 
_pdbx_struct_sheet_hbond.range_id_1 
_pdbx_struct_sheet_hbond.range_id_2 
_pdbx_struct_sheet_hbond.range_1_label_atom_id 
_pdbx_struct_sheet_hbond.range_1_label_comp_id 
_pdbx_struct_sheet_hbond.range_1_label_asym_id 
_pdbx_struct_sheet_hbond.range_1_label_seq_id 
_pdbx_struct_sheet_hbond.range_1_PDB_ins_code 
_pdbx_struct_sheet_hbond.range_1_auth_atom_id 
_pdbx_struct_sheet_hbond.range_1_auth_comp_id 
_pdbx_struct_sheet_hbond.range_1_auth_asym_id 
_pdbx_struct_sheet_hbond.range_1_auth_seq_id 
_pdbx_struct_sheet_hbond.range_2_label_atom_id 
_pdbx_struct_sheet_hbond.range_2_label_comp_id 
_pdbx_struct_sheet_hbond.range_2_label_asym_id 
_pdbx_struct_sheet_hbond.range_2_label_seq_id 
_pdbx_struct_sheet_hbond.range_2_PDB_ins_code 
_pdbx_struct_sheet_hbond.range_2_auth_atom_id 
_pdbx_struct_sheet_hbond.range_2_auth_comp_id 
_pdbx_struct_sheet_hbond.range_2_auth_asym_id 
_pdbx_struct_sheet_hbond.range_2_auth_seq_id 
A 1 2 O TYR A 98 ? O TYR A 100 N PHE A 27 ? N PHE A 29 
A 2 3 O ARG A 30 ? O ARG A 32  N THR A 40 ? N THR A 42 
A 3 4 N ARG A 45 ? N ARG A 47  O ALA A 48 ? O ALA A 50 
A 4 5 N GLN A 55 ? N GLN A 57  O ASP A 62 ? O ASP A 64 
B 1 2 O TYR A 98 ? O TYR A 100 N PHE A 27 ? N PHE A 29 
B 2 3 O ARG A 30 ? O ARG A 32  N THR A 40 ? N THR A 42 
B 3 4 N ARG A 45 ? N ARG A 47  O ALA A 48 ? O ALA A 50 
# 
_pdbx_entry_details.entry_id                   1AYB 
_pdbx_entry_details.compound_details           ? 
_pdbx_entry_details.source_details             ? 
_pdbx_entry_details.nonpolymer_details         ? 
_pdbx_entry_details.sequence_details           ? 
_pdbx_entry_details.has_ligand_of_interest     ? 
_pdbx_entry_details.has_protein_modification   Y 
# 
loop_
_pdbx_validate_rmsd_bond.id 
_pdbx_validate_rmsd_bond.PDB_model_num 
_pdbx_validate_rmsd_bond.auth_atom_id_1 
_pdbx_validate_rmsd_bond.auth_asym_id_1 
_pdbx_validate_rmsd_bond.auth_comp_id_1 
_pdbx_validate_rmsd_bond.auth_seq_id_1 
_pdbx_validate_rmsd_bond.PDB_ins_code_1 
_pdbx_validate_rmsd_bond.label_alt_id_1 
_pdbx_validate_rmsd_bond.auth_atom_id_2 
_pdbx_validate_rmsd_bond.auth_asym_id_2 
_pdbx_validate_rmsd_bond.auth_comp_id_2 
_pdbx_validate_rmsd_bond.auth_seq_id_2 
_pdbx_validate_rmsd_bond.PDB_ins_code_2 
_pdbx_validate_rmsd_bond.label_alt_id_2 
_pdbx_validate_rmsd_bond.bond_value 
_pdbx_validate_rmsd_bond.bond_target_value 
_pdbx_validate_rmsd_bond.bond_deviation 
_pdbx_validate_rmsd_bond.bond_standard_deviation 
_pdbx_validate_rmsd_bond.linker_flag 
1 1 NE2 A HIS 8  ? ? CD2 A HIS 8  ? ? 1.301 1.373 -0.072 0.011 N 
2 1 NE2 A HIS 53 ? ? CD2 A HIS 53 ? ? 1.297 1.373 -0.076 0.011 N 
3 1 NE2 A HIS 84 ? ? CD2 A HIS 84 ? ? 1.299 1.373 -0.074 0.011 N 
4 1 NE2 A HIS 85 ? ? CD2 A HIS 85 ? ? 1.306 1.373 -0.067 0.011 N 
# 
loop_
_pdbx_validate_rmsd_angle.id 
_pdbx_validate_rmsd_angle.PDB_model_num 
_pdbx_validate_rmsd_angle.auth_atom_id_1 
_pdbx_validate_rmsd_angle.auth_asym_id_1 
_pdbx_validate_rmsd_angle.auth_comp_id_1 
_pdbx_validate_rmsd_angle.auth_seq_id_1 
_pdbx_validate_rmsd_angle.PDB_ins_code_1 
_pdbx_validate_rmsd_angle.label_alt_id_1 
_pdbx_validate_rmsd_angle.auth_atom_id_2 
_pdbx_validate_rmsd_angle.auth_asym_id_2 
_pdbx_validate_rmsd_angle.auth_comp_id_2 
_pdbx_validate_rmsd_angle.auth_seq_id_2 
_pdbx_validate_rmsd_angle.PDB_ins_code_2 
_pdbx_validate_rmsd_angle.label_alt_id_2 
_pdbx_validate_rmsd_angle.auth_atom_id_3 
_pdbx_validate_rmsd_angle.auth_asym_id_3 
_pdbx_validate_rmsd_angle.auth_comp_id_3 
_pdbx_validate_rmsd_angle.auth_seq_id_3 
_pdbx_validate_rmsd_angle.PDB_ins_code_3 
_pdbx_validate_rmsd_angle.label_alt_id_3 
_pdbx_validate_rmsd_angle.angle_value 
_pdbx_validate_rmsd_angle.angle_target_value 
_pdbx_validate_rmsd_angle.angle_deviation 
_pdbx_validate_rmsd_angle.angle_standard_deviation 
_pdbx_validate_rmsd_angle.linker_flag 
1 1 CD1 A TRP 6  ? ? CG  A TRP 6  ? ? CD2 A TRP 6  ? ? 111.12 106.30 4.82  0.80 N 
2 1 CE2 A TRP 6  ? ? CD2 A TRP 6  ? ? CG  A TRP 6  ? ? 101.02 107.30 -6.28 0.80 N 
3 1 NE  A ARG 23 ? ? CZ  A ARG 23 ? ? NH1 A ARG 23 ? ? 124.96 120.30 4.66  0.50 N 
4 1 NE  A ARG 23 ? ? CZ  A ARG 23 ? ? NH2 A ARG 23 ? ? 116.50 120.30 -3.80 0.50 N 
5 1 NE  A ARG 32 ? ? CZ  A ARG 32 ? ? NH1 A ARG 32 ? ? 123.95 120.30 3.65  0.50 N 
6 1 NE  A ARG 32 ? ? CZ  A ARG 32 ? ? NH2 A ARG 32 ? ? 116.87 120.30 -3.43 0.50 N 
7 1 NE  A ARG 46 ? ? CZ  A ARG 46 ? ? NH2 A ARG 46 ? ? 116.77 120.30 -3.53 0.50 N 
# 
loop_
_pdbx_validate_torsion.id 
_pdbx_validate_torsion.PDB_model_num 
_pdbx_validate_torsion.auth_comp_id 
_pdbx_validate_torsion.auth_asym_id 
_pdbx_validate_torsion.auth_seq_id 
_pdbx_validate_torsion.PDB_ins_code 
_pdbx_validate_torsion.label_alt_id 
_pdbx_validate_torsion.phi 
_pdbx_validate_torsion.psi 
1 1 ARG A 5  ? ? -65.73  12.38 
2 1 LEU A 65 ? ? -107.55 53.70 
3 1 HIS A 84 ? ? -102.88 79.37 
4 1 LYS A 91 ? ? -55.37  99.08 
5 1 LEU A 98 ? ? -100.23 72.62 
# 
_pdbx_struct_mod_residue.id               1 
_pdbx_struct_mod_residue.label_asym_id    B 
_pdbx_struct_mod_residue.label_comp_id    PTR 
_pdbx_struct_mod_residue.label_seq_id     5 
_pdbx_struct_mod_residue.auth_asym_id     P 
_pdbx_struct_mod_residue.auth_comp_id     PTR 
_pdbx_struct_mod_residue.auth_seq_id      0 
_pdbx_struct_mod_residue.PDB_ins_code     ? 
_pdbx_struct_mod_residue.parent_comp_id   TYR 
_pdbx_struct_mod_residue.details          O-PHOSPHOTYROSINE 
# 
loop_
_pdbx_unobs_or_zero_occ_residues.id 
_pdbx_unobs_or_zero_occ_residues.PDB_model_num 
_pdbx_unobs_or_zero_occ_residues.polymer_flag 
_pdbx_unobs_or_zero_occ_residues.occupancy_flag 
_pdbx_unobs_or_zero_occ_residues.auth_asym_id 
_pdbx_unobs_or_zero_occ_residues.auth_comp_id 
_pdbx_unobs_or_zero_occ_residues.auth_seq_id 
_pdbx_unobs_or_zero_occ_residues.PDB_ins_code 
_pdbx_unobs_or_zero_occ_residues.label_asym_id 
_pdbx_unobs_or_zero_occ_residues.label_comp_id 
_pdbx_unobs_or_zero_occ_residues.label_seq_id 
1 1 Y 1 A MET 3  ? A MET 1  
2 1 Y 1 P SER -4 ? B SER 1  
3 1 Y 1 P PRO -3 ? B PRO 2  
4 1 Y 1 P GLY 6  ? B GLY 11 
5 1 Y 1 P SER 7  ? B SER 12 
# 
loop_
_chem_comp_atom.comp_id 
_chem_comp_atom.atom_id 
_chem_comp_atom.type_symbol 
_chem_comp_atom.pdbx_aromatic_flag 
_chem_comp_atom.pdbx_stereo_config 
_chem_comp_atom.pdbx_ordinal 
ALA N    N N N 1   
ALA CA   C N S 2   
ALA C    C N N 3   
ALA O    O N N 4   
ALA CB   C N N 5   
ALA OXT  O N N 6   
ALA H    H N N 7   
ALA H2   H N N 8   
ALA HA   H N N 9   
ALA HB1  H N N 10  
ALA HB2  H N N 11  
ALA HB3  H N N 12  
ALA HXT  H N N 13  
ARG N    N N N 14  
ARG CA   C N S 15  
ARG C    C N N 16  
ARG O    O N N 17  
ARG CB   C N N 18  
ARG CG   C N N 19  
ARG CD   C N N 20  
ARG NE   N N N 21  
ARG CZ   C N N 22  
ARG NH1  N N N 23  
ARG NH2  N N N 24  
ARG OXT  O N N 25  
ARG H    H N N 26  
ARG H2   H N N 27  
ARG HA   H N N 28  
ARG HB2  H N N 29  
ARG HB3  H N N 30  
ARG HG2  H N N 31  
ARG HG3  H N N 32  
ARG HD2  H N N 33  
ARG HD3  H N N 34  
ARG HE   H N N 35  
ARG HH11 H N N 36  
ARG HH12 H N N 37  
ARG HH21 H N N 38  
ARG HH22 H N N 39  
ARG HXT  H N N 40  
ASN N    N N N 41  
ASN CA   C N S 42  
ASN C    C N N 43  
ASN O    O N N 44  
ASN CB   C N N 45  
ASN CG   C N N 46  
ASN OD1  O N N 47  
ASN ND2  N N N 48  
ASN OXT  O N N 49  
ASN H    H N N 50  
ASN H2   H N N 51  
ASN HA   H N N 52  
ASN HB2  H N N 53  
ASN HB3  H N N 54  
ASN HD21 H N N 55  
ASN HD22 H N N 56  
ASN HXT  H N N 57  
ASP N    N N N 58  
ASP CA   C N S 59  
ASP C    C N N 60  
ASP O    O N N 61  
ASP CB   C N N 62  
ASP CG   C N N 63  
ASP OD1  O N N 64  
ASP OD2  O N N 65  
ASP OXT  O N N 66  
ASP H    H N N 67  
ASP H2   H N N 68  
ASP HA   H N N 69  
ASP HB2  H N N 70  
ASP HB3  H N N 71  
ASP HD2  H N N 72  
ASP HXT  H N N 73  
GLN N    N N N 74  
GLN CA   C N S 75  
GLN C    C N N 76  
GLN O    O N N 77  
GLN CB   C N N 78  
GLN CG   C N N 79  
GLN CD   C N N 80  
GLN OE1  O N N 81  
GLN NE2  N N N 82  
GLN OXT  O N N 83  
GLN H    H N N 84  
GLN H2   H N N 85  
GLN HA   H N N 86  
GLN HB2  H N N 87  
GLN HB3  H N N 88  
GLN HG2  H N N 89  
GLN HG3  H N N 90  
GLN HE21 H N N 91  
GLN HE22 H N N 92  
GLN HXT  H N N 93  
GLU N    N N N 94  
GLU CA   C N S 95  
GLU C    C N N 96  
GLU O    O N N 97  
GLU CB   C N N 98  
GLU CG   C N N 99  
GLU CD   C N N 100 
GLU OE1  O N N 101 
GLU OE2  O N N 102 
GLU OXT  O N N 103 
GLU H    H N N 104 
GLU H2   H N N 105 
GLU HA   H N N 106 
GLU HB2  H N N 107 
GLU HB3  H N N 108 
GLU HG2  H N N 109 
GLU HG3  H N N 110 
GLU HE2  H N N 111 
GLU HXT  H N N 112 
GLY N    N N N 113 
GLY CA   C N N 114 
GLY C    C N N 115 
GLY O    O N N 116 
GLY OXT  O N N 117 
GLY H    H N N 118 
GLY H2   H N N 119 
GLY HA2  H N N 120 
GLY HA3  H N N 121 
GLY HXT  H N N 122 
HIS N    N N N 123 
HIS CA   C N S 124 
HIS C    C N N 125 
HIS O    O N N 126 
HIS CB   C N N 127 
HIS CG   C Y N 128 
HIS ND1  N Y N 129 
HIS CD2  C Y N 130 
HIS CE1  C Y N 131 
HIS NE2  N Y N 132 
HIS OXT  O N N 133 
HIS H    H N N 134 
HIS H2   H N N 135 
HIS HA   H N N 136 
HIS HB2  H N N 137 
HIS HB3  H N N 138 
HIS HD1  H N N 139 
HIS HD2  H N N 140 
HIS HE1  H N N 141 
HIS HE2  H N N 142 
HIS HXT  H N N 143 
ILE N    N N N 144 
ILE CA   C N S 145 
ILE C    C N N 146 
ILE O    O N N 147 
ILE CB   C N S 148 
ILE CG1  C N N 149 
ILE CG2  C N N 150 
ILE CD1  C N N 151 
ILE OXT  O N N 152 
ILE H    H N N 153 
ILE H2   H N N 154 
ILE HA   H N N 155 
ILE HB   H N N 156 
ILE HG12 H N N 157 
ILE HG13 H N N 158 
ILE HG21 H N N 159 
ILE HG22 H N N 160 
ILE HG23 H N N 161 
ILE HD11 H N N 162 
ILE HD12 H N N 163 
ILE HD13 H N N 164 
ILE HXT  H N N 165 
LEU N    N N N 166 
LEU CA   C N S 167 
LEU C    C N N 168 
LEU O    O N N 169 
LEU CB   C N N 170 
LEU CG   C N N 171 
LEU CD1  C N N 172 
LEU CD2  C N N 173 
LEU OXT  O N N 174 
LEU H    H N N 175 
LEU H2   H N N 176 
LEU HA   H N N 177 
LEU HB2  H N N 178 
LEU HB3  H N N 179 
LEU HG   H N N 180 
LEU HD11 H N N 181 
LEU HD12 H N N 182 
LEU HD13 H N N 183 
LEU HD21 H N N 184 
LEU HD22 H N N 185 
LEU HD23 H N N 186 
LEU HXT  H N N 187 
LYS N    N N N 188 
LYS CA   C N S 189 
LYS C    C N N 190 
LYS O    O N N 191 
LYS CB   C N N 192 
LYS CG   C N N 193 
LYS CD   C N N 194 
LYS CE   C N N 195 
LYS NZ   N N N 196 
LYS OXT  O N N 197 
LYS H    H N N 198 
LYS H2   H N N 199 
LYS HA   H N N 200 
LYS HB2  H N N 201 
LYS HB3  H N N 202 
LYS HG2  H N N 203 
LYS HG3  H N N 204 
LYS HD2  H N N 205 
LYS HD3  H N N 206 
LYS HE2  H N N 207 
LYS HE3  H N N 208 
LYS HZ1  H N N 209 
LYS HZ2  H N N 210 
LYS HZ3  H N N 211 
LYS HXT  H N N 212 
MET N    N N N 213 
MET CA   C N S 214 
MET C    C N N 215 
MET O    O N N 216 
MET CB   C N N 217 
MET CG   C N N 218 
MET SD   S N N 219 
MET CE   C N N 220 
MET OXT  O N N 221 
MET H    H N N 222 
MET H2   H N N 223 
MET HA   H N N 224 
MET HB2  H N N 225 
MET HB3  H N N 226 
MET HG2  H N N 227 
MET HG3  H N N 228 
MET HE1  H N N 229 
MET HE2  H N N 230 
MET HE3  H N N 231 
MET HXT  H N N 232 
PHE N    N N N 233 
PHE CA   C N S 234 
PHE C    C N N 235 
PHE O    O N N 236 
PHE CB   C N N 237 
PHE CG   C Y N 238 
PHE CD1  C Y N 239 
PHE CD2  C Y N 240 
PHE CE1  C Y N 241 
PHE CE2  C Y N 242 
PHE CZ   C Y N 243 
PHE OXT  O N N 244 
PHE H    H N N 245 
PHE H2   H N N 246 
PHE HA   H N N 247 
PHE HB2  H N N 248 
PHE HB3  H N N 249 
PHE HD1  H N N 250 
PHE HD2  H N N 251 
PHE HE1  H N N 252 
PHE HE2  H N N 253 
PHE HZ   H N N 254 
PHE HXT  H N N 255 
PRO N    N N N 256 
PRO CA   C N S 257 
PRO C    C N N 258 
PRO O    O N N 259 
PRO CB   C N N 260 
PRO CG   C N N 261 
PRO CD   C N N 262 
PRO OXT  O N N 263 
PRO H    H N N 264 
PRO HA   H N N 265 
PRO HB2  H N N 266 
PRO HB3  H N N 267 
PRO HG2  H N N 268 
PRO HG3  H N N 269 
PRO HD2  H N N 270 
PRO HD3  H N N 271 
PRO HXT  H N N 272 
PTR N    N N N 273 
PTR CA   C N S 274 
PTR C    C N N 275 
PTR O    O N N 276 
PTR OXT  O N N 277 
PTR CB   C N N 278 
PTR CG   C Y N 279 
PTR CD1  C Y N 280 
PTR CD2  C Y N 281 
PTR CE1  C Y N 282 
PTR CE2  C Y N 283 
PTR CZ   C Y N 284 
PTR OH   O N N 285 
PTR P    P N N 286 
PTR O1P  O N N 287 
PTR O2P  O N N 288 
PTR O3P  O N N 289 
PTR H    H N N 290 
PTR H2   H N N 291 
PTR HA   H N N 292 
PTR HXT  H N N 293 
PTR HB2  H N N 294 
PTR HB3  H N N 295 
PTR HD1  H N N 296 
PTR HD2  H N N 297 
PTR HE1  H N N 298 
PTR HE2  H N N 299 
PTR HO2P H N N 300 
PTR HO3P H N N 301 
SER N    N N N 302 
SER CA   C N S 303 
SER C    C N N 304 
SER O    O N N 305 
SER CB   C N N 306 
SER OG   O N N 307 
SER OXT  O N N 308 
SER H    H N N 309 
SER H2   H N N 310 
SER HA   H N N 311 
SER HB2  H N N 312 
SER HB3  H N N 313 
SER HG   H N N 314 
SER HXT  H N N 315 
THR N    N N N 316 
THR CA   C N S 317 
THR C    C N N 318 
THR O    O N N 319 
THR CB   C N R 320 
THR OG1  O N N 321 
THR CG2  C N N 322 
THR OXT  O N N 323 
THR H    H N N 324 
THR H2   H N N 325 
THR HA   H N N 326 
THR HB   H N N 327 
THR HG1  H N N 328 
THR HG21 H N N 329 
THR HG22 H N N 330 
THR HG23 H N N 331 
THR HXT  H N N 332 
TRP N    N N N 333 
TRP CA   C N S 334 
TRP C    C N N 335 
TRP O    O N N 336 
TRP CB   C N N 337 
TRP CG   C Y N 338 
TRP CD1  C Y N 339 
TRP CD2  C Y N 340 
TRP NE1  N Y N 341 
TRP CE2  C Y N 342 
TRP CE3  C Y N 343 
TRP CZ2  C Y N 344 
TRP CZ3  C Y N 345 
TRP CH2  C Y N 346 
TRP OXT  O N N 347 
TRP H    H N N 348 
TRP H2   H N N 349 
TRP HA   H N N 350 
TRP HB2  H N N 351 
TRP HB3  H N N 352 
TRP HD1  H N N 353 
TRP HE1  H N N 354 
TRP HE3  H N N 355 
TRP HZ2  H N N 356 
TRP HZ3  H N N 357 
TRP HH2  H N N 358 
TRP HXT  H N N 359 
TYR N    N N N 360 
TYR CA   C N S 361 
TYR C    C N N 362 
TYR O    O N N 363 
TYR CB   C N N 364 
TYR CG   C Y N 365 
TYR CD1  C Y N 366 
TYR CD2  C Y N 367 
TYR CE1  C Y N 368 
TYR CE2  C Y N 369 
TYR CZ   C Y N 370 
TYR OH   O N N 371 
TYR OXT  O N N 372 
TYR H    H N N 373 
TYR H2   H N N 374 
TYR HA   H N N 375 
TYR HB2  H N N 376 
TYR HB3  H N N 377 
TYR HD1  H N N 378 
TYR HD2  H N N 379 
TYR HE1  H N N 380 
TYR HE2  H N N 381 
TYR HH   H N N 382 
TYR HXT  H N N 383 
VAL N    N N N 384 
VAL CA   C N S 385 
VAL C    C N N 386 
VAL O    O N N 387 
VAL CB   C N N 388 
VAL CG1  C N N 389 
VAL CG2  C N N 390 
VAL OXT  O N N 391 
VAL H    H N N 392 
VAL H2   H N N 393 
VAL HA   H N N 394 
VAL HB   H N N 395 
VAL HG11 H N N 396 
VAL HG12 H N N 397 
VAL HG13 H N N 398 
VAL HG21 H N N 399 
VAL HG22 H N N 400 
VAL HG23 H N N 401 
VAL HXT  H N N 402 
# 
loop_
_chem_comp_bond.comp_id 
_chem_comp_bond.atom_id_1 
_chem_comp_bond.atom_id_2 
_chem_comp_bond.value_order 
_chem_comp_bond.pdbx_aromatic_flag 
_chem_comp_bond.pdbx_stereo_config 
_chem_comp_bond.pdbx_ordinal 
ALA N   CA   sing N N 1   
ALA N   H    sing N N 2   
ALA N   H2   sing N N 3   
ALA CA  C    sing N N 4   
ALA CA  CB   sing N N 5   
ALA CA  HA   sing N N 6   
ALA C   O    doub N N 7   
ALA C   OXT  sing N N 8   
ALA CB  HB1  sing N N 9   
ALA CB  HB2  sing N N 10  
ALA CB  HB3  sing N N 11  
ALA OXT HXT  sing N N 12  
ARG N   CA   sing N N 13  
ARG N   H    sing N N 14  
ARG N   H2   sing N N 15  
ARG CA  C    sing N N 16  
ARG CA  CB   sing N N 17  
ARG CA  HA   sing N N 18  
ARG C   O    doub N N 19  
ARG C   OXT  sing N N 20  
ARG CB  CG   sing N N 21  
ARG CB  HB2  sing N N 22  
ARG CB  HB3  sing N N 23  
ARG CG  CD   sing N N 24  
ARG CG  HG2  sing N N 25  
ARG CG  HG3  sing N N 26  
ARG CD  NE   sing N N 27  
ARG CD  HD2  sing N N 28  
ARG CD  HD3  sing N N 29  
ARG NE  CZ   sing N N 30  
ARG NE  HE   sing N N 31  
ARG CZ  NH1  sing N N 32  
ARG CZ  NH2  doub N N 33  
ARG NH1 HH11 sing N N 34  
ARG NH1 HH12 sing N N 35  
ARG NH2 HH21 sing N N 36  
ARG NH2 HH22 sing N N 37  
ARG OXT HXT  sing N N 38  
ASN N   CA   sing N N 39  
ASN N   H    sing N N 40  
ASN N   H2   sing N N 41  
ASN CA  C    sing N N 42  
ASN CA  CB   sing N N 43  
ASN CA  HA   sing N N 44  
ASN C   O    doub N N 45  
ASN C   OXT  sing N N 46  
ASN CB  CG   sing N N 47  
ASN CB  HB2  sing N N 48  
ASN CB  HB3  sing N N 49  
ASN CG  OD1  doub N N 50  
ASN CG  ND2  sing N N 51  
ASN ND2 HD21 sing N N 52  
ASN ND2 HD22 sing N N 53  
ASN OXT HXT  sing N N 54  
ASP N   CA   sing N N 55  
ASP N   H    sing N N 56  
ASP N   H2   sing N N 57  
ASP CA  C    sing N N 58  
ASP CA  CB   sing N N 59  
ASP CA  HA   sing N N 60  
ASP C   O    doub N N 61  
ASP C   OXT  sing N N 62  
ASP CB  CG   sing N N 63  
ASP CB  HB2  sing N N 64  
ASP CB  HB3  sing N N 65  
ASP CG  OD1  doub N N 66  
ASP CG  OD2  sing N N 67  
ASP OD2 HD2  sing N N 68  
ASP OXT HXT  sing N N 69  
GLN N   CA   sing N N 70  
GLN N   H    sing N N 71  
GLN N   H2   sing N N 72  
GLN CA  C    sing N N 73  
GLN CA  CB   sing N N 74  
GLN CA  HA   sing N N 75  
GLN C   O    doub N N 76  
GLN C   OXT  sing N N 77  
GLN CB  CG   sing N N 78  
GLN CB  HB2  sing N N 79  
GLN CB  HB3  sing N N 80  
GLN CG  CD   sing N N 81  
GLN CG  HG2  sing N N 82  
GLN CG  HG3  sing N N 83  
GLN CD  OE1  doub N N 84  
GLN CD  NE2  sing N N 85  
GLN NE2 HE21 sing N N 86  
GLN NE2 HE22 sing N N 87  
GLN OXT HXT  sing N N 88  
GLU N   CA   sing N N 89  
GLU N   H    sing N N 90  
GLU N   H2   sing N N 91  
GLU CA  C    sing N N 92  
GLU CA  CB   sing N N 93  
GLU CA  HA   sing N N 94  
GLU C   O    doub N N 95  
GLU C   OXT  sing N N 96  
GLU CB  CG   sing N N 97  
GLU CB  HB2  sing N N 98  
GLU CB  HB3  sing N N 99  
GLU CG  CD   sing N N 100 
GLU CG  HG2  sing N N 101 
GLU CG  HG3  sing N N 102 
GLU CD  OE1  doub N N 103 
GLU CD  OE2  sing N N 104 
GLU OE2 HE2  sing N N 105 
GLU OXT HXT  sing N N 106 
GLY N   CA   sing N N 107 
GLY N   H    sing N N 108 
GLY N   H2   sing N N 109 
GLY CA  C    sing N N 110 
GLY CA  HA2  sing N N 111 
GLY CA  HA3  sing N N 112 
GLY C   O    doub N N 113 
GLY C   OXT  sing N N 114 
GLY OXT HXT  sing N N 115 
HIS N   CA   sing N N 116 
HIS N   H    sing N N 117 
HIS N   H2   sing N N 118 
HIS CA  C    sing N N 119 
HIS CA  CB   sing N N 120 
HIS CA  HA   sing N N 121 
HIS C   O    doub N N 122 
HIS C   OXT  sing N N 123 
HIS CB  CG   sing N N 124 
HIS CB  HB2  sing N N 125 
HIS CB  HB3  sing N N 126 
HIS CG  ND1  sing Y N 127 
HIS CG  CD2  doub Y N 128 
HIS ND1 CE1  doub Y N 129 
HIS ND1 HD1  sing N N 130 
HIS CD2 NE2  sing Y N 131 
HIS CD2 HD2  sing N N 132 
HIS CE1 NE2  sing Y N 133 
HIS CE1 HE1  sing N N 134 
HIS NE2 HE2  sing N N 135 
HIS OXT HXT  sing N N 136 
ILE N   CA   sing N N 137 
ILE N   H    sing N N 138 
ILE N   H2   sing N N 139 
ILE CA  C    sing N N 140 
ILE CA  CB   sing N N 141 
ILE CA  HA   sing N N 142 
ILE C   O    doub N N 143 
ILE C   OXT  sing N N 144 
ILE CB  CG1  sing N N 145 
ILE CB  CG2  sing N N 146 
ILE CB  HB   sing N N 147 
ILE CG1 CD1  sing N N 148 
ILE CG1 HG12 sing N N 149 
ILE CG1 HG13 sing N N 150 
ILE CG2 HG21 sing N N 151 
ILE CG2 HG22 sing N N 152 
ILE CG2 HG23 sing N N 153 
ILE CD1 HD11 sing N N 154 
ILE CD1 HD12 sing N N 155 
ILE CD1 HD13 sing N N 156 
ILE OXT HXT  sing N N 157 
LEU N   CA   sing N N 158 
LEU N   H    sing N N 159 
LEU N   H2   sing N N 160 
LEU CA  C    sing N N 161 
LEU CA  CB   sing N N 162 
LEU CA  HA   sing N N 163 
LEU C   O    doub N N 164 
LEU C   OXT  sing N N 165 
LEU CB  CG   sing N N 166 
LEU CB  HB2  sing N N 167 
LEU CB  HB3  sing N N 168 
LEU CG  CD1  sing N N 169 
LEU CG  CD2  sing N N 170 
LEU CG  HG   sing N N 171 
LEU CD1 HD11 sing N N 172 
LEU CD1 HD12 sing N N 173 
LEU CD1 HD13 sing N N 174 
LEU CD2 HD21 sing N N 175 
LEU CD2 HD22 sing N N 176 
LEU CD2 HD23 sing N N 177 
LEU OXT HXT  sing N N 178 
LYS N   CA   sing N N 179 
LYS N   H    sing N N 180 
LYS N   H2   sing N N 181 
LYS CA  C    sing N N 182 
LYS CA  CB   sing N N 183 
LYS CA  HA   sing N N 184 
LYS C   O    doub N N 185 
LYS C   OXT  sing N N 186 
LYS CB  CG   sing N N 187 
LYS CB  HB2  sing N N 188 
LYS CB  HB3  sing N N 189 
LYS CG  CD   sing N N 190 
LYS CG  HG2  sing N N 191 
LYS CG  HG3  sing N N 192 
LYS CD  CE   sing N N 193 
LYS CD  HD2  sing N N 194 
LYS CD  HD3  sing N N 195 
LYS CE  NZ   sing N N 196 
LYS CE  HE2  sing N N 197 
LYS CE  HE3  sing N N 198 
LYS NZ  HZ1  sing N N 199 
LYS NZ  HZ2  sing N N 200 
LYS NZ  HZ3  sing N N 201 
LYS OXT HXT  sing N N 202 
MET N   CA   sing N N 203 
MET N   H    sing N N 204 
MET N   H2   sing N N 205 
MET CA  C    sing N N 206 
MET CA  CB   sing N N 207 
MET CA  HA   sing N N 208 
MET C   O    doub N N 209 
MET C   OXT  sing N N 210 
MET CB  CG   sing N N 211 
MET CB  HB2  sing N N 212 
MET CB  HB3  sing N N 213 
MET CG  SD   sing N N 214 
MET CG  HG2  sing N N 215 
MET CG  HG3  sing N N 216 
MET SD  CE   sing N N 217 
MET CE  HE1  sing N N 218 
MET CE  HE2  sing N N 219 
MET CE  HE3  sing N N 220 
MET OXT HXT  sing N N 221 
PHE N   CA   sing N N 222 
PHE N   H    sing N N 223 
PHE N   H2   sing N N 224 
PHE CA  C    sing N N 225 
PHE CA  CB   sing N N 226 
PHE CA  HA   sing N N 227 
PHE C   O    doub N N 228 
PHE C   OXT  sing N N 229 
PHE CB  CG   sing N N 230 
PHE CB  HB2  sing N N 231 
PHE CB  HB3  sing N N 232 
PHE CG  CD1  doub Y N 233 
PHE CG  CD2  sing Y N 234 
PHE CD1 CE1  sing Y N 235 
PHE CD1 HD1  sing N N 236 
PHE CD2 CE2  doub Y N 237 
PHE CD2 HD2  sing N N 238 
PHE CE1 CZ   doub Y N 239 
PHE CE1 HE1  sing N N 240 
PHE CE2 CZ   sing Y N 241 
PHE CE2 HE2  sing N N 242 
PHE CZ  HZ   sing N N 243 
PHE OXT HXT  sing N N 244 
PRO N   CA   sing N N 245 
PRO N   CD   sing N N 246 
PRO N   H    sing N N 247 
PRO CA  C    sing N N 248 
PRO CA  CB   sing N N 249 
PRO CA  HA   sing N N 250 
PRO C   O    doub N N 251 
PRO C   OXT  sing N N 252 
PRO CB  CG   sing N N 253 
PRO CB  HB2  sing N N 254 
PRO CB  HB3  sing N N 255 
PRO CG  CD   sing N N 256 
PRO CG  HG2  sing N N 257 
PRO CG  HG3  sing N N 258 
PRO CD  HD2  sing N N 259 
PRO CD  HD3  sing N N 260 
PRO OXT HXT  sing N N 261 
PTR N   CA   sing N N 262 
PTR N   H    sing N N 263 
PTR N   H2   sing N N 264 
PTR CA  C    sing N N 265 
PTR CA  CB   sing N N 266 
PTR CA  HA   sing N N 267 
PTR C   O    doub N N 268 
PTR C   OXT  sing N N 269 
PTR OXT HXT  sing N N 270 
PTR CB  CG   sing N N 271 
PTR CB  HB2  sing N N 272 
PTR CB  HB3  sing N N 273 
PTR CG  CD1  doub Y N 274 
PTR CG  CD2  sing Y N 275 
PTR CD1 CE1  sing Y N 276 
PTR CD1 HD1  sing N N 277 
PTR CD2 CE2  doub Y N 278 
PTR CD2 HD2  sing N N 279 
PTR CE1 CZ   doub Y N 280 
PTR CE1 HE1  sing N N 281 
PTR CE2 CZ   sing Y N 282 
PTR CE2 HE2  sing N N 283 
PTR CZ  OH   sing N N 284 
PTR OH  P    sing N N 285 
PTR P   O1P  doub N N 286 
PTR P   O2P  sing N N 287 
PTR P   O3P  sing N N 288 
PTR O2P HO2P sing N N 289 
PTR O3P HO3P sing N N 290 
SER N   CA   sing N N 291 
SER N   H    sing N N 292 
SER N   H2   sing N N 293 
SER CA  C    sing N N 294 
SER CA  CB   sing N N 295 
SER CA  HA   sing N N 296 
SER C   O    doub N N 297 
SER C   OXT  sing N N 298 
SER CB  OG   sing N N 299 
SER CB  HB2  sing N N 300 
SER CB  HB3  sing N N 301 
SER OG  HG   sing N N 302 
SER OXT HXT  sing N N 303 
THR N   CA   sing N N 304 
THR N   H    sing N N 305 
THR N   H2   sing N N 306 
THR CA  C    sing N N 307 
THR CA  CB   sing N N 308 
THR CA  HA   sing N N 309 
THR C   O    doub N N 310 
THR C   OXT  sing N N 311 
THR CB  OG1  sing N N 312 
THR CB  CG2  sing N N 313 
THR CB  HB   sing N N 314 
THR OG1 HG1  sing N N 315 
THR CG2 HG21 sing N N 316 
THR CG2 HG22 sing N N 317 
THR CG2 HG23 sing N N 318 
THR OXT HXT  sing N N 319 
TRP N   CA   sing N N 320 
TRP N   H    sing N N 321 
TRP N   H2   sing N N 322 
TRP CA  C    sing N N 323 
TRP CA  CB   sing N N 324 
TRP CA  HA   sing N N 325 
TRP C   O    doub N N 326 
TRP C   OXT  sing N N 327 
TRP CB  CG   sing N N 328 
TRP CB  HB2  sing N N 329 
TRP CB  HB3  sing N N 330 
TRP CG  CD1  doub Y N 331 
TRP CG  CD2  sing Y N 332 
TRP CD1 NE1  sing Y N 333 
TRP CD1 HD1  sing N N 334 
TRP CD2 CE2  doub Y N 335 
TRP CD2 CE3  sing Y N 336 
TRP NE1 CE2  sing Y N 337 
TRP NE1 HE1  sing N N 338 
TRP CE2 CZ2  sing Y N 339 
TRP CE3 CZ3  doub Y N 340 
TRP CE3 HE3  sing N N 341 
TRP CZ2 CH2  doub Y N 342 
TRP CZ2 HZ2  sing N N 343 
TRP CZ3 CH2  sing Y N 344 
TRP CZ3 HZ3  sing N N 345 
TRP CH2 HH2  sing N N 346 
TRP OXT HXT  sing N N 347 
TYR N   CA   sing N N 348 
TYR N   H    sing N N 349 
TYR N   H2   sing N N 350 
TYR CA  C    sing N N 351 
TYR CA  CB   sing N N 352 
TYR CA  HA   sing N N 353 
TYR C   O    doub N N 354 
TYR C   OXT  sing N N 355 
TYR CB  CG   sing N N 356 
TYR CB  HB2  sing N N 357 
TYR CB  HB3  sing N N 358 
TYR CG  CD1  doub Y N 359 
TYR CG  CD2  sing Y N 360 
TYR CD1 CE1  sing Y N 361 
TYR CD1 HD1  sing N N 362 
TYR CD2 CE2  doub Y N 363 
TYR CD2 HD2  sing N N 364 
TYR CE1 CZ   doub Y N 365 
TYR CE1 HE1  sing N N 366 
TYR CE2 CZ   sing Y N 367 
TYR CE2 HE2  sing N N 368 
TYR CZ  OH   sing N N 369 
TYR OH  HH   sing N N 370 
TYR OXT HXT  sing N N 371 
VAL N   CA   sing N N 372 
VAL N   H    sing N N 373 
VAL N   H2   sing N N 374 
VAL CA  C    sing N N 375 
VAL CA  CB   sing N N 376 
VAL CA  HA   sing N N 377 
VAL C   O    doub N N 378 
VAL C   OXT  sing N N 379 
VAL CB  CG1  sing N N 380 
VAL CB  CG2  sing N N 381 
VAL CB  HB   sing N N 382 
VAL CG1 HG11 sing N N 383 
VAL CG1 HG12 sing N N 384 
VAL CG1 HG13 sing N N 385 
VAL CG2 HG21 sing N N 386 
VAL CG2 HG22 sing N N 387 
VAL CG2 HG23 sing N N 388 
VAL OXT HXT  sing N N 389 
# 
_atom_sites.entry_id                    1AYB 
_atom_sites.fract_transf_matrix[1][1]   -0.01505888 
_atom_sites.fract_transf_matrix[1][2]   -0.00235880 
_atom_sites.fract_transf_matrix[1][3]   0.00451803 
_atom_sites.fract_transf_matrix[2][1]   -0.00429976 
_atom_sites.fract_transf_matrix[2][2]   -0.00168719 
_atom_sites.fract_transf_matrix[2][3]   -0.01521223 
_atom_sites.fract_transf_matrix[3][1]   0.00221239 
_atom_sites.fract_transf_matrix[3][2]   -0.01263734 
_atom_sites.fract_transf_matrix[3][3]   0.00077627 
_atom_sites.fract_transf_vector[1]      0.290089 
_atom_sites.fract_transf_vector[2]      0.155820 
_atom_sites.fract_transf_vector[3]      0.305775 
# 
loop_
_atom_type.symbol 
C 
N 
O 
P 
S 
# 
loop_
_atom_site.group_PDB 
_atom_site.id 
_atom_site.type_symbol 
_atom_site.label_atom_id 
_atom_site.label_alt_id 
_atom_site.label_comp_id 
_atom_site.label_asym_id 
_atom_site.label_entity_id 
_atom_site.label_seq_id 
_atom_site.pdbx_PDB_ins_code 
_atom_site.Cartn_x 
_atom_site.Cartn_y 
_atom_site.Cartn_z 
_atom_site.occupancy 
_atom_site.B_iso_or_equiv 
_atom_site.pdbx_formal_charge 
_atom_site.auth_seq_id 
_atom_site.auth_comp_id 
_atom_site.auth_asym_id 
_atom_site.auth_atom_id 
_atom_site.pdbx_PDB_model_num 
ATOM   1   N N   . ARG A 1 2   ? -1.800  -10.687 7.234   1.00 10.04 ? 4   ARG A N   1 
ATOM   2   C CA  . ARG A 1 2   ? -1.447  -10.608 8.641   1.00 10.82 ? 4   ARG A CA  1 
ATOM   3   C C   . ARG A 1 2   ? -2.201  -9.429  9.263   1.00 9.63  ? 4   ARG A C   1 
ATOM   4   O O   . ARG A 1 2   ? -3.065  -8.877  8.581   1.00 8.66  ? 4   ARG A O   1 
ATOM   5   C CB  . ARG A 1 2   ? 0.047   -10.384 8.761   1.00 12.72 ? 4   ARG A CB  1 
ATOM   6   C CG  . ARG A 1 2   ? 0.924   -11.419 8.041   1.00 13.69 ? 4   ARG A CG  1 
ATOM   7   C CD  . ARG A 1 2   ? 2.362   -11.242 8.535   1.00 13.98 ? 4   ARG A CD  1 
ATOM   8   N N   . ARG A 1 3   ? -1.913  -8.975  10.482  1.00 8.14  ? 5   ARG A N   1 
ATOM   9   C CA  . ARG A 1 3   ? -2.531  -7.784  11.082  1.00 6.52  ? 5   ARG A CA  1 
ATOM   10  C C   . ARG A 1 3   ? -2.218  -6.441  10.412  1.00 5.72  ? 5   ARG A C   1 
ATOM   11  O O   . ARG A 1 3   ? -2.535  -5.398  10.948  1.00 6.34  ? 5   ARG A O   1 
ATOM   12  C CB  . ARG A 1 3   ? -2.120  -7.644  12.531  1.00 5.78  ? 5   ARG A CB  1 
ATOM   13  N N   . TRP A 1 4   ? -1.633  -6.354  9.211   1.00 3.81  ? 6   TRP A N   1 
ATOM   14  C CA  . TRP A 1 4   ? -1.437  -5.074  8.560   1.00 2.32  ? 6   TRP A CA  1 
ATOM   15  C C   . TRP A 1 4   ? -2.704  -4.727  7.771   1.00 2.24  ? 6   TRP A C   1 
ATOM   16  O O   . TRP A 1 4   ? -2.783  -3.733  7.035   1.00 2.00  ? 6   TRP A O   1 
ATOM   17  C CB  . TRP A 1 4   ? -0.222  -5.168  7.641   1.00 2.00  ? 6   TRP A CB  1 
ATOM   18  C CG  . TRP A 1 4   ? -0.168  -6.340  6.642   1.00 2.00  ? 6   TRP A CG  1 
ATOM   19  C CD1 . TRP A 1 4   ? 0.726   -7.366  6.842   1.00 2.15  ? 6   TRP A CD1 1 
ATOM   20  C CD2 . TRP A 1 4   ? -0.950  -6.572  5.530   1.00 2.09  ? 6   TRP A CD2 1 
ATOM   21  N NE1 . TRP A 1 4   ? 0.532   -8.249  5.897   1.00 2.00  ? 6   TRP A NE1 1 
ATOM   22  C CE2 . TRP A 1 4   ? -0.457  -7.814  5.111   1.00 2.00  ? 6   TRP A CE2 1 
ATOM   23  C CE3 . TRP A 1 4   ? -1.980  -5.956  4.822   1.00 2.00  ? 6   TRP A CE3 1 
ATOM   24  C CZ2 . TRP A 1 4   ? -0.990  -8.449  4.001   1.00 2.00  ? 6   TRP A CZ2 1 
ATOM   25  C CZ3 . TRP A 1 4   ? -2.514  -6.594  3.710   1.00 2.19  ? 6   TRP A CZ3 1 
ATOM   26  C CH2 . TRP A 1 4   ? -2.025  -7.831  3.305   1.00 2.77  ? 6   TRP A CH2 1 
ATOM   27  N N   . PHE A 1 5   ? -3.700  -5.607  7.893   1.00 2.47  ? 7   PHE A N   1 
ATOM   28  C CA  . PHE A 1 5   ? -4.952  -5.552  7.184   1.00 3.15  ? 7   PHE A CA  1 
ATOM   29  C C   . PHE A 1 5   ? -6.017  -4.915  8.078   1.00 3.70  ? 7   PHE A C   1 
ATOM   30  O O   . PHE A 1 5   ? -6.226  -5.229  9.243   1.00 2.68  ? 7   PHE A O   1 
ATOM   31  C CB  . PHE A 1 5   ? -5.275  -6.984  6.772   1.00 2.19  ? 7   PHE A CB  1 
ATOM   32  C CG  . PHE A 1 5   ? -6.493  -7.068  5.896   1.00 2.00  ? 7   PHE A CG  1 
ATOM   33  C CD1 . PHE A 1 5   ? -6.609  -6.234  4.789   1.00 2.00  ? 7   PHE A CD1 1 
ATOM   34  C CD2 . PHE A 1 5   ? -7.524  -7.942  6.239   1.00 2.00  ? 7   PHE A CD2 1 
ATOM   35  C CE1 . PHE A 1 5   ? -7.772  -6.271  4.034   1.00 2.00  ? 7   PHE A CE1 1 
ATOM   36  C CE2 . PHE A 1 5   ? -8.682  -7.970  5.471   1.00 2.00  ? 7   PHE A CE2 1 
ATOM   37  C CZ  . PHE A 1 5   ? -8.807  -7.134  4.374   1.00 2.00  ? 7   PHE A CZ  1 
ATOM   38  N N   . HIS A 1 6   ? -6.687  -3.940  7.504   1.00 5.60  ? 8   HIS A N   1 
ATOM   39  C CA  . HIS A 1 6   ? -7.715  -3.172  8.150   1.00 7.44  ? 8   HIS A CA  1 
ATOM   40  C C   . HIS A 1 6   ? -8.893  -3.175  7.211   1.00 9.00  ? 8   HIS A C   1 
ATOM   41  O O   . HIS A 1 6   ? -8.827  -2.473  6.206   1.00 9.21  ? 8   HIS A O   1 
ATOM   42  C CB  . HIS A 1 6   ? -7.263  -1.762  8.347   1.00 8.59  ? 8   HIS A CB  1 
ATOM   43  C CG  . HIS A 1 6   ? -6.129  -1.701  9.337   1.00 9.82  ? 8   HIS A CG  1 
ATOM   44  N ND1 . HIS A 1 6   ? -6.202  -1.392  10.622  1.00 9.97  ? 8   HIS A ND1 1 
ATOM   45  C CD2 . HIS A 1 6   ? -4.814  -1.973  9.041   1.00 10.96 ? 8   HIS A CD2 1 
ATOM   46  C CE1 . HIS A 1 6   ? -4.982  -1.468  11.110  1.00 11.04 ? 8   HIS A CE1 1 
ATOM   47  N NE2 . HIS A 1 6   ? -4.156  -1.817  10.152  1.00 10.84 ? 8   HIS A NE2 1 
ATOM   48  N N   . PRO A 1 7   ? -9.968  -3.944  7.443   1.00 12.19 ? 9   PRO A N   1 
ATOM   49  C CA  . PRO A 1 7   ? -11.170 -3.941  6.629   1.00 12.24 ? 9   PRO A CA  1 
ATOM   50  C C   . PRO A 1 7   ? -12.193 -2.891  7.012   1.00 16.12 ? 9   PRO A C   1 
ATOM   51  O O   . PRO A 1 7   ? -13.102 -2.568  6.263   1.00 17.14 ? 9   PRO A O   1 
ATOM   52  C CB  . PRO A 1 7   ? -11.693 -5.341  6.766   1.00 12.44 ? 9   PRO A CB  1 
ATOM   53  C CG  . PRO A 1 7   ? -11.394 -5.656  8.202   1.00 11.32 ? 9   PRO A CG  1 
ATOM   54  C CD  . PRO A 1 7   ? -10.007 -5.063  8.383   1.00 11.09 ? 9   PRO A CD  1 
ATOM   55  N N   . ASN A 1 8   ? -12.063 -2.370  8.220   1.00 19.50 ? 10  ASN A N   1 
ATOM   56  C CA  . ASN A 1 8   ? -13.000 -1.431  8.815   1.00 21.52 ? 10  ASN A CA  1 
ATOM   57  C C   . ASN A 1 8   ? -12.709 0.021   8.456   1.00 21.66 ? 10  ASN A C   1 
ATOM   58  O O   . ASN A 1 8   ? -13.568 0.892   8.602   1.00 22.80 ? 10  ASN A O   1 
ATOM   59  C CB  . ASN A 1 8   ? -12.935 -1.585  10.343  1.00 23.48 ? 10  ASN A CB  1 
ATOM   60  C CG  . ASN A 1 8   ? -11.544 -1.280  10.952  1.00 25.67 ? 10  ASN A CG  1 
ATOM   61  O OD1 . ASN A 1 8   ? -10.509 -1.683  10.403  1.00 25.88 ? 10  ASN A OD1 1 
ATOM   62  N ND2 . ASN A 1 8   ? -11.392 -0.566  12.065  1.00 26.35 ? 10  ASN A ND2 1 
ATOM   63  N N   . ILE A 1 9   ? -11.489 0.313   8.010   1.00 21.72 ? 11  ILE A N   1 
ATOM   64  C CA  . ILE A 1 9   ? -11.025 1.686   7.880   1.00 21.67 ? 11  ILE A CA  1 
ATOM   65  C C   . ILE A 1 9   ? -11.176 2.390   6.511   1.00 22.34 ? 11  ILE A C   1 
ATOM   66  O O   . ILE A 1 9   ? -11.150 1.784   5.437   1.00 23.48 ? 11  ILE A O   1 
ATOM   67  C CB  . ILE A 1 9   ? -9.585  1.528   8.487   1.00 21.40 ? 11  ILE A CB  1 
ATOM   68  C CG1 . ILE A 1 9   ? -9.833  1.756   9.964   1.00 21.56 ? 11  ILE A CG1 1 
ATOM   69  C CG2 . ILE A 1 9   ? -8.505  2.463   7.998   1.00 20.68 ? 11  ILE A CG2 1 
ATOM   70  C CD1 . ILE A 1 9   ? -8.769  1.290   10.984  1.00 22.52 ? 11  ILE A CD1 1 
ATOM   71  N N   . THR A 1 10  ? -11.428 3.703   6.571   1.00 21.90 ? 12  THR A N   1 
ATOM   72  C CA  . THR A 1 10  ? -11.639 4.574   5.425   1.00 21.50 ? 12  THR A CA  1 
ATOM   73  C C   . THR A 1 10  ? -10.303 5.211   5.070   1.00 21.70 ? 12  THR A C   1 
ATOM   74  O O   . THR A 1 10  ? -9.365  5.163   5.867   1.00 21.68 ? 12  THR A O   1 
ATOM   75  C CB  . THR A 1 10  ? -12.688 5.680   5.800   1.00 21.38 ? 12  THR A CB  1 
ATOM   76  O OG1 . THR A 1 10  ? -12.185 6.398   6.931   1.00 21.88 ? 12  THR A OG1 1 
ATOM   77  C CG2 . THR A 1 10  ? -14.036 5.126   6.220   1.00 21.52 ? 12  THR A CG2 1 
ATOM   78  N N   . GLY A 1 11  ? -10.196 5.916   3.942   1.00 22.04 ? 13  GLY A N   1 
ATOM   79  C CA  . GLY A 1 11  ? -8.977  6.643   3.575   1.00 22.06 ? 13  GLY A CA  1 
ATOM   80  C C   . GLY A 1 11  ? -8.498  7.602   4.666   1.00 21.55 ? 13  GLY A C   1 
ATOM   81  O O   . GLY A 1 11  ? -7.314  7.605   5.015   1.00 22.36 ? 13  GLY A O   1 
ATOM   82  N N   . VAL A 1 12  ? -9.432  8.377   5.256   1.00 20.96 ? 14  VAL A N   1 
ATOM   83  C CA  . VAL A 1 12  ? -9.160  9.343   6.344   1.00 20.34 ? 14  VAL A CA  1 
ATOM   84  C C   . VAL A 1 12  ? -8.602  8.687   7.610   1.00 18.41 ? 14  VAL A C   1 
ATOM   85  O O   . VAL A 1 12  ? -7.651  9.215   8.203   1.00 17.75 ? 14  VAL A O   1 
ATOM   86  C CB  . VAL A 1 12  ? -10.466 10.145  6.725   1.00 20.41 ? 14  VAL A CB  1 
ATOM   87  C CG1 . VAL A 1 12  ? -10.277 10.959  8.014   1.00 19.77 ? 14  VAL A CG1 1 
ATOM   88  C CG2 . VAL A 1 12  ? -10.815 11.114  5.588   1.00 20.08 ? 14  VAL A CG2 1 
ATOM   89  N N   . GLU A 1 13  ? -9.155  7.554   8.047   1.00 17.73 ? 15  GLU A N   1 
ATOM   90  C CA  . GLU A 1 13  ? -8.588  6.906   9.209   1.00 17.52 ? 15  GLU A CA  1 
ATOM   91  C C   . GLU A 1 13  ? -7.198  6.393   8.860   1.00 14.69 ? 15  GLU A C   1 
ATOM   92  O O   . GLU A 1 13  ? -6.307  6.521   9.692   1.00 16.02 ? 15  GLU A O   1 
ATOM   93  C CB  . GLU A 1 13  ? -9.447  5.757   9.662   1.00 20.01 ? 15  GLU A CB  1 
ATOM   94  C CG  . GLU A 1 13  ? -10.808 6.234   10.110  1.00 21.96 ? 15  GLU A CG  1 
ATOM   95  C CD  . GLU A 1 13  ? -11.723 5.078   10.498  1.00 24.13 ? 15  GLU A CD  1 
ATOM   96  O OE1 . GLU A 1 13  ? -11.496 4.447   11.540  1.00 25.22 ? 15  GLU A OE1 1 
ATOM   97  O OE2 . GLU A 1 13  ? -12.668 4.809   9.752   1.00 25.49 ? 15  GLU A OE2 1 
ATOM   98  N N   . ALA A 1 14  ? -6.901  5.881   7.674   1.00 10.66 ? 16  ALA A N   1 
ATOM   99  C CA  . ALA A 1 14  ? -5.555  5.470   7.374   1.00 7.30  ? 16  ALA A CA  1 
ATOM   100 C C   . ALA A 1 14  ? -4.661  6.689   7.435   1.00 6.30  ? 16  ALA A C   1 
ATOM   101 O O   . ALA A 1 14  ? -3.492  6.543   7.785   1.00 6.44  ? 16  ALA A O   1 
ATOM   102 C CB  . ALA A 1 14  ? -5.475  4.882   6.001   1.00 5.95  ? 16  ALA A CB  1 
ATOM   103 N N   . GLU A 1 15  ? -5.124  7.902   7.140   1.00 5.15  ? 17  GLU A N   1 
ATOM   104 C CA  . GLU A 1 15  ? -4.275  9.057   7.362   1.00 4.57  ? 17  GLU A CA  1 
ATOM   105 C C   . GLU A 1 15  ? -4.072  9.273   8.862   1.00 4.65  ? 17  GLU A C   1 
ATOM   106 O O   . GLU A 1 15  ? -2.947  9.331   9.364   1.00 4.98  ? 17  GLU A O   1 
ATOM   107 C CB  . GLU A 1 15  ? -4.894  10.297  6.781   1.00 5.01  ? 17  GLU A CB  1 
ATOM   108 C CG  . GLU A 1 15  ? -4.194  10.676  5.505   1.00 6.46  ? 17  GLU A CG  1 
ATOM   109 C CD  . GLU A 1 15  ? -5.083  10.562  4.286   1.00 7.03  ? 17  GLU A CD  1 
ATOM   110 O OE1 . GLU A 1 15  ? -5.316  9.446   3.834   1.00 5.65  ? 17  GLU A OE1 1 
ATOM   111 O OE2 . GLU A 1 15  ? -5.537  11.595  3.790   1.00 8.14  ? 17  GLU A OE2 1 
ATOM   112 N N   . ASN A 1 16  ? -5.144  9.333   9.647   1.00 4.62  ? 18  ASN A N   1 
ATOM   113 C CA  . ASN A 1 16  ? -5.026  9.602   11.071  1.00 5.08  ? 18  ASN A CA  1 
ATOM   114 C C   . ASN A 1 16  ? -4.160  8.574   11.772  1.00 4.15  ? 18  ASN A C   1 
ATOM   115 O O   . ASN A 1 16  ? -3.323  8.988   12.568  1.00 5.32  ? 18  ASN A O   1 
ATOM   116 C CB  . ASN A 1 16  ? -6.399  9.629   11.776  1.00 6.29  ? 18  ASN A CB  1 
ATOM   117 C CG  . ASN A 1 16  ? -7.430  10.665  11.300  1.00 6.65  ? 18  ASN A CG  1 
ATOM   118 O OD1 . ASN A 1 16  ? -8.520  10.772  11.872  1.00 7.29  ? 18  ASN A OD1 1 
ATOM   119 N ND2 . ASN A 1 16  ? -7.206  11.443  10.243  1.00 6.87  ? 18  ASN A ND2 1 
ATOM   120 N N   . LEU A 1 17  ? -4.237  7.272   11.534  1.00 2.82  ? 19  LEU A N   1 
ATOM   121 C CA  . LEU A 1 17  ? -3.325  6.317   12.143  1.00 2.84  ? 19  LEU A CA  1 
ATOM   122 C C   . LEU A 1 17  ? -1.880  6.446   11.652  1.00 3.48  ? 19  LEU A C   1 
ATOM   123 O O   . LEU A 1 17  ? -0.978  6.473   12.498  1.00 3.60  ? 19  LEU A O   1 
ATOM   124 C CB  . LEU A 1 17  ? -3.696  4.890   11.866  1.00 3.36  ? 19  LEU A CB  1 
ATOM   125 C CG  . LEU A 1 17  ? -4.653  4.111   12.718  1.00 3.67  ? 19  LEU A CG  1 
ATOM   126 C CD1 . LEU A 1 17  ? -6.094  4.374   12.271  1.00 5.42  ? 19  LEU A CD1 1 
ATOM   127 C CD2 . LEU A 1 17  ? -4.319  2.626   12.588  1.00 3.63  ? 19  LEU A CD2 1 
ATOM   128 N N   . LEU A 1 18  ? -1.541  6.528   10.353  1.00 2.77  ? 20  LEU A N   1 
ATOM   129 C CA  . LEU A 1 18  ? -0.149  6.613   9.954   1.00 2.00  ? 20  LEU A CA  1 
ATOM   130 C C   . LEU A 1 18  ? 0.454   7.919   10.445  1.00 2.00  ? 20  LEU A C   1 
ATOM   131 O O   . LEU A 1 18  ? 1.660   7.995   10.623  1.00 2.00  ? 20  LEU A O   1 
ATOM   132 C CB  . LEU A 1 18  ? -0.075  6.476   8.440   1.00 2.00  ? 20  LEU A CB  1 
ATOM   133 C CG  . LEU A 1 18  ? -0.410  5.102   7.878   1.00 2.00  ? 20  LEU A CG  1 
ATOM   134 C CD1 . LEU A 1 18  ? -0.652  5.222   6.412   1.00 2.00  ? 20  LEU A CD1 1 
ATOM   135 C CD2 . LEU A 1 18  ? 0.722   4.140   8.112   1.00 2.00  ? 20  LEU A CD2 1 
ATOM   136 N N   . LEU A 1 19  ? -0.332  8.947   10.751  1.00 2.00  ? 21  LEU A N   1 
ATOM   137 C CA  . LEU A 1 19  ? 0.235   10.170  11.243  1.00 2.00  ? 21  LEU A CA  1 
ATOM   138 C C   . LEU A 1 19  ? 0.513   10.148  12.730  1.00 2.14  ? 21  LEU A C   1 
ATOM   139 O O   . LEU A 1 19  ? 1.631   10.416  13.193  1.00 2.70  ? 21  LEU A O   1 
ATOM   140 C CB  . LEU A 1 19  ? -0.714  11.247  10.867  1.00 2.00  ? 21  LEU A CB  1 
ATOM   141 C CG  . LEU A 1 19  ? -0.800  11.370  9.355   1.00 2.00  ? 21  LEU A CG  1 
ATOM   142 C CD1 . LEU A 1 19  ? -1.823  12.407  8.975   1.00 2.00  ? 21  LEU A CD1 1 
ATOM   143 C CD2 . LEU A 1 19  ? 0.567   11.721  8.798   1.00 2.00  ? 21  LEU A CD2 1 
ATOM   144 N N   . THR A 1 20  ? -0.486  9.797   13.527  1.00 2.00  ? 22  THR A N   1 
ATOM   145 C CA  . THR A 1 20  ? -0.293  9.788   14.960  1.00 2.00  ? 22  THR A CA  1 
ATOM   146 C C   . THR A 1 20  ? 0.626   8.660   15.455  1.00 2.60  ? 22  THR A C   1 
ATOM   147 O O   . THR A 1 20  ? 1.670   8.942   16.069  1.00 3.42  ? 22  THR A O   1 
ATOM   148 C CB  . THR A 1 20  ? -1.681  9.720   15.659  1.00 2.00  ? 22  THR A CB  1 
ATOM   149 O OG1 . THR A 1 20  ? -2.352  8.518   15.304  1.00 2.00  ? 22  THR A OG1 1 
ATOM   150 C CG2 . THR A 1 20  ? -2.533  10.920  15.272  1.00 2.00  ? 22  THR A CG2 1 
ATOM   151 N N   . ARG A 1 21  ? 0.254   7.405   15.165  1.00 2.47  ? 23  ARG A N   1 
ATOM   152 C CA  . ARG A 1 21  ? 0.932   6.163   15.508  1.00 3.04  ? 23  ARG A CA  1 
ATOM   153 C C   . ARG A 1 21  ? 2.051   5.618   14.594  1.00 2.12  ? 23  ARG A C   1 
ATOM   154 O O   . ARG A 1 21  ? 2.772   4.667   14.948  1.00 2.00  ? 23  ARG A O   1 
ATOM   155 C CB  . ARG A 1 21  ? -0.104  5.046   15.637  1.00 5.44  ? 23  ARG A CB  1 
ATOM   156 C CG  . ARG A 1 21  ? -1.174  5.153   16.708  1.00 8.96  ? 23  ARG A CG  1 
ATOM   157 C CD  . ARG A 1 21  ? -1.825  3.812   17.117  1.00 11.75 ? 23  ARG A CD  1 
ATOM   158 N NE  . ARG A 1 21  ? -0.864  2.831   17.647  1.00 15.22 ? 23  ARG A NE  1 
ATOM   159 C CZ  . ARG A 1 21  ? -0.473  2.705   18.946  1.00 16.74 ? 23  ARG A CZ  1 
ATOM   160 N NH1 . ARG A 1 21  ? -0.923  3.475   19.973  1.00 16.29 ? 23  ARG A NH1 1 
ATOM   161 N NH2 . ARG A 1 21  ? 0.471   1.782   19.203  1.00 17.63 ? 23  ARG A NH2 1 
ATOM   162 N N   . GLY A 1 22  ? 2.269   6.148   13.407  1.00 2.08  ? 24  GLY A N   1 
ATOM   163 C CA  . GLY A 1 22  ? 3.201   5.515   12.499  1.00 2.00  ? 24  GLY A CA  1 
ATOM   164 C C   . GLY A 1 22  ? 4.500   6.245   12.475  1.00 2.00  ? 24  GLY A C   1 
ATOM   165 O O   . GLY A 1 22  ? 4.666   7.319   13.056  1.00 2.00  ? 24  GLY A O   1 
ATOM   166 N N   . VAL A 1 23  ? 5.440   5.594   11.831  1.00 2.00  ? 25  VAL A N   1 
ATOM   167 C CA  . VAL A 1 23  ? 6.732   6.176   11.588  1.00 2.00  ? 25  VAL A CA  1 
ATOM   168 C C   . VAL A 1 23  ? 6.916   5.978   10.081  1.00 2.67  ? 25  VAL A C   1 
ATOM   169 O O   . VAL A 1 23  ? 6.125   5.231   9.486   1.00 2.05  ? 25  VAL A O   1 
ATOM   170 C CB  . VAL A 1 23  ? 7.857   5.459   12.384  1.00 2.00  ? 25  VAL A CB  1 
ATOM   171 C CG1 . VAL A 1 23  ? 7.578   5.672   13.818  1.00 2.00  ? 25  VAL A CG1 1 
ATOM   172 C CG2 . VAL A 1 23  ? 7.926   3.978   12.165  1.00 2.00  ? 25  VAL A CG2 1 
ATOM   173 N N   . ASP A 1 24  ? 7.924   6.611   9.427   1.00 3.06  ? 26  ASP A N   1 
ATOM   174 C CA  . ASP A 1 24  ? 8.158   6.495   7.980   1.00 3.45  ? 26  ASP A CA  1 
ATOM   175 C C   . ASP A 1 24  ? 8.512   5.080   7.628   1.00 2.46  ? 26  ASP A C   1 
ATOM   176 O O   . ASP A 1 24  ? 9.466   4.539   8.164   1.00 3.79  ? 26  ASP A O   1 
ATOM   177 C CB  . ASP A 1 24  ? 9.305   7.394   7.481   1.00 3.95  ? 26  ASP A CB  1 
ATOM   178 C CG  . ASP A 1 24  ? 8.973   8.881   7.292   1.00 5.86  ? 26  ASP A CG  1 
ATOM   179 O OD1 . ASP A 1 24  ? 7.808   9.252   7.170   1.00 6.05  ? 26  ASP A OD1 1 
ATOM   180 O OD2 . ASP A 1 24  ? 9.887   9.702   7.249   1.00 6.73  ? 26  ASP A OD2 1 
ATOM   181 N N   . GLY A 1 25  ? 7.746   4.453   6.773   1.00 2.00  ? 27  GLY A N   1 
ATOM   182 C CA  . GLY A 1 25  ? 7.972   3.075   6.480   1.00 2.00  ? 27  GLY A CA  1 
ATOM   183 C C   . GLY A 1 25  ? 6.792   2.304   6.987   1.00 2.34  ? 27  GLY A C   1 
ATOM   184 O O   . GLY A 1 25  ? 6.717   1.145   6.613   1.00 2.97  ? 27  GLY A O   1 
ATOM   185 N N   . SER A 1 26  ? 5.903   2.846   7.842   1.00 2.76  ? 28  SER A N   1 
ATOM   186 C CA  . SER A 1 26  ? 4.686   2.189   8.311   1.00 2.67  ? 28  SER A CA  1 
ATOM   187 C C   . SER A 1 26  ? 3.687   2.154   7.184   1.00 3.13  ? 28  SER A C   1 
ATOM   188 O O   . SER A 1 26  ? 3.535   3.154   6.481   1.00 4.68  ? 28  SER A O   1 
ATOM   189 C CB  . SER A 1 26  ? 4.034   2.933   9.452   1.00 2.00  ? 28  SER A CB  1 
ATOM   190 O OG  . SER A 1 26  ? 4.897   2.996   10.577  1.00 2.00  ? 28  SER A OG  1 
ATOM   191 N N   . PHE A 1 27  ? 3.017   1.033   6.982   1.00 2.47  ? 29  PHE A N   1 
ATOM   192 C CA  . PHE A 1 27  ? 2.013   0.889   5.942   1.00 2.00  ? 29  PHE A CA  1 
ATOM   193 C C   . PHE A 1 27  ? 0.809   0.078   6.424   1.00 2.89  ? 29  PHE A C   1 
ATOM   194 O O   . PHE A 1 27  ? 0.878   -0.522  7.507   1.00 2.97  ? 29  PHE A O   1 
ATOM   195 C CB  . PHE A 1 27  ? 2.639   0.202   4.770   1.00 2.00  ? 29  PHE A CB  1 
ATOM   196 C CG  . PHE A 1 27  ? 2.974   -1.276  4.954   1.00 2.00  ? 29  PHE A CG  1 
ATOM   197 C CD1 . PHE A 1 27  ? 2.013   -2.268  4.702   1.00 2.00  ? 29  PHE A CD1 1 
ATOM   198 C CD2 . PHE A 1 27  ? 4.266   -1.641  5.318   1.00 2.11  ? 29  PHE A CD2 1 
ATOM   199 C CE1 . PHE A 1 27  ? 2.347   -3.606  4.813   1.00 2.00  ? 29  PHE A CE1 1 
ATOM   200 C CE2 . PHE A 1 27  ? 4.597   -2.989  5.425   1.00 2.00  ? 29  PHE A CE2 1 
ATOM   201 C CZ  . PHE A 1 27  ? 3.638   -3.966  5.172   1.00 2.00  ? 29  PHE A CZ  1 
ATOM   202 N N   . LEU A 1 28  ? -0.275  -0.050  5.666   1.00 2.00  ? 30  LEU A N   1 
ATOM   203 C CA  . LEU A 1 28  ? -1.381  -0.903  6.052   1.00 2.00  ? 30  LEU A CA  1 
ATOM   204 C C   . LEU A 1 28  ? -2.198  -1.147  4.800   1.00 2.00  ? 30  LEU A C   1 
ATOM   205 O O   . LEU A 1 28  ? -2.008  -0.380  3.849   1.00 2.00  ? 30  LEU A O   1 
ATOM   206 C CB  . LEU A 1 28  ? -2.196  -0.194  7.145   1.00 2.22  ? 30  LEU A CB  1 
ATOM   207 C CG  . LEU A 1 28  ? -2.821  1.183   6.911   1.00 2.19  ? 30  LEU A CG  1 
ATOM   208 C CD1 . LEU A 1 28  ? -4.181  1.024   6.283   1.00 2.55  ? 30  LEU A CD1 1 
ATOM   209 C CD2 . LEU A 1 28  ? -3.099  1.881   8.208   1.00 2.00  ? 30  LEU A CD2 1 
ATOM   210 N N   . ALA A 1 29  ? -3.081  -2.162  4.739   1.00 2.96  ? 31  ALA A N   1 
ATOM   211 C CA  . ALA A 1 29  ? -3.962  -2.366  3.586   1.00 2.59  ? 31  ALA A CA  1 
ATOM   212 C C   . ALA A 1 29  ? -5.367  -2.211  4.109   1.00 2.63  ? 31  ALA A C   1 
ATOM   213 O O   . ALA A 1 29  ? -5.742  -2.623  5.194   1.00 2.00  ? 31  ALA A O   1 
ATOM   214 C CB  . ALA A 1 29  ? -3.899  -3.754  2.940   1.00 2.00  ? 31  ALA A CB  1 
ATOM   215 N N   . ARG A 1 30  ? -6.149  -1.568  3.296   1.00 4.38  ? 32  ARG A N   1 
ATOM   216 C CA  . ARG A 1 30  ? -7.486  -1.160  3.663   1.00 6.11  ? 32  ARG A CA  1 
ATOM   217 C C   . ARG A 1 30  ? -8.414  -1.341  2.455   1.00 8.46  ? 32  ARG A C   1 
ATOM   218 O O   . ARG A 1 30  ? -7.917  -1.436  1.317   1.00 9.15  ? 32  ARG A O   1 
ATOM   219 C CB  . ARG A 1 30  ? -7.403  0.303   4.093   1.00 5.17  ? 32  ARG A CB  1 
ATOM   220 C CG  . ARG A 1 30  ? -6.782  1.119   2.988   1.00 2.60  ? 32  ARG A CG  1 
ATOM   221 C CD  . ARG A 1 30  ? -6.611  2.520   3.412   1.00 2.29  ? 32  ARG A CD  1 
ATOM   222 N NE  . ARG A 1 30  ? -6.614  3.344   2.233   1.00 2.00  ? 32  ARG A NE  1 
ATOM   223 C CZ  . ARG A 1 30  ? -7.746  3.603   1.577   1.00 2.00  ? 32  ARG A CZ  1 
ATOM   224 N NH1 . ARG A 1 30  ? -8.946  3.121   1.935   1.00 2.00  ? 32  ARG A NH1 1 
ATOM   225 N NH2 . ARG A 1 30  ? -7.673  4.455   0.575   1.00 2.00  ? 32  ARG A NH2 1 
ATOM   226 N N   . PRO A 1 31  ? -9.741  -1.378  2.589   1.00 8.76  ? 33  PRO A N   1 
ATOM   227 C CA  . PRO A 1 31  ? -10.647 -1.398  1.462   1.00 8.64  ? 33  PRO A CA  1 
ATOM   228 C C   . PRO A 1 31  ? -10.604 -0.041  0.798   1.00 10.61 ? 33  PRO A C   1 
ATOM   229 O O   . PRO A 1 31  ? -10.391 0.999   1.432   1.00 9.06  ? 33  PRO A O   1 
ATOM   230 C CB  . PRO A 1 31  ? -11.983 -1.724  2.057   1.00 9.18  ? 33  PRO A CB  1 
ATOM   231 C CG  . PRO A 1 31  ? -11.650 -2.200  3.451   1.00 9.00  ? 33  PRO A CG  1 
ATOM   232 C CD  . PRO A 1 31  ? -10.493 -1.308  3.831   1.00 8.70  ? 33  PRO A CD  1 
ATOM   233 N N   . SER A 1 32  ? -10.793 -0.108  -0.508  1.00 12.35 ? 34  SER A N   1 
ATOM   234 C CA  . SER A 1 32  ? -10.752 1.073   -1.328  1.00 15.46 ? 34  SER A CA  1 
ATOM   235 C C   . SER A 1 32  ? -12.079 1.787   -1.256  1.00 18.68 ? 34  SER A C   1 
ATOM   236 O O   . SER A 1 32  ? -13.140 1.134   -1.237  1.00 19.82 ? 34  SER A O   1 
ATOM   237 C CB  . SER A 1 32  ? -10.464 0.684   -2.745  1.00 15.05 ? 34  SER A CB  1 
ATOM   238 O OG  . SER A 1 32  ? -9.863  1.745   -3.457  1.00 15.57 ? 34  SER A OG  1 
ATOM   239 N N   . LYS A 1 33  ? -12.026 3.122   -1.148  1.00 20.35 ? 35  LYS A N   1 
ATOM   240 C CA  . LYS A 1 33  ? -13.277 3.862   -1.148  1.00 23.70 ? 35  LYS A CA  1 
ATOM   241 C C   . LYS A 1 33  ? -13.662 4.079   -2.604  1.00 26.35 ? 35  LYS A C   1 
ATOM   242 O O   . LYS A 1 33  ? -14.848 4.074   -2.934  1.00 27.76 ? 35  LYS A O   1 
ATOM   243 C CB  . LYS A 1 33  ? -13.156 5.230   -0.498  1.00 23.69 ? 35  LYS A CB  1 
ATOM   244 N N   . SER A 1 34  ? -12.672 4.275   -3.492  1.00 27.88 ? 36  SER A N   1 
ATOM   245 C CA  . SER A 1 34  ? -12.946 4.448   -4.909  1.00 29.28 ? 36  SER A CA  1 
ATOM   246 C C   . SER A 1 34  ? -13.465 3.113   -5.452  1.00 30.75 ? 36  SER A C   1 
ATOM   247 O O   . SER A 1 34  ? -14.652 2.991   -5.779  1.00 31.79 ? 36  SER A O   1 
ATOM   248 C CB  . SER A 1 34  ? -11.676 4.840   -5.708  1.00 29.13 ? 36  SER A CB  1 
ATOM   249 O OG  . SER A 1 34  ? -10.864 5.878   -5.159  1.00 28.32 ? 36  SER A OG  1 
ATOM   250 N N   . ASN A 1 35  ? -12.646 2.054   -5.501  1.00 30.88 ? 37  ASN A N   1 
ATOM   251 C CA  . ASN A 1 35  ? -13.103 0.836   -6.142  1.00 31.25 ? 37  ASN A CA  1 
ATOM   252 C C   . ASN A 1 35  ? -13.527 -0.196  -5.102  1.00 30.58 ? 37  ASN A C   1 
ATOM   253 O O   . ASN A 1 35  ? -12.663 -0.720  -4.380  1.00 31.63 ? 37  ASN A O   1 
ATOM   254 C CB  . ASN A 1 35  ? -11.980 0.296   -7.040  1.00 32.86 ? 37  ASN A CB  1 
ATOM   255 C CG  . ASN A 1 35  ? -11.665 1.171   -8.254  1.00 34.03 ? 37  ASN A CG  1 
ATOM   256 O OD1 . ASN A 1 35  ? -11.511 2.388   -8.133  1.00 35.03 ? 37  ASN A OD1 1 
ATOM   257 N ND2 . ASN A 1 35  ? -11.549 0.648   -9.478  1.00 35.35 ? 37  ASN A ND2 1 
ATOM   258 N N   . PRO A 1 36  ? -14.835 -0.505  -4.949  1.00 29.23 ? 38  PRO A N   1 
ATOM   259 C CA  . PRO A 1 36  ? -15.361 -1.457  -3.963  1.00 27.72 ? 38  PRO A CA  1 
ATOM   260 C C   . PRO A 1 36  ? -14.892 -2.884  -4.212  1.00 26.25 ? 38  PRO A C   1 
ATOM   261 O O   . PRO A 1 36  ? -14.968 -3.389  -5.335  1.00 26.84 ? 38  PRO A O   1 
ATOM   262 C CB  . PRO A 1 36  ? -16.866 -1.303  -4.059  1.00 27.90 ? 38  PRO A CB  1 
ATOM   263 C CG  . PRO A 1 36  ? -17.009 0.107   -4.584  1.00 28.42 ? 38  PRO A CG  1 
ATOM   264 C CD  . PRO A 1 36  ? -15.935 0.142   -5.647  1.00 28.95 ? 38  PRO A CD  1 
ATOM   265 N N   . GLY A 1 37  ? -14.399 -3.560  -3.179  1.00 25.20 ? 39  GLY A N   1 
ATOM   266 C CA  . GLY A 1 37  ? -13.912 -4.924  -3.342  1.00 22.93 ? 39  GLY A CA  1 
ATOM   267 C C   . GLY A 1 37  ? -12.440 -4.926  -3.724  1.00 22.03 ? 39  GLY A C   1 
ATOM   268 O O   . GLY A 1 37  ? -11.861 -5.981  -4.015  1.00 22.14 ? 39  GLY A O   1 
ATOM   269 N N   . ASP A 1 38  ? -11.834 -3.739  -3.804  1.00 20.33 ? 40  ASP A N   1 
ATOM   270 C CA  . ASP A 1 38  ? -10.418 -3.641  -4.027  1.00 18.30 ? 40  ASP A CA  1 
ATOM   271 C C   . ASP A 1 38  ? -9.871  -3.102  -2.722  1.00 16.55 ? 40  ASP A C   1 
ATOM   272 O O   . ASP A 1 38  ? -10.616 -2.888  -1.749  1.00 15.48 ? 40  ASP A O   1 
ATOM   273 C CB  . ASP A 1 38  ? -10.134 -2.708  -5.221  1.00 19.89 ? 40  ASP A CB  1 
ATOM   274 C CG  . ASP A 1 38  ? -10.154 -3.398  -6.599  1.00 20.68 ? 40  ASP A CG  1 
ATOM   275 O OD1 . ASP A 1 38  ? -10.754 -4.468  -6.724  1.00 20.91 ? 40  ASP A OD1 1 
ATOM   276 O OD2 . ASP A 1 38  ? -9.565  -2.874  -7.561  1.00 21.61 ? 40  ASP A OD2 1 
ATOM   277 N N   . PHE A 1 39  ? -8.551  -2.920  -2.715  1.00 14.80 ? 41  PHE A N   1 
ATOM   278 C CA  . PHE A 1 39  ? -7.795  -2.486  -1.550  1.00 12.47 ? 41  PHE A CA  1 
ATOM   279 C C   . PHE A 1 39  ? -6.735  -1.515  -2.011  1.00 9.90  ? 41  PHE A C   1 
ATOM   280 O O   . PHE A 1 39  ? -6.284  -1.582  -3.165  1.00 9.30  ? 41  PHE A O   1 
ATOM   281 C CB  . PHE A 1 39  ? -7.059  -3.630  -0.862  1.00 13.96 ? 41  PHE A CB  1 
ATOM   282 C CG  . PHE A 1 39  ? -7.919  -4.861  -0.672  1.00 15.18 ? 41  PHE A CG  1 
ATOM   283 C CD1 . PHE A 1 39  ? -8.880  -4.891  0.340   1.00 15.61 ? 41  PHE A CD1 1 
ATOM   284 C CD2 . PHE A 1 39  ? -7.758  -5.939  -1.555  1.00 15.33 ? 41  PHE A CD2 1 
ATOM   285 C CE1 . PHE A 1 39  ? -9.688  -6.016  0.457   1.00 15.07 ? 41  PHE A CE1 1 
ATOM   286 C CE2 . PHE A 1 39  ? -8.570  -7.064  -1.433  1.00 15.93 ? 41  PHE A CE2 1 
ATOM   287 C CZ  . PHE A 1 39  ? -9.530  -7.092  -0.426  1.00 15.55 ? 41  PHE A CZ  1 
ATOM   288 N N   . THR A 1 40  ? -6.321  -0.636  -1.114  1.00 6.34  ? 42  THR A N   1 
ATOM   289 C CA  . THR A 1 40  ? -5.312  0.355   -1.406  1.00 3.30  ? 42  THR A CA  1 
ATOM   290 C C   . THR A 1 40  ? -4.261  0.201   -0.337  1.00 2.80  ? 42  THR A C   1 
ATOM   291 O O   . THR A 1 40  ? -4.658  -0.129  0.776   1.00 2.96  ? 42  THR A O   1 
ATOM   292 C CB  . THR A 1 40  ? -5.988  1.722   -1.358  1.00 3.01  ? 42  THR A CB  1 
ATOM   293 O OG1 . THR A 1 40  ? -6.971  1.766   -2.401  1.00 3.53  ? 42  THR A OG1 1 
ATOM   294 C CG2 . THR A 1 40  ? -5.002  2.834   -1.526  1.00 2.98  ? 42  THR A CG2 1 
ATOM   295 N N   . LEU A 1 41  ? -2.964  0.316   -0.567  1.00 2.08  ? 43  LEU A N   1 
ATOM   296 C CA  . LEU A 1 41  ? -1.979  0.327   0.515   1.00 2.11  ? 43  LEU A CA  1 
ATOM   297 C C   . LEU A 1 41  ? -1.815  1.770   0.959   1.00 2.56  ? 43  LEU A C   1 
ATOM   298 O O   . LEU A 1 41  ? -1.921  2.625   0.070   1.00 4.09  ? 43  LEU A O   1 
ATOM   299 C CB  . LEU A 1 41  ? -0.606  -0.163  0.056   1.00 2.25  ? 43  LEU A CB  1 
ATOM   300 C CG  . LEU A 1 41  ? -0.407  -1.657  -0.230  1.00 2.62  ? 43  LEU A CG  1 
ATOM   301 C CD1 . LEU A 1 41  ? 0.770   -1.800  -1.155  1.00 3.27  ? 43  LEU A CD1 1 
ATOM   302 C CD2 . LEU A 1 41  ? -0.158  -2.454  1.051   1.00 2.00  ? 43  LEU A CD2 1 
ATOM   303 N N   . SER A 1 42  ? -1.616  2.154   2.220   1.00 2.00  ? 44  SER A N   1 
ATOM   304 C CA  . SER A 1 42  ? -1.357  3.545   2.546   1.00 2.00  ? 44  SER A CA  1 
ATOM   305 C C   . SER A 1 42  ? -0.060  3.430   3.252   1.00 2.00  ? 44  SER A C   1 
ATOM   306 O O   . SER A 1 42  ? 0.099   2.578   4.116   1.00 2.00  ? 44  SER A O   1 
ATOM   307 C CB  . SER A 1 42  ? -2.375  4.081   3.456   1.00 2.00  ? 44  SER A CB  1 
ATOM   308 O OG  . SER A 1 42  ? -3.610  3.918   2.795   1.00 2.00  ? 44  SER A OG  1 
ATOM   309 N N   . VAL A 1 43  ? 0.881   4.221   2.790   1.00 2.32  ? 45  VAL A N   1 
ATOM   310 C CA  . VAL A 1 43  ? 2.262   4.148   3.234   1.00 2.85  ? 45  VAL A CA  1 
ATOM   311 C C   . VAL A 1 43  ? 2.637   5.504   3.763   1.00 2.22  ? 45  VAL A C   1 
ATOM   312 O O   . VAL A 1 43  ? 2.308   6.498   3.108   1.00 2.00  ? 45  VAL A O   1 
ATOM   313 C CB  . VAL A 1 43  ? 3.180   3.801   2.053   1.00 2.37  ? 45  VAL A CB  1 
ATOM   314 C CG1 . VAL A 1 43  ? 4.609   3.639   2.520   1.00 2.00  ? 45  VAL A CG1 1 
ATOM   315 C CG2 . VAL A 1 43  ? 2.709   2.510   1.414   1.00 3.01  ? 45  VAL A CG2 1 
ATOM   316 N N   . ARG A 1 44  ? 3.283   5.580   4.914   1.00 2.00  ? 46  ARG A N   1 
ATOM   317 C CA  . ARG A 1 44  ? 3.728   6.862   5.377   1.00 2.47  ? 46  ARG A CA  1 
ATOM   318 C C   . ARG A 1 44  ? 5.139   6.987   4.899   1.00 3.56  ? 46  ARG A C   1 
ATOM   319 O O   . ARG A 1 44  ? 6.045   6.315   5.370   1.00 4.00  ? 46  ARG A O   1 
ATOM   320 C CB  . ARG A 1 44  ? 3.712   6.941   6.845   1.00 2.44  ? 46  ARG A CB  1 
ATOM   321 C CG  . ARG A 1 44  ? 4.285   8.273   7.233   1.00 2.00  ? 46  ARG A CG  1 
ATOM   322 C CD  . ARG A 1 44  ? 4.270   8.293   8.716   1.00 2.28  ? 46  ARG A CD  1 
ATOM   323 N NE  . ARG A 1 44  ? 5.314   9.145   9.242   1.00 2.63  ? 46  ARG A NE  1 
ATOM   324 C CZ  . ARG A 1 44  ? 5.173   9.792   10.409  1.00 2.86  ? 46  ARG A CZ  1 
ATOM   325 N NH1 . ARG A 1 44  ? 4.054   9.708   11.173  1.00 3.92  ? 46  ARG A NH1 1 
ATOM   326 N NH2 . ARG A 1 44  ? 6.219   10.506  10.830  1.00 2.11  ? 46  ARG A NH2 1 
ATOM   327 N N   . ARG A 1 45  ? 5.334   7.882   3.970   1.00 5.86  ? 47  ARG A N   1 
ATOM   328 C CA  . ARG A 1 45  ? 6.593   8.086   3.315   1.00 7.48  ? 47  ARG A CA  1 
ATOM   329 C C   . ARG A 1 45  ? 6.869   9.529   3.479   1.00 8.12  ? 47  ARG A C   1 
ATOM   330 O O   . ARG A 1 45  ? 6.104   10.415  3.117   1.00 8.36  ? 47  ARG A O   1 
ATOM   331 C CB  . ARG A 1 45  ? 6.502   7.800   1.845   1.00 9.78  ? 47  ARG A CB  1 
ATOM   332 C CG  . ARG A 1 45  ? 7.652   8.265   0.986   1.00 11.76 ? 47  ARG A CG  1 
ATOM   333 C CD  . ARG A 1 45  ? 7.605   7.456   -0.282  1.00 13.76 ? 47  ARG A CD  1 
ATOM   334 N NE  . ARG A 1 45  ? 6.460   7.783   -1.113  1.00 16.86 ? 47  ARG A NE  1 
ATOM   335 C CZ  . ARG A 1 45  ? 6.562   8.708   -2.079  1.00 18.92 ? 47  ARG A CZ  1 
ATOM   336 N NH1 . ARG A 1 45  ? 7.719   9.364   -2.295  1.00 19.51 ? 47  ARG A NH1 1 
ATOM   337 N NH2 . ARG A 1 45  ? 5.517   8.939   -2.890  1.00 19.83 ? 47  ARG A NH2 1 
ATOM   338 N N   . ASN A 1 46  ? 7.981   9.670   4.151   1.00 9.91  ? 48  ASN A N   1 
ATOM   339 C CA  . ASN A 1 46  ? 8.651   10.948  4.257   1.00 13.25 ? 48  ASN A CA  1 
ATOM   340 C C   . ASN A 1 46  ? 7.786   12.083  4.776   1.00 13.05 ? 48  ASN A C   1 
ATOM   341 O O   . ASN A 1 46  ? 7.530   13.053  4.065   1.00 13.97 ? 48  ASN A O   1 
ATOM   342 C CB  . ASN A 1 46  ? 9.200   11.257  2.859   1.00 16.88 ? 48  ASN A CB  1 
ATOM   343 C CG  . ASN A 1 46  ? 10.486  12.046  2.882   1.00 19.19 ? 48  ASN A CG  1 
ATOM   344 O OD1 . ASN A 1 46  ? 11.579  11.490  3.060   1.00 21.08 ? 48  ASN A OD1 1 
ATOM   345 N ND2 . ASN A 1 46  ? 10.360  13.356  2.711   1.00 20.88 ? 48  ASN A ND2 1 
ATOM   346 N N   . GLY A 1 47  ? 7.269   12.015  5.994   1.00 11.61 ? 49  GLY A N   1 
ATOM   347 C CA  . GLY A 1 47  ? 6.401   13.076  6.473   1.00 9.27  ? 49  GLY A CA  1 
ATOM   348 C C   . GLY A 1 47  ? 4.942   12.806  6.142   1.00 7.98  ? 49  GLY A C   1 
ATOM   349 O O   . GLY A 1 47  ? 4.117   12.983  7.031   1.00 7.69  ? 49  GLY A O   1 
ATOM   350 N N   . ALA A 1 48  ? 4.586   12.313  4.952   1.00 7.39  ? 50  ALA A N   1 
ATOM   351 C CA  . ALA A 1 48  ? 3.195   12.213  4.552   1.00 7.74  ? 50  ALA A CA  1 
ATOM   352 C C   . ALA A 1 48  ? 2.678   10.816  4.276   1.00 8.24  ? 50  ALA A C   1 
ATOM   353 O O   . ALA A 1 48  ? 3.452   9.858   4.326   1.00 7.70  ? 50  ALA A O   1 
ATOM   354 C CB  . ALA A 1 48  ? 2.976   13.033  3.300   1.00 8.39  ? 50  ALA A CB  1 
ATOM   355 N N   . VAL A 1 49  ? 1.348   10.705  4.049   1.00 7.28  ? 51  VAL A N   1 
ATOM   356 C CA  . VAL A 1 49  ? 0.690   9.448   3.647   1.00 6.60  ? 51  VAL A CA  1 
ATOM   357 C C   . VAL A 1 49  ? 0.510   9.366   2.123   1.00 6.27  ? 51  VAL A C   1 
ATOM   358 O O   . VAL A 1 49  ? 0.054   10.345  1.499   1.00 6.44  ? 51  VAL A O   1 
ATOM   359 C CB  . VAL A 1 49  ? -0.692  9.327   4.323   1.00 6.07  ? 51  VAL A CB  1 
ATOM   360 C CG1 . VAL A 1 49  ? -1.287  7.987   4.010   1.00 6.95  ? 51  VAL A CG1 1 
ATOM   361 C CG2 . VAL A 1 49  ? -0.580  9.355   5.820   1.00 6.61  ? 51  VAL A CG2 1 
ATOM   362 N N   . THR A 1 50  ? 0.789   8.221   1.520   1.00 5.96  ? 52  THR A N   1 
ATOM   363 C CA  . THR A 1 50  ? 0.721   7.971   0.080   1.00 5.82  ? 52  THR A CA  1 
ATOM   364 C C   . THR A 1 50  ? -0.201  6.762   -0.068  1.00 6.04  ? 52  THR A C   1 
ATOM   365 O O   . THR A 1 50  ? -0.098  5.815   0.735   1.00 8.15  ? 52  THR A O   1 
ATOM   366 C CB  . THR A 1 50  ? 2.085   7.598   -0.458  1.00 4.34  ? 52  THR A CB  1 
ATOM   367 O OG1 . THR A 1 50  ? 3.055   8.557   -0.055  1.00 5.15  ? 52  THR A OG1 1 
ATOM   368 C CG2 . THR A 1 50  ? 2.012   7.502   -1.917  1.00 4.33  ? 52  THR A CG2 1 
ATOM   369 N N   . HIS A 1 51  ? -1.107  6.716   -1.037  1.00 5.76  ? 53  HIS A N   1 
ATOM   370 C CA  . HIS A 1 51  ? -1.993  5.566   -1.180  1.00 4.89  ? 53  HIS A CA  1 
ATOM   371 C C   . HIS A 1 51  ? -1.648  4.937   -2.481  1.00 3.96  ? 53  HIS A C   1 
ATOM   372 O O   . HIS A 1 51  ? -1.287  5.666   -3.400  1.00 2.98  ? 53  HIS A O   1 
ATOM   373 C CB  . HIS A 1 51  ? -3.424  5.947   -1.259  1.00 4.97  ? 53  HIS A CB  1 
ATOM   374 C CG  . HIS A 1 51  ? -3.764  6.688   -0.010  1.00 5.43  ? 53  HIS A CG  1 
ATOM   375 N ND1 . HIS A 1 51  ? -3.608  6.206   1.208   1.00 5.57  ? 53  HIS A ND1 1 
ATOM   376 C CD2 . HIS A 1 51  ? -4.230  7.965   0.047   1.00 5.10  ? 53  HIS A CD2 1 
ATOM   377 C CE1 . HIS A 1 51  ? -3.970  7.155   2.026   1.00 6.04  ? 53  HIS A CE1 1 
ATOM   378 N NE2 . HIS A 1 51  ? -4.338  8.203   1.318   1.00 5.59  ? 53  HIS A NE2 1 
ATOM   379 N N   . ILE A 1 52  ? -1.722  3.627   -2.571  1.00 2.90  ? 54  ILE A N   1 
ATOM   380 C CA  . ILE A 1 52  ? -1.356  2.965   -3.785  1.00 3.16  ? 54  ILE A CA  1 
ATOM   381 C C   . ILE A 1 52  ? -2.515  2.052   -4.040  1.00 4.46  ? 54  ILE A C   1 
ATOM   382 O O   . ILE A 1 52  ? -2.960  1.360   -3.135  1.00 5.96  ? 54  ILE A O   1 
ATOM   383 C CB  . ILE A 1 52  ? -0.093  2.168   -3.581  1.00 2.46  ? 54  ILE A CB  1 
ATOM   384 C CG1 . ILE A 1 52  ? 1.081   3.059   -3.176  1.00 2.10  ? 54  ILE A CG1 1 
ATOM   385 C CG2 . ILE A 1 52  ? 0.222   1.485   -4.900  1.00 2.17  ? 54  ILE A CG2 1 
ATOM   386 C CD1 . ILE A 1 52  ? 2.358   2.335   -2.727  1.00 2.00  ? 54  ILE A CD1 1 
ATOM   387 N N   . LYS A 1 53  ? -3.051  2.027   -5.234  1.00 5.83  ? 55  LYS A N   1 
ATOM   388 C CA  . LYS A 1 53  ? -4.175  1.186   -5.550  1.00 6.15  ? 55  LYS A CA  1 
ATOM   389 C C   . LYS A 1 53  ? -3.693  -0.217  -5.825  1.00 5.15  ? 55  LYS A C   1 
ATOM   390 O O   . LYS A 1 53  ? -2.773  -0.355  -6.626  1.00 4.92  ? 55  LYS A O   1 
ATOM   391 C CB  . LYS A 1 53  ? -4.870  1.739   -6.792  1.00 9.00  ? 55  LYS A CB  1 
ATOM   392 C CG  . LYS A 1 53  ? -5.674  3.028   -6.690  1.00 10.17 ? 55  LYS A CG  1 
ATOM   393 C CD  . LYS A 1 53  ? -6.818  2.739   -5.712  1.00 11.85 ? 55  LYS A CD  1 
ATOM   394 C CE  . LYS A 1 53  ? -8.173  2.581   -6.386  1.00 13.36 ? 55  LYS A CE  1 
ATOM   395 N NZ  . LYS A 1 53  ? -8.711  3.862   -6.829  1.00 13.09 ? 55  LYS A NZ  1 
ATOM   396 N N   . ILE A 1 54  ? -4.252  -1.254  -5.239  1.00 3.93  ? 56  ILE A N   1 
ATOM   397 C CA  . ILE A 1 54  ? -3.870  -2.591  -5.650  1.00 5.45  ? 56  ILE A CA  1 
ATOM   398 C C   . ILE A 1 54  ? -4.886  -3.063  -6.706  1.00 5.78  ? 56  ILE A C   1 
ATOM   399 O O   . ILE A 1 54  ? -6.086  -2.822  -6.532  1.00 6.55  ? 56  ILE A O   1 
ATOM   400 C CB  . ILE A 1 54  ? -3.891  -3.594  -4.475  1.00 5.07  ? 56  ILE A CB  1 
ATOM   401 C CG1 . ILE A 1 54  ? -2.903  -3.178  -3.402  1.00 5.82  ? 56  ILE A CG1 1 
ATOM   402 C CG2 . ILE A 1 54  ? -3.514  -4.986  -4.983  1.00 5.31  ? 56  ILE A CG2 1 
ATOM   403 C CD1 . ILE A 1 54  ? -2.682  -4.180  -2.236  1.00 5.99  ? 56  ILE A CD1 1 
ATOM   404 N N   . GLN A 1 55  ? -4.501  -3.716  -7.822  1.00 4.74  ? 57  GLN A N   1 
ATOM   405 C CA  . GLN A 1 55  ? -5.438  -4.259  -8.802  1.00 3.45  ? 57  GLN A CA  1 
ATOM   406 C C   . GLN A 1 55  ? -5.702  -5.726  -8.508  1.00 2.36  ? 57  GLN A C   1 
ATOM   407 O O   . GLN A 1 55  ? -4.740  -6.473  -8.328  1.00 2.62  ? 57  GLN A O   1 
ATOM   408 C CB  . GLN A 1 55  ? -4.864  -4.143  -10.207 1.00 2.41  ? 57  GLN A CB  1 
ATOM   409 C CG  . GLN A 1 55  ? -5.758  -4.668  -11.315 1.00 2.06  ? 57  GLN A CG  1 
ATOM   410 C CD  . GLN A 1 55  ? -5.239  -4.513  -12.732 1.00 2.00  ? 57  GLN A CD  1 
ATOM   411 O OE1 . GLN A 1 55  ? -6.032  -4.321  -13.643 1.00 2.00  ? 57  GLN A OE1 1 
ATOM   412 N NE2 . GLN A 1 55  ? -3.960  -4.568  -13.068 1.00 2.00  ? 57  GLN A NE2 1 
ATOM   413 N N   . ASN A 1 56  ? -6.969  -6.134  -8.460  1.00 2.00  ? 58  ASN A N   1 
ATOM   414 C CA  . ASN A 1 56  ? -7.305  -7.529  -8.277  1.00 2.00  ? 58  ASN A CA  1 
ATOM   415 C C   . ASN A 1 56  ? -8.051  -7.857  -9.542  1.00 3.02  ? 58  ASN A C   1 
ATOM   416 O O   . ASN A 1 56  ? -9.141  -7.305  -9.664  1.00 4.07  ? 58  ASN A O   1 
ATOM   417 C CB  . ASN A 1 56  ? -8.242  -7.754  -7.107  1.00 2.00  ? 58  ASN A CB  1 
ATOM   418 C CG  . ASN A 1 56  ? -8.969  -9.099  -7.201  1.00 3.26  ? 58  ASN A CG  1 
ATOM   419 O OD1 . ASN A 1 56  ? -8.455  -10.102 -7.727  1.00 3.48  ? 58  ASN A OD1 1 
ATOM   420 N ND2 . ASN A 1 56  ? -10.218 -9.170  -6.748  1.00 3.72  ? 58  ASN A ND2 1 
ATOM   421 N N   . THR A 1 57  ? -7.600  -8.691  -10.485 1.00 3.61  ? 59  THR A N   1 
ATOM   422 C CA  . THR A 1 57  ? -8.337  -8.913  -11.723 1.00 3.10  ? 59  THR A CA  1 
ATOM   423 C C   . THR A 1 57  ? -9.252  -10.124 -11.702 1.00 4.28  ? 59  THR A C   1 
ATOM   424 O O   . THR A 1 57  ? -9.959  -10.411 -12.675 1.00 5.64  ? 59  THR A O   1 
ATOM   425 C CB  . THR A 1 57  ? -7.395  -9.112  -12.895 1.00 2.00  ? 59  THR A CB  1 
ATOM   426 O OG1 . THR A 1 57  ? -6.587  -10.203 -12.520 1.00 2.42  ? 59  THR A OG1 1 
ATOM   427 C CG2 . THR A 1 57  ? -6.520  -7.943  -13.217 1.00 2.00  ? 59  THR A CG2 1 
ATOM   428 N N   . GLY A 1 58  ? -9.200  -10.908 -10.630 1.00 4.12  ? 60  GLY A N   1 
ATOM   429 C CA  . GLY A 1 58  ? -9.924  -12.147 -10.611 1.00 2.45  ? 60  GLY A CA  1 
ATOM   430 C C   . GLY A 1 58  ? -8.842  -13.169 -10.743 1.00 2.28  ? 60  GLY A C   1 
ATOM   431 O O   . GLY A 1 58  ? -8.642  -14.004 -9.880  1.00 3.88  ? 60  GLY A O   1 
ATOM   432 N N   . ASP A 1 59  ? -8.040  -13.064 -11.779 1.00 2.76  ? 61  ASP A N   1 
ATOM   433 C CA  . ASP A 1 59  ? -6.995  -14.035 -11.998 1.00 2.75  ? 61  ASP A CA  1 
ATOM   434 C C   . ASP A 1 59  ? -5.717  -13.716 -11.196 1.00 3.18  ? 61  ASP A C   1 
ATOM   435 O O   . ASP A 1 59  ? -4.845  -14.584 -11.136 1.00 3.15  ? 61  ASP A O   1 
ATOM   436 C CB  . ASP A 1 59  ? -6.760  -14.093 -13.543 1.00 3.51  ? 61  ASP A CB  1 
ATOM   437 C CG  . ASP A 1 59  ? -7.976  -14.325 -14.473 1.00 3.70  ? 61  ASP A CG  1 
ATOM   438 O OD1 . ASP A 1 59  ? -9.070  -14.656 -14.021 1.00 5.42  ? 61  ASP A OD1 1 
ATOM   439 O OD2 . ASP A 1 59  ? -7.852  -14.164 -15.681 1.00 3.28  ? 61  ASP A OD2 1 
ATOM   440 N N   . TYR A 1 60  ? -5.509  -12.503 -10.631 1.00 3.30  ? 62  TYR A N   1 
ATOM   441 C CA  . TYR A 1 60  ? -4.345  -12.147 -9.794  1.00 3.73  ? 62  TYR A CA  1 
ATOM   442 C C   . TYR A 1 60  ? -4.382  -10.740 -9.144  1.00 3.06  ? 62  TYR A C   1 
ATOM   443 O O   . TYR A 1 60  ? -5.257  -9.906  -9.423  1.00 2.00  ? 62  TYR A O   1 
ATOM   444 C CB  . TYR A 1 60  ? -3.032  -12.244 -10.595 1.00 4.73  ? 62  TYR A CB  1 
ATOM   445 C CG  . TYR A 1 60  ? -2.894  -11.263 -11.756 1.00 6.70  ? 62  TYR A CG  1 
ATOM   446 C CD1 . TYR A 1 60  ? -2.367  -9.988  -11.540 1.00 7.27  ? 62  TYR A CD1 1 
ATOM   447 C CD2 . TYR A 1 60  ? -3.283  -11.632 -13.052 1.00 7.89  ? 62  TYR A CD2 1 
ATOM   448 C CE1 . TYR A 1 60  ? -2.228  -9.091  -12.598 1.00 8.30  ? 62  TYR A CE1 1 
ATOM   449 C CE2 . TYR A 1 60  ? -3.141  -10.729 -14.122 1.00 8.49  ? 62  TYR A CE2 1 
ATOM   450 C CZ  . TYR A 1 60  ? -2.610  -9.451  -13.891 1.00 8.64  ? 62  TYR A CZ  1 
ATOM   451 O OH  . TYR A 1 60  ? -2.437  -8.543  -14.940 1.00 9.31  ? 62  TYR A OH  1 
ATOM   452 N N   . TYR A 1 61  ? -3.403  -10.472 -8.276  1.00 2.00  ? 63  TYR A N   1 
ATOM   453 C CA  . TYR A 1 61  ? -3.184  -9.180  -7.654  1.00 2.07  ? 63  TYR A CA  1 
ATOM   454 C C   . TYR A 1 61  ? -1.860  -8.603  -8.138  1.00 2.76  ? 63  TYR A C   1 
ATOM   455 O O   . TYR A 1 61  ? -0.838  -9.312  -8.192  1.00 2.78  ? 63  TYR A O   1 
ATOM   456 C CB  . TYR A 1 61  ? -3.057  -9.257  -6.150  1.00 2.00  ? 63  TYR A CB  1 
ATOM   457 C CG  . TYR A 1 61  ? -4.310  -9.728  -5.457  1.00 2.00  ? 63  TYR A CG  1 
ATOM   458 C CD1 . TYR A 1 61  ? -5.246  -8.784  -5.074  1.00 2.65  ? 63  TYR A CD1 1 
ATOM   459 C CD2 . TYR A 1 61  ? -4.530  -11.084 -5.200  1.00 2.00  ? 63  TYR A CD2 1 
ATOM   460 C CE1 . TYR A 1 61  ? -6.409  -9.189  -4.434  1.00 3.28  ? 63  TYR A CE1 1 
ATOM   461 C CE2 . TYR A 1 61  ? -5.697  -11.498 -4.555  1.00 2.00  ? 63  TYR A CE2 1 
ATOM   462 C CZ  . TYR A 1 61  ? -6.627  -10.539 -4.179  1.00 2.81  ? 63  TYR A CZ  1 
ATOM   463 O OH  . TYR A 1 61  ? -7.788  -10.875 -3.526  1.00 4.05  ? 63  TYR A OH  1 
ATOM   464 N N   . ASP A 1 62  ? -1.865  -7.324  -8.515  1.00 2.69  ? 64  ASP A N   1 
ATOM   465 C CA  . ASP A 1 62  ? -0.636  -6.603  -8.810  1.00 2.52  ? 64  ASP A CA  1 
ATOM   466 C C   . ASP A 1 62  ? -0.870  -5.167  -8.357  1.00 2.50  ? 64  ASP A C   1 
ATOM   467 O O   . ASP A 1 62  ? -1.939  -4.778  -7.897  1.00 2.00  ? 64  ASP A O   1 
ATOM   468 C CB  . ASP A 1 62  ? -0.298  -6.659  -10.345 1.00 2.30  ? 64  ASP A CB  1 
ATOM   469 C CG  . ASP A 1 62  ? -1.170  -5.925  -11.363 1.00 2.00  ? 64  ASP A CG  1 
ATOM   470 O OD1 . ASP A 1 62  ? -2.154  -5.333  -10.982 1.00 2.00  ? 64  ASP A OD1 1 
ATOM   471 O OD2 . ASP A 1 62  ? -0.876  -5.934  -12.555 1.00 2.00  ? 64  ASP A OD2 1 
ATOM   472 N N   . LEU A 1 63  ? 0.061   -4.291  -8.588  1.00 3.09  ? 65  LEU A N   1 
ATOM   473 C CA  . LEU A 1 63  ? -0.149  -2.891  -8.303  1.00 3.66  ? 65  LEU A CA  1 
ATOM   474 C C   . LEU A 1 63  ? -0.307  -2.153  -9.650  1.00 6.07  ? 65  LEU A C   1 
ATOM   475 O O   . LEU A 1 63  ? 0.376   -1.168  -9.943  1.00 7.52  ? 65  LEU A O   1 
ATOM   476 C CB  . LEU A 1 63  ? 1.058   -2.416  -7.522  1.00 3.16  ? 65  LEU A CB  1 
ATOM   477 C CG  . LEU A 1 63  ? 1.314   -2.983  -6.160  1.00 2.26  ? 65  LEU A CG  1 
ATOM   478 C CD1 . LEU A 1 63  ? 2.769   -2.817  -5.870  1.00 2.00  ? 65  LEU A CD1 1 
ATOM   479 C CD2 . LEU A 1 63  ? 0.517   -2.262  -5.102  1.00 2.36  ? 65  LEU A CD2 1 
ATOM   480 N N   . TYR A 1 64  ? -1.231  -2.612  -10.502 1.00 5.91  ? 66  TYR A N   1 
ATOM   481 C CA  . TYR A 1 64  ? -1.449  -2.056  -11.830 1.00 5.08  ? 66  TYR A CA  1 
ATOM   482 C C   . TYR A 1 64  ? -0.180  -1.983  -12.639 1.00 5.90  ? 66  TYR A C   1 
ATOM   483 O O   . TYR A 1 64  ? 0.283   -0.955  -13.118 1.00 7.17  ? 66  TYR A O   1 
ATOM   484 C CB  . TYR A 1 64  ? -2.043  -0.684  -11.741 1.00 4.86  ? 66  TYR A CB  1 
ATOM   485 C CG  . TYR A 1 64  ? -3.453  -0.782  -11.231 1.00 6.30  ? 66  TYR A CG  1 
ATOM   486 C CD1 . TYR A 1 64  ? -4.500  -0.993  -12.123 1.00 6.39  ? 66  TYR A CD1 1 
ATOM   487 C CD2 . TYR A 1 64  ? -3.691  -0.666  -9.874  1.00 6.45  ? 66  TYR A CD2 1 
ATOM   488 C CE1 . TYR A 1 64  ? -5.808  -1.094  -11.666 1.00 6.10  ? 66  TYR A CE1 1 
ATOM   489 C CE2 . TYR A 1 64  ? -5.001  -0.763  -9.421  1.00 7.67  ? 66  TYR A CE2 1 
ATOM   490 C CZ  . TYR A 1 64  ? -6.051  -0.980  -10.308 1.00 7.15  ? 66  TYR A CZ  1 
ATOM   491 O OH  . TYR A 1 64  ? -7.343  -1.112  -9.811  1.00 9.77  ? 66  TYR A OH  1 
ATOM   492 N N   . GLY A 1 65  ? 0.327   -3.190  -12.779 1.00 6.58  ? 67  GLY A N   1 
ATOM   493 C CA  . GLY A 1 65  ? 1.555   -3.467  -13.476 1.00 7.92  ? 67  GLY A CA  1 
ATOM   494 C C   . GLY A 1 65  ? 2.394   -4.218  -12.449 1.00 9.21  ? 67  GLY A C   1 
ATOM   495 O O   . GLY A 1 65  ? 1.913   -4.424  -11.324 1.00 11.40 ? 67  GLY A O   1 
ATOM   496 N N   . GLY A 1 66  ? 3.610   -4.669  -12.745 1.00 9.56  ? 68  GLY A N   1 
ATOM   497 C CA  . GLY A 1 66  ? 4.404   -5.343  -11.728 1.00 11.08 ? 68  GLY A CA  1 
ATOM   498 C C   . GLY A 1 66  ? 4.304   -6.861  -11.765 1.00 11.92 ? 68  GLY A C   1 
ATOM   499 O O   . GLY A 1 66  ? 3.749   -7.435  -12.728 1.00 12.60 ? 68  GLY A O   1 
ATOM   500 N N   . GLU A 1 67  ? 4.879   -7.518  -10.742 1.00 11.38 ? 69  GLU A N   1 
ATOM   501 C CA  . GLU A 1 67  ? 4.834   -8.958  -10.820 1.00 11.43 ? 69  GLU A CA  1 
ATOM   502 C C   . GLU A 1 67  ? 3.431   -9.335  -10.306 1.00 10.31 ? 69  GLU A C   1 
ATOM   503 O O   . GLU A 1 67  ? 2.813   -8.570  -9.565  1.00 10.97 ? 69  GLU A O   1 
ATOM   504 C CB  . GLU A 1 67  ? 6.042   -9.545  -10.001 1.00 12.73 ? 69  GLU A CB  1 
ATOM   505 C CG  . GLU A 1 67  ? 6.797   -10.755 -10.690 1.00 14.05 ? 69  GLU A CG  1 
ATOM   506 C CD  . GLU A 1 67  ? 5.949   -12.042 -10.971 1.00 16.37 ? 69  GLU A CD  1 
ATOM   507 O OE1 . GLU A 1 67  ? 5.471   -12.723 -10.038 1.00 16.21 ? 69  GLU A OE1 1 
ATOM   508 O OE2 . GLU A 1 67  ? 5.736   -12.370 -12.148 1.00 16.55 ? 69  GLU A OE2 1 
ATOM   509 N N   . LYS A 1 68  ? 2.870   -10.432 -10.817 1.00 8.78  ? 70  LYS A N   1 
ATOM   510 C CA  . LYS A 1 68  ? 1.539   -10.878 -10.446 1.00 7.47  ? 70  LYS A CA  1 
ATOM   511 C C   . LYS A 1 68  ? 1.656   -11.874 -9.293  1.00 6.12  ? 70  LYS A C   1 
ATOM   512 O O   . LYS A 1 68  ? 2.560   -12.724 -9.283  1.00 4.73  ? 70  LYS A O   1 
ATOM   513 C CB  . LYS A 1 68  ? 0.830   -11.601 -11.592 1.00 9.18  ? 70  LYS A CB  1 
ATOM   514 C CG  . LYS A 1 68  ? 0.648   -10.962 -12.975 1.00 10.69 ? 70  LYS A CG  1 
ATOM   515 C CD  . LYS A 1 68  ? 1.702   -11.349 -14.004 1.00 12.59 ? 70  LYS A CD  1 
ATOM   516 C CE  . LYS A 1 68  ? 1.446   -10.670 -15.356 1.00 14.28 ? 70  LYS A CE  1 
ATOM   517 N NZ  . LYS A 1 68  ? 2.548   -10.906 -16.298 1.00 16.45 ? 70  LYS A NZ  1 
ATOM   518 N N   . PHE A 1 69  ? 0.703   -11.790 -8.361  1.00 4.51  ? 71  PHE A N   1 
ATOM   519 C CA  . PHE A 1 69  ? 0.652   -12.577 -7.139  1.00 2.60  ? 71  PHE A CA  1 
ATOM   520 C C   . PHE A 1 69  ? -0.699  -13.245 -6.990  1.00 2.00  ? 71  PHE A C   1 
ATOM   521 O O   . PHE A 1 69  ? -1.680  -12.704 -7.483  1.00 2.00  ? 71  PHE A O   1 
ATOM   522 C CB  . PHE A 1 69  ? 0.893   -11.657 -5.948  1.00 2.62  ? 71  PHE A CB  1 
ATOM   523 C CG  . PHE A 1 69  ? 2.179   -10.856 -6.070  1.00 2.26  ? 71  PHE A CG  1 
ATOM   524 C CD1 . PHE A 1 69  ? 3.414   -11.499 -6.022  1.00 2.42  ? 71  PHE A CD1 1 
ATOM   525 C CD2 . PHE A 1 69  ? 2.109   -9.488  -6.315  1.00 2.00  ? 71  PHE A CD2 1 
ATOM   526 C CE1 . PHE A 1 69  ? 4.582   -10.771 -6.233  1.00 2.26  ? 71  PHE A CE1 1 
ATOM   527 C CE2 . PHE A 1 69  ? 3.275   -8.767  -6.521  1.00 2.00  ? 71  PHE A CE2 1 
ATOM   528 C CZ  . PHE A 1 69  ? 4.505   -9.408  -6.483  1.00 2.32  ? 71  PHE A CZ  1 
ATOM   529 N N   . ALA A 1 70  ? -0.808  -14.396 -6.325  1.00 2.00  ? 72  ALA A N   1 
ATOM   530 C CA  . ALA A 1 70  ? -2.083  -15.103 -6.173  1.00 2.00  ? 72  ALA A CA  1 
ATOM   531 C C   . ALA A 1 70  ? -2.995  -14.568 -5.096  1.00 2.00  ? 72  ALA A C   1 
ATOM   532 O O   . ALA A 1 70  ? -4.211  -14.637 -5.271  1.00 2.00  ? 72  ALA A O   1 
ATOM   533 C CB  . ALA A 1 70  ? -1.939  -16.574 -5.814  1.00 2.00  ? 72  ALA A CB  1 
ATOM   534 N N   . THR A 1 71  ? -2.404  -14.071 -3.994  1.00 2.00  ? 73  THR A N   1 
ATOM   535 C CA  . THR A 1 71  ? -3.143  -13.510 -2.870  1.00 2.00  ? 73  THR A CA  1 
ATOM   536 C C   . THR A 1 71  ? -2.611  -12.150 -2.432  1.00 2.44  ? 73  THR A C   1 
ATOM   537 O O   . THR A 1 71  ? -1.463  -11.811 -2.750  1.00 2.11  ? 73  THR A O   1 
ATOM   538 C CB  . THR A 1 71  ? -3.096  -14.488 -1.682  1.00 2.00  ? 73  THR A CB  1 
ATOM   539 O OG1 . THR A 1 71  ? -1.762  -14.894 -1.423  1.00 2.00  ? 73  THR A OG1 1 
ATOM   540 C CG2 . THR A 1 71  ? -3.890  -15.708 -1.994  1.00 2.00  ? 73  THR A CG2 1 
ATOM   541 N N   . LEU A 1 72  ? -3.395  -11.365 -1.688  1.00 2.00  ? 74  LEU A N   1 
ATOM   542 C CA  . LEU A 1 72  ? -2.998  -10.052 -1.200  1.00 2.00  ? 74  LEU A CA  1 
ATOM   543 C C   . LEU A 1 72  ? -1.766  -10.188 -0.336  1.00 2.00  ? 74  LEU A C   1 
ATOM   544 O O   . LEU A 1 72  ? -0.757  -9.508  -0.466  1.00 2.00  ? 74  LEU A O   1 
ATOM   545 C CB  . LEU A 1 72  ? -4.078  -9.463  -0.337  1.00 2.00  ? 74  LEU A CB  1 
ATOM   546 C CG  . LEU A 1 72  ? -4.622  -8.072  -0.459  1.00 2.00  ? 74  LEU A CG  1 
ATOM   547 C CD1 . LEU A 1 72  ? -5.523  -7.916  0.724   1.00 2.00  ? 74  LEU A CD1 1 
ATOM   548 C CD2 . LEU A 1 72  ? -3.575  -6.994  -0.416  1.00 2.00  ? 74  LEU A CD2 1 
ATOM   549 N N   . ALA A 1 73  ? -1.850  -11.128 0.575   1.00 2.00  ? 75  ALA A N   1 
ATOM   550 C CA  . ALA A 1 73  ? -0.805  -11.381 1.532   1.00 2.00  ? 75  ALA A CA  1 
ATOM   551 C C   . ALA A 1 73  ? 0.550   -11.668 0.958   1.00 2.00  ? 75  ALA A C   1 
ATOM   552 O O   . ALA A 1 73  ? 1.510   -11.166 1.526   1.00 2.49  ? 75  ALA A O   1 
ATOM   553 C CB  . ALA A 1 73  ? -1.169  -12.542 2.397   1.00 2.05  ? 75  ALA A CB  1 
ATOM   554 N N   . GLU A 1 74  ? 0.715   -12.423 -0.119  1.00 2.00  ? 76  GLU A N   1 
ATOM   555 C CA  . GLU A 1 74  ? 2.044   -12.610 -0.626  1.00 3.14  ? 76  GLU A CA  1 
ATOM   556 C C   . GLU A 1 74  ? 2.452   -11.398 -1.386  1.00 3.41  ? 76  GLU A C   1 
ATOM   557 O O   . GLU A 1 74  ? 3.660   -11.204 -1.469  1.00 4.38  ? 76  GLU A O   1 
ATOM   558 C CB  . GLU A 1 74  ? 2.203   -13.770 -1.564  1.00 4.26  ? 76  GLU A CB  1 
ATOM   559 C CG  . GLU A 1 74  ? 1.356   -13.754 -2.815  1.00 8.10  ? 76  GLU A CG  1 
ATOM   560 C CD  . GLU A 1 74  ? 1.800   -14.814 -3.827  1.00 10.90 ? 76  GLU A CD  1 
ATOM   561 O OE1 . GLU A 1 74  ? 2.980   -14.793 -4.205  1.00 11.67 ? 76  GLU A OE1 1 
ATOM   562 O OE2 . GLU A 1 74  ? 0.971   -15.641 -4.232  1.00 11.65 ? 76  GLU A OE2 1 
ATOM   563 N N   . LEU A 1 75  ? 1.547   -10.562 -1.917  1.00 3.10  ? 77  LEU A N   1 
ATOM   564 C CA  . LEU A 1 75  ? 1.937   -9.311  -2.567  1.00 2.35  ? 77  LEU A CA  1 
ATOM   565 C C   . LEU A 1 75  ? 2.691   -8.411  -1.575  1.00 3.15  ? 77  LEU A C   1 
ATOM   566 O O   . LEU A 1 75  ? 3.761   -7.862  -1.881  1.00 2.64  ? 77  LEU A O   1 
ATOM   567 C CB  . LEU A 1 75  ? 0.685   -8.582  -3.104  1.00 2.32  ? 77  LEU A CB  1 
ATOM   568 C CG  . LEU A 1 75  ? 0.778   -7.214  -3.826  1.00 2.00  ? 77  LEU A CG  1 
ATOM   569 C CD1 . LEU A 1 75  ? -0.435  -7.077  -4.713  1.00 2.00  ? 77  LEU A CD1 1 
ATOM   570 C CD2 . LEU A 1 75  ? 0.825   -6.042  -2.865  1.00 2.00  ? 77  LEU A CD2 1 
ATOM   571 N N   . VAL A 1 76  ? 2.164   -8.258  -0.357  1.00 2.17  ? 78  VAL A N   1 
ATOM   572 C CA  . VAL A 1 76  ? 2.820   -7.415  0.620   1.00 2.00  ? 78  VAL A CA  1 
ATOM   573 C C   . VAL A 1 76  ? 4.097   -8.087  1.042   1.00 2.00  ? 78  VAL A C   1 
ATOM   574 O O   . VAL A 1 76  ? 5.133   -7.463  1.188   1.00 2.00  ? 78  VAL A O   1 
ATOM   575 C CB  . VAL A 1 76  ? 1.873   -7.192  1.786   1.00 2.00  ? 78  VAL A CB  1 
ATOM   576 C CG1 . VAL A 1 76  ? 2.570   -6.619  2.990   1.00 2.00  ? 78  VAL A CG1 1 
ATOM   577 C CG2 . VAL A 1 76  ? 0.853   -6.180  1.352   1.00 2.00  ? 78  VAL A CG2 1 
ATOM   578 N N   . GLN A 1 77  ? 4.081   -9.385  1.177   1.00 3.34  ? 79  GLN A N   1 
ATOM   579 C CA  . GLN A 1 77  ? 5.273   -10.115 1.548   1.00 4.30  ? 79  GLN A CA  1 
ATOM   580 C C   . GLN A 1 77  ? 6.367   -9.856  0.527   1.00 5.41  ? 79  GLN A C   1 
ATOM   581 O O   . GLN A 1 77  ? 7.457   -9.424  0.894   1.00 4.40  ? 79  GLN A O   1 
ATOM   582 C CB  . GLN A 1 77  ? 4.882   -11.591 1.636   1.00 5.83  ? 79  GLN A CB  1 
ATOM   583 C CG  . GLN A 1 77  ? 5.977   -12.629 1.511   1.00 7.48  ? 79  GLN A CG  1 
ATOM   584 C CD  . GLN A 1 77  ? 6.644   -12.974 2.820   1.00 8.31  ? 79  GLN A CD  1 
ATOM   585 O OE1 . GLN A 1 77  ? 6.893   -14.146 3.104   1.00 8.98  ? 79  GLN A OE1 1 
ATOM   586 N NE2 . GLN A 1 77  ? 6.986   -12.000 3.661   1.00 9.01  ? 79  GLN A NE2 1 
ATOM   587 N N   . TYR A 1 78  ? 6.044   -9.961  -0.759  1.00 5.60  ? 80  TYR A N   1 
ATOM   588 C CA  . TYR A 1 78  ? 7.031   -9.840  -1.801  1.00 4.51  ? 80  TYR A CA  1 
ATOM   589 C C   . TYR A 1 78  ? 7.593   -8.453  -1.762  1.00 5.26  ? 80  TYR A C   1 
ATOM   590 O O   . TYR A 1 78  ? 8.790   -8.327  -1.920  1.00 4.32  ? 80  TYR A O   1 
ATOM   591 C CB  . TYR A 1 78  ? 6.394   -10.142 -3.161  1.00 5.71  ? 80  TYR A CB  1 
ATOM   592 C CG  . TYR A 1 78  ? 7.338   -9.962  -4.343  1.00 6.78  ? 80  TYR A CG  1 
ATOM   593 C CD1 . TYR A 1 78  ? 8.177   -10.992 -4.800  1.00 7.02  ? 80  TYR A CD1 1 
ATOM   594 C CD2 . TYR A 1 78  ? 7.372   -8.708  -4.965  1.00 7.32  ? 80  TYR A CD2 1 
ATOM   595 C CE1 . TYR A 1 78  ? 9.051   -10.755 -5.873  1.00 7.90  ? 80  TYR A CE1 1 
ATOM   596 C CE2 . TYR A 1 78  ? 8.232   -8.460  -6.033  1.00 7.83  ? 80  TYR A CE2 1 
ATOM   597 C CZ  . TYR A 1 78  ? 9.077   -9.478  -6.483  1.00 8.78  ? 80  TYR A CZ  1 
ATOM   598 O OH  . TYR A 1 78  ? 9.963   -9.159  -7.512  1.00 8.63  ? 80  TYR A OH  1 
ATOM   599 N N   . TYR A 1 79  ? 6.820   -7.413  -1.499  1.00 5.88  ? 81  TYR A N   1 
ATOM   600 C CA  . TYR A 1 79  ? 7.360   -6.070  -1.510  1.00 5.31  ? 81  TYR A CA  1 
ATOM   601 C C   . TYR A 1 79  ? 8.032   -5.609  -0.241  1.00 5.19  ? 81  TYR A C   1 
ATOM   602 O O   . TYR A 1 79  ? 8.751   -4.611  -0.214  1.00 3.34  ? 81  TYR A O   1 
ATOM   603 C CB  . TYR A 1 79  ? 6.236   -5.141  -1.897  1.00 8.50  ? 81  TYR A CB  1 
ATOM   604 C CG  . TYR A 1 79  ? 5.925   -5.181  -3.404  1.00 10.72 ? 81  TYR A CG  1 
ATOM   605 C CD1 . TYR A 1 79  ? 6.842   -4.646  -4.341  1.00 11.03 ? 81  TYR A CD1 1 
ATOM   606 C CD2 . TYR A 1 79  ? 4.730   -5.767  -3.851  1.00 10.52 ? 81  TYR A CD2 1 
ATOM   607 C CE1 . TYR A 1 79  ? 6.561   -4.705  -5.711  1.00 11.62 ? 81  TYR A CE1 1 
ATOM   608 C CE2 . TYR A 1 79  ? 4.461   -5.822  -5.216  1.00 11.65 ? 81  TYR A CE2 1 
ATOM   609 C CZ  . TYR A 1 79  ? 5.371   -5.296  -6.135  1.00 11.99 ? 81  TYR A CZ  1 
ATOM   610 O OH  . TYR A 1 79  ? 5.080   -5.363  -7.491  1.00 13.87 ? 81  TYR A OH  1 
ATOM   611 N N   . MET A 1 80  ? 7.788   -6.327  0.841   1.00 5.64  ? 82  MET A N   1 
ATOM   612 C CA  . MET A 1 80  ? 8.504   -6.058  2.079   1.00 6.58  ? 82  MET A CA  1 
ATOM   613 C C   . MET A 1 80  ? 9.900   -6.649  1.979   1.00 6.86  ? 82  MET A C   1 
ATOM   614 O O   . MET A 1 80  ? 10.890  -6.082  2.432   1.00 7.38  ? 82  MET A O   1 
ATOM   615 C CB  . MET A 1 80  ? 7.863   -6.699  3.276   1.00 6.70  ? 82  MET A CB  1 
ATOM   616 C CG  . MET A 1 80  ? 6.475   -6.230  3.546   1.00 7.22  ? 82  MET A CG  1 
ATOM   617 S SD  . MET A 1 80  ? 6.116   -6.498  5.294   1.00 8.57  ? 82  MET A SD  1 
ATOM   618 C CE  . MET A 1 80  ? 5.923   -8.253  5.425   1.00 8.67  ? 82  MET A CE  1 
ATOM   619 N N   . GLU A 1 81  ? 9.967   -7.841  1.384   1.00 6.77  ? 83  GLU A N   1 
ATOM   620 C CA  . GLU A 1 81  ? 11.205  -8.575  1.230   1.00 6.95  ? 83  GLU A CA  1 
ATOM   621 C C   . GLU A 1 81  ? 12.076  -8.053  0.111   1.00 8.00  ? 83  GLU A C   1 
ATOM   622 O O   . GLU A 1 81  ? 13.296  -8.050  0.265   1.00 9.19  ? 83  GLU A O   1 
ATOM   623 C CB  . GLU A 1 81  ? 10.926  -10.016 0.947   1.00 6.50  ? 83  GLU A CB  1 
ATOM   624 C CG  . GLU A 1 81  ? 10.405  -10.758 2.146   1.00 7.28  ? 83  GLU A CG  1 
ATOM   625 C CD  . GLU A 1 81  ? 9.926   -12.174 1.868   1.00 8.02  ? 83  GLU A CD  1 
ATOM   626 O OE1 . GLU A 1 81  ? 9.534   -12.544 0.749   1.00 7.35  ? 83  GLU A OE1 1 
ATOM   627 O OE2 . GLU A 1 81  ? 9.931   -12.911 2.842   1.00 9.21  ? 83  GLU A OE2 1 
ATOM   628 N N   . HIS A 1 82  ? 11.502  -7.633  -1.023  1.00 7.56  ? 84  HIS A N   1 
ATOM   629 C CA  . HIS A 1 82  ? 12.246  -7.180  -2.177  1.00 7.07  ? 84  HIS A CA  1 
ATOM   630 C C   . HIS A 1 82  ? 12.255  -5.657  -2.312  1.00 8.04  ? 84  HIS A C   1 
ATOM   631 O O   . HIS A 1 82  ? 11.546  -5.005  -3.095  1.00 7.65  ? 84  HIS A O   1 
ATOM   632 C CB  . HIS A 1 82  ? 11.631  -7.892  -3.374  1.00 6.48  ? 84  HIS A CB  1 
ATOM   633 C CG  . HIS A 1 82  ? 11.643  -9.415  -3.218  1.00 5.45  ? 84  HIS A CG  1 
ATOM   634 N ND1 . HIS A 1 82  ? 10.831  -10.174 -2.498  1.00 5.30  ? 84  HIS A ND1 1 
ATOM   635 C CD2 . HIS A 1 82  ? 12.552  -10.264 -3.794  1.00 5.37  ? 84  HIS A CD2 1 
ATOM   636 C CE1 . HIS A 1 82  ? 11.209  -11.420 -2.609  1.00 4.71  ? 84  HIS A CE1 1 
ATOM   637 N NE2 . HIS A 1 82  ? 12.247  -11.461 -3.392  1.00 4.24  ? 84  HIS A NE2 1 
ATOM   638 N N   . HIS A 1 83  ? 13.156  -5.142  -1.476  1.00 10.06 ? 85  HIS A N   1 
ATOM   639 C CA  . HIS A 1 83  ? 13.451  -3.722  -1.316  1.00 12.88 ? 85  HIS A CA  1 
ATOM   640 C C   . HIS A 1 83  ? 13.730  -3.024  -2.613  1.00 14.19 ? 85  HIS A C   1 
ATOM   641 O O   . HIS A 1 83  ? 14.434  -3.608  -3.420  1.00 15.18 ? 85  HIS A O   1 
ATOM   642 C CB  . HIS A 1 83  ? 14.689  -3.473  -0.474  1.00 15.20 ? 85  HIS A CB  1 
ATOM   643 C CG  . HIS A 1 83  ? 14.570  -3.952  0.964   1.00 17.68 ? 85  HIS A CG  1 
ATOM   644 N ND1 . HIS A 1 83  ? 13.707  -3.536  1.895   1.00 18.43 ? 85  HIS A ND1 1 
ATOM   645 C CD2 . HIS A 1 83  ? 15.380  -4.924  1.518   1.00 18.00 ? 85  HIS A CD2 1 
ATOM   646 C CE1 . HIS A 1 83  ? 13.966  -4.221  2.989   1.00 19.60 ? 85  HIS A CE1 1 
ATOM   647 N NE2 . HIS A 1 83  ? 14.968  -5.051  2.751   1.00 19.46 ? 85  HIS A NE2 1 
ATOM   648 N N   . GLY A 1 84  ? 13.209  -1.838  -2.889  1.00 14.47 ? 86  GLY A N   1 
ATOM   649 C CA  . GLY A 1 84  ? 13.636  -1.134  -4.084  1.00 16.39 ? 86  GLY A CA  1 
ATOM   650 C C   . GLY A 1 84  ? 12.800  -1.296  -5.326  1.00 17.00 ? 86  GLY A C   1 
ATOM   651 O O   . GLY A 1 84  ? 12.926  -0.471  -6.215  1.00 16.85 ? 86  GLY A O   1 
ATOM   652 N N   . GLN A 1 85  ? 11.904  -2.260  -5.462  1.00 19.56 ? 87  GLN A N   1 
ATOM   653 C CA  . GLN A 1 85  ? 11.095  -2.354  -6.674  1.00 22.10 ? 87  GLN A CA  1 
ATOM   654 C C   . GLN A 1 85  ? 9.974   -1.313  -6.868  1.00 23.76 ? 87  GLN A C   1 
ATOM   655 O O   . GLN A 1 85  ? 9.291   -1.306  -7.901  1.00 23.68 ? 87  GLN A O   1 
ATOM   656 C CB  . GLN A 1 85  ? 10.526  -3.764  -6.727  1.00 22.15 ? 87  GLN A CB  1 
ATOM   657 C CG  . GLN A 1 85  ? 11.644  -4.716  -7.120  1.00 24.71 ? 87  GLN A CG  1 
ATOM   658 C CD  . GLN A 1 85  ? 11.227  -6.128  -7.532  1.00 26.58 ? 87  GLN A CD  1 
ATOM   659 O OE1 . GLN A 1 85  ? 10.270  -6.378  -8.280  1.00 27.68 ? 87  GLN A OE1 1 
ATOM   660 N NE2 . GLN A 1 85  ? 11.955  -7.143  -7.082  1.00 27.17 ? 87  GLN A NE2 1 
ATOM   661 N N   . LEU A 1 86  ? 9.751   -0.401  -5.905  1.00 25.15 ? 88  LEU A N   1 
ATOM   662 C CA  . LEU A 1 86  ? 8.665   0.583   -5.948  1.00 26.62 ? 88  LEU A CA  1 
ATOM   663 C C   . LEU A 1 86  ? 9.226   1.982   -6.107  1.00 27.81 ? 88  LEU A C   1 
ATOM   664 O O   . LEU A 1 86  ? 9.803   2.500   -5.145  1.00 28.00 ? 88  LEU A O   1 
ATOM   665 C CB  . LEU A 1 86  ? 7.867   0.559   -4.657  1.00 25.21 ? 88  LEU A CB  1 
ATOM   666 C CG  . LEU A 1 86  ? 7.284   -0.749  -4.199  1.00 25.42 ? 88  LEU A CG  1 
ATOM   667 C CD1 . LEU A 1 86  ? 6.716   -0.619  -2.804  1.00 25.21 ? 88  LEU A CD1 1 
ATOM   668 C CD2 . LEU A 1 86  ? 6.221   -1.164  -5.192  1.00 24.69 ? 88  LEU A CD2 1 
ATOM   669 N N   . LYS A 1 87  ? 9.156   2.604   -7.271  1.00 29.52 ? 89  LYS A N   1 
ATOM   670 C CA  . LYS A 1 87  ? 9.594   3.981   -7.411  1.00 31.53 ? 89  LYS A CA  1 
ATOM   671 C C   . LYS A 1 87  ? 8.340   4.765   -7.766  1.00 32.58 ? 89  LYS A C   1 
ATOM   672 O O   . LYS A 1 87  ? 7.541   4.339   -8.615  1.00 32.26 ? 89  LYS A O   1 
ATOM   673 C CB  . LYS A 1 87  ? 10.591  4.201   -8.555  1.00 32.60 ? 89  LYS A CB  1 
ATOM   674 C CG  . LYS A 1 87  ? 11.985  3.600   -8.436  1.00 33.64 ? 89  LYS A CG  1 
ATOM   675 C CD  . LYS A 1 87  ? 12.886  4.079   -9.596  1.00 34.24 ? 89  LYS A CD  1 
ATOM   676 C CE  . LYS A 1 87  ? 14.371  3.689   -9.439  1.00 34.64 ? 89  LYS A CE  1 
ATOM   677 N NZ  . LYS A 1 87  ? 14.570  2.247   -9.482  1.00 35.00 ? 89  LYS A NZ  1 
ATOM   678 N N   . GLU A 1 88  ? 8.077   5.898   -7.119  1.00 33.80 ? 90  GLU A N   1 
ATOM   679 C CA  . GLU A 1 88  ? 6.958   6.744   -7.540  1.00 34.76 ? 90  GLU A CA  1 
ATOM   680 C C   . GLU A 1 88  ? 7.457   7.316   -8.860  1.00 35.08 ? 90  GLU A C   1 
ATOM   681 O O   . GLU A 1 88  ? 8.669   7.399   -9.115  1.00 34.90 ? 90  GLU A O   1 
ATOM   682 C CB  . GLU A 1 88  ? 6.690   7.916   -6.565  1.00 34.85 ? 90  GLU A CB  1 
ATOM   683 N N   . LYS A 1 89  ? 6.545   7.667   -9.745  1.00 36.38 ? 91  LYS A N   1 
ATOM   684 C CA  . LYS A 1 89  ? 6.937   8.195   -11.041 1.00 37.90 ? 91  LYS A CA  1 
ATOM   685 C C   . LYS A 1 89  ? 7.851   9.399   -10.972 1.00 37.64 ? 91  LYS A C   1 
ATOM   686 O O   . LYS A 1 89  ? 7.438   10.506  -10.643 1.00 37.65 ? 91  LYS A O   1 
ATOM   687 C CB  . LYS A 1 89  ? 5.678   8.514   -11.825 1.00 39.05 ? 91  LYS A CB  1 
ATOM   688 C CG  . LYS A 1 89  ? 4.528   9.218   -11.110 1.00 40.60 ? 91  LYS A CG  1 
ATOM   689 C CD  . LYS A 1 89  ? 3.230   8.830   -11.812 1.00 42.12 ? 91  LYS A CD  1 
ATOM   690 C CE  . LYS A 1 89  ? 3.270   9.132   -13.313 1.00 43.60 ? 91  LYS A CE  1 
ATOM   691 N NZ  . LYS A 1 89  ? 2.013   8.763   -13.933 1.00 44.91 ? 91  LYS A NZ  1 
ATOM   692 N N   . ASN A 1 90  ? 9.139   9.060   -11.152 1.00 37.80 ? 92  ASN A N   1 
ATOM   693 C CA  . ASN A 1 90  ? 10.281  9.985   -11.092 1.00 36.99 ? 92  ASN A CA  1 
ATOM   694 C C   . ASN A 1 90  ? 10.358  10.800  -9.784  1.00 36.22 ? 92  ASN A C   1 
ATOM   695 O O   . ASN A 1 90  ? 10.804  11.946  -9.682  1.00 35.39 ? 92  ASN A O   1 
ATOM   696 C CB  . ASN A 1 90  ? 10.219  10.938  -12.300 1.00 37.84 ? 92  ASN A CB  1 
ATOM   697 N N   . GLY A 1 91  ? 9.901   10.136  -8.737  1.00 35.26 ? 93  GLY A N   1 
ATOM   698 C CA  . GLY A 1 91  ? 9.927   10.672  -7.399  1.00 33.93 ? 93  GLY A CA  1 
ATOM   699 C C   . GLY A 1 91  ? 10.798  9.706   -6.617  1.00 32.40 ? 93  GLY A C   1 
ATOM   700 O O   . GLY A 1 91  ? 11.589  8.942   -7.174  1.00 32.51 ? 93  GLY A O   1 
ATOM   701 N N   . ASP A 1 92  ? 10.639  9.686   -5.312  1.00 31.08 ? 94  ASP A N   1 
ATOM   702 C CA  . ASP A 1 92  ? 11.418  8.769   -4.501  1.00 28.97 ? 94  ASP A CA  1 
ATOM   703 C C   . ASP A 1 92  ? 11.025  7.262   -4.554  1.00 26.69 ? 94  ASP A C   1 
ATOM   704 O O   . ASP A 1 92  ? 10.132  6.847   -5.301  1.00 25.54 ? 94  ASP A O   1 
ATOM   705 C CB  . ASP A 1 92  ? 11.343  9.329   -3.066  1.00 29.94 ? 94  ASP A CB  1 
ATOM   706 N N   . VAL A 1 93  ? 11.730  6.416   -3.798  1.00 23.87 ? 95  VAL A N   1 
ATOM   707 C CA  . VAL A 1 93  ? 11.384  5.016   -3.668  1.00 22.04 ? 95  VAL A CA  1 
ATOM   708 C C   . VAL A 1 93  ? 10.251  4.922   -2.659  1.00 20.65 ? 95  VAL A C   1 
ATOM   709 O O   . VAL A 1 93  ? 10.011  5.887   -1.926  1.00 21.13 ? 95  VAL A O   1 
ATOM   710 C CB  . VAL A 1 93  ? 12.547  4.174   -3.140  1.00 22.69 ? 95  VAL A CB  1 
ATOM   711 C CG1 . VAL A 1 93  ? 13.683  4.322   -4.126  1.00 23.27 ? 95  VAL A CG1 1 
ATOM   712 C CG2 . VAL A 1 93  ? 12.965  4.591   -1.709  1.00 24.00 ? 95  VAL A CG2 1 
ATOM   713 N N   . ILE A 1 94  ? 9.524   3.804   -2.572  1.00 18.22 ? 96  ILE A N   1 
ATOM   714 C CA  . ILE A 1 94  ? 8.512   3.626   -1.536  1.00 14.43 ? 96  ILE A CA  1 
ATOM   715 C C   . ILE A 1 94  ? 8.851   2.308   -0.848  1.00 13.10 ? 96  ILE A C   1 
ATOM   716 O O   . ILE A 1 94  ? 9.129   1.259   -1.442  1.00 13.07 ? 96  ILE A O   1 
ATOM   717 C CB  . ILE A 1 94  ? 7.086   3.607   -2.141  1.00 12.59 ? 96  ILE A CB  1 
ATOM   718 C CG1 . ILE A 1 94  ? 6.785   4.964   -2.760  1.00 12.02 ? 96  ILE A CG1 1 
ATOM   719 C CG2 . ILE A 1 94  ? 6.080   3.282   -1.062  1.00 12.00 ? 96  ILE A CG2 1 
ATOM   720 C CD1 . ILE A 1 94  ? 5.381   5.279   -3.284  1.00 11.16 ? 96  ILE A CD1 1 
ATOM   721 N N   . GLU A 1 95  ? 8.944   2.427   0.462   1.00 11.77 ? 97  GLU A N   1 
ATOM   722 C CA  . GLU A 1 95  ? 9.322   1.305   1.244   1.00 10.30 ? 97  GLU A CA  1 
ATOM   723 C C   . GLU A 1 95  ? 8.147   1.002   2.117   1.00 8.71  ? 97  GLU A C   1 
ATOM   724 O O   . GLU A 1 95  ? 7.542   1.895   2.717   1.00 8.30  ? 97  GLU A O   1 
ATOM   725 C CB  . GLU A 1 95  ? 10.575  1.670   2.022   1.00 12.18 ? 97  GLU A CB  1 
ATOM   726 C CG  . GLU A 1 95  ? 11.791  1.584   1.091   1.00 14.33 ? 97  GLU A CG  1 
ATOM   727 C CD  . GLU A 1 95  ? 11.840  0.279   0.286   1.00 15.42 ? 97  GLU A CD  1 
ATOM   728 O OE1 . GLU A 1 95  ? 11.896  -0.803  0.888   1.00 16.14 ? 97  GLU A OE1 1 
ATOM   729 O OE2 . GLU A 1 95  ? 11.798  0.347   -0.946  1.00 15.76 ? 97  GLU A OE2 1 
ATOM   730 N N   . LEU A 1 96  ? 7.831   -0.282  2.027   1.00 5.59  ? 98  LEU A N   1 
ATOM   731 C CA  . LEU A 1 96  ? 6.749   -0.883  2.740   1.00 3.37  ? 98  LEU A CA  1 
ATOM   732 C C   . LEU A 1 96  ? 7.429   -1.571  3.928   1.00 3.66  ? 98  LEU A C   1 
ATOM   733 O O   . LEU A 1 96  ? 7.510   -2.790  3.999   1.00 4.02  ? 98  LEU A O   1 
ATOM   734 C CB  . LEU A 1 96  ? 6.091   -1.842  1.765   1.00 2.38  ? 98  LEU A CB  1 
ATOM   735 C CG  . LEU A 1 96  ? 4.679   -1.648  1.266   1.00 2.00  ? 98  LEU A CG  1 
ATOM   736 C CD1 . LEU A 1 96  ? 4.508   -0.422  0.416   1.00 2.00  ? 98  LEU A CD1 1 
ATOM   737 C CD2 . LEU A 1 96  ? 4.360   -2.866  0.437   1.00 2.00  ? 98  LEU A CD2 1 
ATOM   738 N N   . LYS A 1 97  ? 7.908   -0.831  4.918   1.00 2.89  ? 99  LYS A N   1 
ATOM   739 C CA  . LYS A 1 97  ? 8.697   -1.377  6.014   1.00 2.45  ? 99  LYS A CA  1 
ATOM   740 C C   . LYS A 1 97  ? 8.088   -1.988  7.286   1.00 2.23  ? 99  LYS A C   1 
ATOM   741 O O   . LYS A 1 97  ? 8.470   -3.060  7.788   1.00 3.35  ? 99  LYS A O   1 
ATOM   742 C CB  . LYS A 1 97  ? 9.660   -0.290  6.466   1.00 2.61  ? 99  LYS A CB  1 
ATOM   743 C CG  . LYS A 1 97  ? 10.988  -0.039  5.762   1.00 2.85  ? 99  LYS A CG  1 
ATOM   744 C CD  . LYS A 1 97  ? 11.483  1.251   6.352   1.00 2.00  ? 99  LYS A CD  1 
ATOM   745 C CE  . LYS A 1 97  ? 12.787  1.718   5.790   1.00 2.43  ? 99  LYS A CE  1 
ATOM   746 N NZ  . LYS A 1 97  ? 12.813  3.167   5.882   1.00 2.65  ? 99  LYS A NZ  1 
ATOM   747 N N   . TYR A 1 98  ? 7.191   -1.242  7.905   1.00 2.00  ? 100 TYR A N   1 
ATOM   748 C CA  . TYR A 1 98  ? 6.691   -1.592  9.215   1.00 2.00  ? 100 TYR A CA  1 
ATOM   749 C C   . TYR A 1 98  ? 5.224   -1.829  9.098   1.00 2.00  ? 100 TYR A C   1 
ATOM   750 O O   . TYR A 1 98  ? 4.502   -0.916  8.705   1.00 2.00  ? 100 TYR A O   1 
ATOM   751 C CB  . TYR A 1 98  ? 6.935   -0.461  10.191  1.00 2.07  ? 100 TYR A CB  1 
ATOM   752 C CG  . TYR A 1 98  ? 8.406   -0.115  10.246  1.00 2.13  ? 100 TYR A CG  1 
ATOM   753 C CD1 . TYR A 1 98  ? 9.305   -1.101  10.634  1.00 2.00  ? 100 TYR A CD1 1 
ATOM   754 C CD2 . TYR A 1 98  ? 8.851   1.163   9.885   1.00 2.30  ? 100 TYR A CD2 1 
ATOM   755 C CE1 . TYR A 1 98  ? 10.663  -0.813  10.661  1.00 2.10  ? 100 TYR A CE1 1 
ATOM   756 C CE2 . TYR A 1 98  ? 10.214  1.456   9.915   1.00 2.00  ? 100 TYR A CE2 1 
ATOM   757 C CZ  . TYR A 1 98  ? 11.113  0.458   10.305  1.00 2.03  ? 100 TYR A CZ  1 
ATOM   758 O OH  . TYR A 1 98  ? 12.473  0.709   10.399  1.00 2.14  ? 100 TYR A OH  1 
ATOM   759 N N   . PRO A 1 99  ? 4.698   -2.996  9.367   1.00 2.00  ? 101 PRO A N   1 
ATOM   760 C CA  . PRO A 1 99  ? 3.284   -3.260  9.189   1.00 2.00  ? 101 PRO A CA  1 
ATOM   761 C C   . PRO A 1 99  ? 2.541   -2.366  10.175  1.00 3.62  ? 101 PRO A C   1 
ATOM   762 O O   . PRO A 1 99  ? 3.101   -2.206  11.268  1.00 5.83  ? 101 PRO A O   1 
ATOM   763 C CB  . PRO A 1 99  ? 3.189   -4.752  9.467   1.00 2.33  ? 101 PRO A CB  1 
ATOM   764 C CG  . PRO A 1 99  ? 4.605   -5.267  9.325   1.00 2.00  ? 101 PRO A CG  1 
ATOM   765 C CD  . PRO A 1 99  ? 5.424   -4.124  9.906   1.00 2.00  ? 101 PRO A CD  1 
ATOM   766 N N   . LEU A 1 100 ? 1.389   -1.725  9.956   1.00 4.38  ? 102 LEU A N   1 
ATOM   767 C CA  . LEU A 1 100 ? 0.812   -0.947  11.023  1.00 4.61  ? 102 LEU A CA  1 
ATOM   768 C C   . LEU A 1 100 ? -0.314  -1.618  11.761  1.00 7.12  ? 102 LEU A C   1 
ATOM   769 O O   . LEU A 1 100 ? -1.379  -1.858  11.195  1.00 7.19  ? 102 LEU A O   1 
ATOM   770 C CB  . LEU A 1 100 ? 0.307   0.376   10.505  1.00 4.53  ? 102 LEU A CB  1 
ATOM   771 C CG  . LEU A 1 100 ? -0.319  1.342   11.539  1.00 4.95  ? 102 LEU A CG  1 
ATOM   772 C CD1 . LEU A 1 100 ? 0.692   1.770   12.610  1.00 5.54  ? 102 LEU A CD1 1 
ATOM   773 C CD2 . LEU A 1 100 ? -0.786  2.574   10.826  1.00 4.69  ? 102 LEU A CD2 1 
ATOM   774 N N   . ASN A 1 101 ? 0.029   -1.783  13.060  1.00 9.71  ? 103 ASN A N   1 
ATOM   775 C CA  . ASN A 1 101 ? -0.836  -2.218  14.185  1.00 10.72 ? 103 ASN A CA  1 
ATOM   776 C C   . ASN A 1 101 ? -1.546  -3.568  14.024  1.00 11.25 ? 103 ASN A C   1 
ATOM   777 O O   . ASN A 1 101 ? -0.806  -4.579  14.114  1.00 15.51 ? 103 ASN A O   1 
ATOM   778 C CB  . ASN A 1 101 ? -1.937  -1.186  14.523  1.00 11.79 ? 103 ASN A CB  1 
ATOM   779 C CG  . ASN A 1 101 ? -1.406  0.033   15.261  1.00 14.15 ? 103 ASN A CG  1 
ATOM   780 O OD1 . ASN A 1 101 ? -0.345  0.060   15.910  1.00 14.35 ? 103 ASN A OD1 1 
ATOM   781 N ND2 . ASN A 1 101 ? -2.204  1.094   15.124  1.00 14.31 ? 103 ASN A ND2 1 
ATOM   782 O OXT . ASN A 1 101 ? -2.783  -3.597  13.780  1.00 15.88 ? 103 ASN A OXT 1 
ATOM   783 N N   . GLY B 2 3   ? -1.642  12.561  1.379   1.00 41.10 ? -2  GLY P N   1 
ATOM   784 C CA  . GLY B 2 3   ? -2.894  12.117  0.835   1.00 41.10 ? -2  GLY P CA  1 
ATOM   785 C C   . GLY B 2 3   ? -2.746  11.748  -0.653  1.00 41.63 ? -2  GLY P C   1 
ATOM   786 O O   . GLY B 2 3   ? -3.742  11.453  -1.298  1.00 41.95 ? -2  GLY P O   1 
ATOM   787 N N   . GLU B 2 4   ? -1.544  11.652  -1.256  1.00 42.30 ? -1  GLU P N   1 
ATOM   788 C CA  . GLU B 2 4   ? -1.403  11.455  -2.707  1.00 42.17 ? -1  GLU P CA  1 
ATOM   789 C C   . GLU B 2 4   ? -1.634  10.041  -3.206  1.00 40.93 ? -1  GLU P C   1 
ATOM   790 O O   . GLU B 2 4   ? -0.970  9.140   -2.683  1.00 41.55 ? -1  GLU P O   1 
ATOM   791 C CB  . GLU B 2 4   ? 0.001   11.855  -3.177  1.00 44.23 ? -1  GLU P CB  1 
ATOM   792 C CG  . GLU B 2 4   ? 0.335   13.350  -3.358  1.00 46.86 ? -1  GLU P CG  1 
ATOM   793 C CD  . GLU B 2 4   ? -0.305  14.039  -4.578  1.00 48.37 ? -1  GLU P CD  1 
ATOM   794 O OE1 . GLU B 2 4   ? 0.159   13.828  -5.711  1.00 49.26 ? -1  GLU P OE1 1 
ATOM   795 O OE2 . GLU B 2 4   ? -1.263  14.800  -4.386  1.00 49.49 ? -1  GLU P OE2 1 
HETATM 796 N N   . PTR B 2 5   ? -2.549  9.790   -4.149  1.00 38.76 ? 0   PTR P N   1 
HETATM 797 C CA  . PTR B 2 5   ? -2.680  8.469   -4.741  1.00 36.72 ? 0   PTR P CA  1 
HETATM 798 C C   . PTR B 2 5   ? -1.625  8.478   -5.814  1.00 36.87 ? 0   PTR P C   1 
HETATM 799 O O   . PTR B 2 5   ? -1.700  9.184   -6.820  1.00 36.46 ? 0   PTR P O   1 
HETATM 800 C CB  . PTR B 2 5   ? -4.020  8.215   -5.419  1.00 35.81 ? 0   PTR P CB  1 
HETATM 801 C CG  . PTR B 2 5   ? -5.052  7.531   -4.538  1.00 35.05 ? 0   PTR P CG  1 
HETATM 802 C CD1 . PTR B 2 5   ? -5.858  8.292   -3.718  1.00 34.47 ? 0   PTR P CD1 1 
HETATM 803 C CD2 . PTR B 2 5   ? -5.181  6.156   -4.549  1.00 34.90 ? 0   PTR P CD2 1 
HETATM 804 C CE1 . PTR B 2 5   ? -6.796  7.683   -2.905  1.00 34.74 ? 0   PTR P CE1 1 
HETATM 805 C CE2 . PTR B 2 5   ? -6.117  5.535   -3.735  1.00 34.69 ? 0   PTR P CE2 1 
HETATM 806 C CZ  . PTR B 2 5   ? -6.912  6.311   -2.920  1.00 34.19 ? 0   PTR P CZ  1 
HETATM 807 O OH  . PTR B 2 5   ? -7.889  5.736   -2.021  1.00 33.26 ? 0   PTR P OH  1 
HETATM 808 P P   . PTR B 2 5   ? -9.109  4.769   -2.387  1.00 33.36 ? 0   PTR P P   1 
HETATM 809 O O1P . PTR B 2 5   ? -10.408 5.399   -2.114  1.00 33.02 ? 0   PTR P O1P 1 
HETATM 810 O O2P . PTR B 2 5   ? -9.134  3.575   -1.538  1.00 32.84 ? 0   PTR P O2P 1 
HETATM 811 O O3P . PTR B 2 5   ? -8.999  4.385   -3.801  1.00 32.92 ? 0   PTR P O3P 1 
ATOM   812 N N   . VAL B 2 6   ? -0.591  7.725   -5.497  1.00 37.03 ? 1   VAL P N   1 
ATOM   813 C CA  . VAL B 2 6   ? 0.593   7.588   -6.323  1.00 37.43 ? 1   VAL P CA  1 
ATOM   814 C C   . VAL B 2 6   ? 0.433   6.329   -7.171  1.00 38.03 ? 1   VAL P C   1 
ATOM   815 O O   . VAL B 2 6   ? -0.248  5.336   -6.866  1.00 37.44 ? 1   VAL P O   1 
ATOM   816 C CB  . VAL B 2 6   ? 1.872   7.567   -5.352  1.00 36.31 ? 1   VAL P CB  1 
ATOM   817 C CG1 . VAL B 2 6   ? 3.108   6.926   -5.933  1.00 35.73 ? 1   VAL P CG1 1 
ATOM   818 C CG2 . VAL B 2 6   ? 2.311   9.018   -5.112  1.00 36.19 ? 1   VAL P CG2 1 
ATOM   819 N N   . ASN B 2 7   ? 1.060   6.485   -8.326  1.00 38.96 ? 2   ASN P N   1 
ATOM   820 C CA  . ASN B 2 7   ? 1.109   5.453   -9.330  1.00 40.49 ? 2   ASN P CA  1 
ATOM   821 C C   . ASN B 2 7   ? 2.589   5.157   -9.397  1.00 40.18 ? 2   ASN P C   1 
ATOM   822 O O   . ASN B 2 7   ? 3.415   6.082   -9.360  1.00 40.57 ? 2   ASN P O   1 
ATOM   823 C CB  . ASN B 2 7   ? 0.580   5.983   -10.673 1.00 41.05 ? 2   ASN P CB  1 
ATOM   824 C CG  . ASN B 2 7   ? -0.950  6.036   -10.810 1.00 42.13 ? 2   ASN P CG  1 
ATOM   825 O OD1 . ASN B 2 7   ? -1.574  5.119   -11.349 1.00 42.56 ? 2   ASN P OD1 1 
ATOM   826 N ND2 . ASN B 2 7   ? -1.647  7.083   -10.370 1.00 42.25 ? 2   ASN P ND2 1 
ATOM   827 N N   . ILE B 2 8   ? 2.926   3.874   -9.423  1.00 40.73 ? 3   ILE P N   1 
ATOM   828 C CA  . ILE B 2 8   ? 4.320   3.456   -9.440  1.00 42.18 ? 3   ILE P CA  1 
ATOM   829 C C   . ILE B 2 8   ? 4.785   3.314   -10.881 1.00 42.80 ? 3   ILE P C   1 
ATOM   830 O O   . ILE B 2 8   ? 4.008   3.108   -11.813 1.00 43.27 ? 3   ILE P O   1 
ATOM   831 C CB  . ILE B 2 8   ? 4.474   2.104   -8.662  1.00 41.23 ? 3   ILE P CB  1 
ATOM   832 C CG1 . ILE B 2 8   ? 4.099   2.400   -7.240  1.00 40.62 ? 3   ILE P CG1 1 
ATOM   833 C CG2 . ILE B 2 8   ? 5.905   1.526   -8.643  1.00 40.68 ? 3   ILE P CG2 1 
ATOM   834 C CD1 . ILE B 2 8   ? 4.020   1.133   -6.390  1.00 40.60 ? 3   ILE P CD1 1 
ATOM   835 N N   . GLU B 2 9   ? 6.073   3.482   -11.063 1.00 44.46 ? 4   GLU P N   1 
ATOM   836 C CA  . GLU B 2 9   ? 6.685   3.281   -12.338 1.00 46.54 ? 4   GLU P CA  1 
ATOM   837 C C   . GLU B 2 9   ? 7.597   2.126   -12.015 1.00 46.55 ? 4   GLU P C   1 
ATOM   838 O O   . GLU B 2 9   ? 8.307   2.128   -11.002 1.00 46.48 ? 4   GLU P O   1 
ATOM   839 C CB  . GLU B 2 9   ? 7.463   4.523   -12.743 1.00 48.39 ? 4   GLU P CB  1 
ATOM   840 C CG  . GLU B 2 9   ? 6.716   5.372   -13.792 1.00 50.53 ? 4   GLU P CG  1 
ATOM   841 C CD  . GLU B 2 9   ? 7.354   5.363   -15.191 1.00 51.95 ? 4   GLU P CD  1 
ATOM   842 O OE1 . GLU B 2 9   ? 8.370   6.044   -15.388 1.00 53.16 ? 4   GLU P OE1 1 
ATOM   843 O OE2 . GLU B 2 9   ? 6.838   4.676   -16.083 1.00 52.84 ? 4   GLU P OE2 1 
ATOM   844 N N   . PHE B 2 10  ? 7.470   1.114   -12.863 1.00 46.99 ? 5   PHE P N   1 
ATOM   845 C CA  . PHE B 2 10  ? 8.258   -0.105  -12.716 1.00 47.53 ? 5   PHE P CA  1 
ATOM   846 C C   . PHE B 2 10  ? 9.456   -0.194  -13.681 1.00 48.03 ? 5   PHE P C   1 
ATOM   847 O O   . PHE B 2 10  ? 9.897   0.828   -14.223 1.00 48.45 ? 5   PHE P O   1 
ATOM   848 C CB  . PHE B 2 10  ? 7.346   -1.350  -12.913 1.00 46.60 ? 5   PHE P CB  1 
ATOM   849 C CG  . PHE B 2 10  ? 6.299   -1.609  -11.825 1.00 45.96 ? 5   PHE P CG  1 
ATOM   850 C CD1 . PHE B 2 10  ? 6.676   -2.182  -10.605 1.00 45.62 ? 5   PHE P CD1 1 
ATOM   851 C CD2 . PHE B 2 10  ? 4.947   -1.292  -12.055 1.00 45.72 ? 5   PHE P CD2 1 
ATOM   852 C CE1 . PHE B 2 10  ? 5.698   -2.434  -9.637  1.00 45.65 ? 5   PHE P CE1 1 
ATOM   853 C CE2 . PHE B 2 10  ? 3.976   -1.545  -11.083 1.00 44.73 ? 5   PHE P CE2 1 
ATOM   854 C CZ  . PHE B 2 10  ? 4.353   -2.119  -9.876  1.00 45.11 ? 5   PHE P CZ  1 
# 
